data_8ZRN
#
_entry.id   8ZRN
#
_cell.length_a   1.00
_cell.length_b   1.00
_cell.length_c   1.00
_cell.angle_alpha   90.00
_cell.angle_beta   90.00
_cell.angle_gamma   90.00
#
_symmetry.space_group_name_H-M   'P 1'
#
loop_
_entity.id
_entity.type
_entity.pdbx_description
1 polymer 'Neuronal acetylcholine receptor subunit alpha-6'
2 polymer 'Neuronal acetylcholine receptor subunit beta-4,Soluble cytochrome b562'
3 branched beta-D-mannopyranose-(1-4)-2-acetamido-2-deoxy-beta-D-glucopyranose-(1-4)-2-acetamido-2-deoxy-beta-D-glucopyranose
4 non-polymer 5-[[(2~{S})-azetidin-2-yl]methoxy]-2-chloranyl-pyridine
5 water water
#
loop_
_entity_poly.entity_id
_entity_poly.type
_entity_poly.pdbx_seq_one_letter_code
_entity_poly.pdbx_strand_id
1 'polypeptide(L)'
;MLTSKGQGFLHGGLCLWLCVFTPFFKGCVGCATEERLFHKLFSHYNQFIRPVENVSDPVTVHFEVAITQLANVDEVNQIM
ETNLWLRHIWNDYKLRWDPMEYDGIETLRVPADKIWKPDIVLYNNAVGDFQVEGKTKALLKYNGMITWTPPAIFKSSCPM
DITFFPFDHQNCSLKFGSWTYDKAEIDLLIIGSKVDMNDFWENSEWEIIDASGYKHDIKYNCCEEIYTDITYSFYIRRLP
MFYTINLIIPCLFISFLTVLVFYLPSDCGEKVTLCISVLLSLTVFLLVITETIPSTSLVVPLVGEYLLFTMIFVTLSIVV
TVFVLNIHYRTPTTHTMPRWVKTVFLKLLPQVLLMRWPLDKTRGTGSDAVPRGLGSGSLEVLFQGPGGSGSGSLEVLFQG
PGGSLQWVVENSEHSPELADILNEVQYIANRFRSQNETKEVEDDWKYVAMVVDRVFLWVFIIVCVFGTAGLFLQPLLGNT
GKSSASASASASAHHHHHHHH
;
A,C
2 'polypeptide(L)'
;MRRAPSLVLFFLVALCGRGNCRVANAEEKLMDDLLNKTRYNNLIRPATSSSQLISIKLQLSLAQLISVNEREQIMTTNVW
LKQEWTDYRLTWNSSRYEGVNILRIPAKRIWLPDIVLYNNADGTYEVSVYTNLIVRSNGSVLWLPPAIYKSACKIEVKYF
PFDQQNCTLKFRSWTYDHTEIDMVLMTPTASMDDFTPSGEWDIVALPGRRTVNPQDPSYVDVTYDFIIKRKPLFYTINLI
IPCVLTTLLAILVFYLPSDCGEKMTLCISVLLALTFFLLLISKIVPPTSLDVPLIGKYLMFTMVLVTFSIVTSVCVLNVH
HRSPSTHTMAPWVKRCFLHKLPTFLFMKRPGPDSSPARAFGSGSLEVLFQGPGGSADLEDNWETLNDNLKVIEKADNAAQ
VKDALTKMRAAALDAQKATPPKLEDKSPDSPEMKDFRHGFDILVGQIDDALKLANEGKVKEAQAAAEQLKTTRNAYIQKY
LGSGSLEVLFQGPGGSPAGSTPVAIPRDFWLRSSGRFRPDLAEILEEVSYIANRFRNQDEDQSVVEDWKYVAMVVDRLFL
WVFMFVCVLGTVGLFLPPLFQTHAASEGPYAAQRDSASASASASAWSHPQFEKGGGSGGGSGGSAWSHPQFEK
;
B,D,E
#
# COMPACT_ATOMS: atom_id res chain seq x y z
N ALA A 32 -3.84 -26.42 -57.02
CA ALA A 32 -2.51 -26.79 -56.57
C ALA A 32 -2.52 -28.18 -55.93
N THR A 33 -1.35 -28.82 -55.90
CA THR A 33 -1.26 -30.15 -55.32
C THR A 33 -1.37 -30.12 -53.81
N GLU A 34 -1.04 -28.99 -53.19
CA GLU A 34 -1.18 -28.85 -51.74
C GLU A 34 -2.65 -28.99 -51.32
N GLU A 35 -3.56 -28.44 -52.14
CA GLU A 35 -4.97 -28.57 -51.84
C GLU A 35 -5.43 -30.03 -51.89
N ARG A 36 -4.99 -30.77 -52.90
CA ARG A 36 -5.33 -32.19 -52.97
C ARG A 36 -4.74 -32.95 -51.79
N LEU A 37 -3.51 -32.62 -51.40
CA LEU A 37 -2.90 -33.24 -50.23
C LEU A 37 -3.73 -33.01 -48.98
N PHE A 38 -4.12 -31.75 -48.75
CA PHE A 38 -4.93 -31.41 -47.58
C PHE A 38 -6.28 -32.13 -47.61
N HIS A 39 -6.91 -32.18 -48.78
CA HIS A 39 -8.22 -32.80 -48.90
C HIS A 39 -8.14 -34.30 -48.61
N LYS A 40 -7.19 -34.99 -49.25
CA LYS A 40 -7.08 -36.43 -49.04
C LYS A 40 -6.60 -36.75 -47.63
N LEU A 41 -5.91 -35.81 -46.97
CA LEU A 41 -5.54 -36.03 -45.58
C LEU A 41 -6.76 -35.90 -44.68
N PHE A 42 -7.42 -34.75 -44.71
CA PHE A 42 -8.61 -34.52 -43.88
C PHE A 42 -9.89 -34.80 -44.66
N SER A 43 -9.96 -35.96 -45.30
CA SER A 43 -11.22 -36.44 -45.87
C SER A 43 -11.97 -37.38 -44.93
N HIS A 44 -11.25 -38.10 -44.05
CA HIS A 44 -11.89 -39.03 -43.13
C HIS A 44 -11.28 -38.99 -41.74
N TYR A 45 -10.36 -38.07 -41.47
CA TYR A 45 -9.66 -38.05 -40.19
C TYR A 45 -10.60 -37.72 -39.04
N ASN A 46 -10.43 -38.42 -37.93
CA ASN A 46 -11.20 -38.20 -36.71
C ASN A 46 -10.24 -37.89 -35.57
N GLN A 47 -10.55 -36.83 -34.81
CA GLN A 47 -9.64 -36.26 -33.82
C GLN A 47 -9.91 -36.77 -32.41
N PHE A 48 -10.45 -37.98 -32.26
CA PHE A 48 -10.80 -38.51 -30.95
C PHE A 48 -10.14 -39.84 -30.63
N ILE A 49 -9.41 -40.44 -31.56
CA ILE A 49 -8.90 -41.80 -31.41
C ILE A 49 -7.38 -41.76 -31.42
N ARG A 50 -6.78 -42.54 -30.52
CA ARG A 50 -5.32 -42.63 -30.49
C ARG A 50 -4.81 -43.25 -31.78
N PRO A 51 -3.86 -42.61 -32.46
CA PRO A 51 -3.40 -43.13 -33.76
C PRO A 51 -2.51 -44.35 -33.61
N VAL A 52 -3.12 -45.53 -33.47
CA VAL A 52 -2.38 -46.77 -33.25
C VAL A 52 -2.92 -47.83 -34.21
N GLU A 53 -2.02 -48.70 -34.69
CA GLU A 53 -2.41 -49.73 -35.64
C GLU A 53 -3.47 -50.67 -35.05
N ASN A 54 -3.32 -51.02 -33.78
CA ASN A 54 -4.27 -51.88 -33.08
C ASN A 54 -4.87 -51.11 -31.90
N VAL A 55 -5.58 -51.83 -31.04
CA VAL A 55 -6.15 -51.24 -29.85
C VAL A 55 -5.29 -51.49 -28.61
N SER A 56 -4.17 -52.20 -28.76
CA SER A 56 -3.26 -52.50 -27.66
C SER A 56 -1.83 -52.13 -28.08
N ASP A 57 -1.49 -50.84 -27.97
CA ASP A 57 -0.14 -50.35 -28.16
C ASP A 57 -0.03 -48.92 -27.65
N PRO A 58 0.95 -48.61 -26.81
CA PRO A 58 1.09 -47.24 -26.31
C PRO A 58 1.56 -46.30 -27.40
N VAL A 59 1.16 -45.03 -27.25
CA VAL A 59 1.58 -43.97 -28.17
C VAL A 59 2.82 -43.32 -27.56
N THR A 60 3.99 -43.71 -28.04
CA THR A 60 5.24 -43.19 -27.50
C THR A 60 5.39 -41.73 -27.88
N VAL A 61 5.42 -40.86 -26.87
CA VAL A 61 5.60 -39.42 -27.08
C VAL A 61 6.87 -38.99 -26.35
N HIS A 62 7.63 -38.11 -27.00
CA HIS A 62 8.83 -37.55 -26.39
C HIS A 62 8.53 -36.16 -25.84
N PHE A 63 9.23 -35.80 -24.77
CA PHE A 63 8.94 -34.59 -24.03
C PHE A 63 10.23 -33.82 -23.77
N GLU A 64 10.14 -32.49 -23.83
CA GLU A 64 11.26 -31.62 -23.49
C GLU A 64 10.74 -30.21 -23.23
N VAL A 65 11.35 -29.54 -22.25
CA VAL A 65 10.93 -28.21 -21.82
C VAL A 65 12.10 -27.26 -22.00
N ALA A 66 11.84 -26.14 -22.68
CA ALA A 66 12.83 -25.09 -22.85
C ALA A 66 12.37 -23.85 -22.10
N ILE A 67 13.20 -23.35 -21.21
CA ILE A 67 12.86 -22.20 -20.38
C ILE A 67 13.26 -20.93 -21.10
N THR A 68 12.46 -19.89 -20.93
CA THR A 68 12.66 -18.62 -21.63
C THR A 68 12.96 -17.47 -20.69
N GLN A 69 12.21 -17.33 -19.59
CA GLN A 69 12.40 -16.21 -18.69
C GLN A 69 11.79 -16.54 -17.34
N LEU A 70 12.60 -16.52 -16.28
CA LEU A 70 12.12 -16.70 -14.92
C LEU A 70 11.53 -15.38 -14.44
N ALA A 71 10.20 -15.30 -14.39
CA ALA A 71 9.56 -14.02 -14.09
C ALA A 71 9.80 -13.59 -12.65
N ASN A 72 9.32 -14.38 -11.69
CA ASN A 72 9.45 -14.00 -10.29
C ASN A 72 9.27 -15.23 -9.41
N VAL A 73 9.77 -15.12 -8.17
CA VAL A 73 9.79 -16.21 -7.21
C VAL A 73 9.07 -15.79 -5.93
N ASP A 74 7.99 -15.03 -6.07
CA ASP A 74 7.24 -14.46 -4.94
C ASP A 74 7.19 -15.40 -3.75
N GLU A 75 7.56 -14.87 -2.58
CA GLU A 75 7.79 -15.66 -1.38
C GLU A 75 6.69 -15.55 -0.35
N VAL A 76 6.11 -14.36 -0.15
CA VAL A 76 5.05 -14.17 0.85
C VAL A 76 3.86 -15.06 0.52
N ASN A 77 3.63 -15.32 -0.76
CA ASN A 77 2.49 -16.06 -1.28
C ASN A 77 2.98 -17.21 -2.15
N GLN A 78 3.85 -18.05 -1.57
CA GLN A 78 4.84 -18.85 -2.29
C GLN A 78 4.32 -19.38 -3.62
N ILE A 79 4.99 -18.96 -4.70
CA ILE A 79 4.59 -19.19 -6.08
C ILE A 79 5.80 -18.92 -6.95
N MET A 80 5.98 -19.73 -7.99
CA MET A 80 6.97 -19.47 -9.02
C MET A 80 6.26 -19.27 -10.36
N GLU A 81 6.72 -18.28 -11.12
CA GLU A 81 6.15 -17.95 -12.42
C GLU A 81 7.24 -18.06 -13.48
N THR A 82 6.94 -18.72 -14.59
CA THR A 82 7.92 -18.95 -15.64
C THR A 82 7.26 -18.87 -17.01
N ASN A 83 8.09 -18.61 -18.03
CA ASN A 83 7.70 -18.70 -19.42
C ASN A 83 8.51 -19.81 -20.07
N LEU A 84 7.84 -20.77 -20.70
CA LEU A 84 8.53 -21.94 -21.22
C LEU A 84 7.80 -22.46 -22.46
N TRP A 85 8.54 -23.19 -23.28
CA TRP A 85 8.02 -23.85 -24.47
C TRP A 85 8.00 -25.35 -24.23
N LEU A 86 6.88 -25.99 -24.56
CA LEU A 86 6.74 -27.43 -24.42
C LEU A 86 6.85 -28.10 -25.79
N ARG A 87 7.75 -29.07 -25.91
CA ARG A 87 8.04 -29.72 -27.19
C ARG A 87 7.47 -31.14 -27.17
N HIS A 88 6.45 -31.38 -27.98
CA HIS A 88 5.84 -32.70 -28.12
C HIS A 88 6.21 -33.29 -29.46
N ILE A 89 6.62 -34.56 -29.46
CA ILE A 89 6.87 -35.31 -30.70
C ILE A 89 6.25 -36.69 -30.54
N TRP A 90 5.39 -37.06 -31.50
CA TRP A 90 4.84 -38.41 -31.55
C TRP A 90 4.75 -38.81 -33.02
N ASN A 91 4.07 -39.93 -33.28
CA ASN A 91 4.05 -40.51 -34.63
C ASN A 91 2.63 -40.98 -34.95
N ASP A 92 1.91 -40.18 -35.73
CA ASP A 92 0.65 -40.64 -36.30
C ASP A 92 0.92 -41.60 -37.45
N TYR A 93 -0.10 -42.39 -37.80
CA TYR A 93 0.05 -43.39 -38.84
C TYR A 93 -0.88 -43.21 -40.02
N LYS A 94 -2.01 -42.54 -39.86
CA LYS A 94 -2.93 -42.32 -40.97
C LYS A 94 -2.66 -41.02 -41.72
N LEU A 95 -1.78 -40.17 -41.21
CA LEU A 95 -1.41 -38.92 -41.86
C LEU A 95 -0.07 -39.12 -42.57
N ARG A 96 -0.13 -39.82 -43.71
CA ARG A 96 1.07 -40.13 -44.47
C ARG A 96 0.70 -40.18 -45.94
N TRP A 97 1.61 -39.67 -46.78
CA TRP A 97 1.39 -39.59 -48.22
C TRP A 97 2.68 -39.91 -48.95
N ASP A 98 2.54 -40.24 -50.23
CA ASP A 98 3.68 -40.54 -51.07
C ASP A 98 4.45 -39.25 -51.38
N PRO A 99 5.78 -39.22 -51.17
CA PRO A 99 6.54 -38.02 -51.49
C PRO A 99 7.04 -38.00 -52.93
N MET A 100 6.45 -38.83 -53.77
CA MET A 100 6.73 -38.84 -55.20
C MET A 100 5.49 -38.61 -56.05
N GLU A 101 4.34 -39.14 -55.62
CA GLU A 101 3.09 -38.89 -56.33
C GLU A 101 2.68 -37.42 -56.25
N TYR A 102 2.95 -36.78 -55.12
CA TYR A 102 2.58 -35.39 -54.88
C TYR A 102 3.81 -34.51 -54.77
N ASP A 103 3.56 -33.21 -54.76
CA ASP A 103 4.55 -32.18 -54.46
C ASP A 103 4.11 -31.43 -53.21
N GLY A 104 4.87 -30.41 -52.85
CA GLY A 104 4.62 -29.71 -51.60
C GLY A 104 4.79 -30.68 -50.45
N ILE A 105 5.90 -31.41 -50.46
CA ILE A 105 6.07 -32.58 -49.63
C ILE A 105 6.92 -32.24 -48.42
N GLU A 106 6.96 -33.17 -47.46
CA GLU A 106 7.80 -33.16 -46.27
C GLU A 106 7.41 -32.08 -45.27
N THR A 107 6.38 -31.28 -45.55
CA THR A 107 5.95 -30.25 -44.60
C THR A 107 4.48 -29.95 -44.84
N LEU A 108 3.71 -29.87 -43.75
CA LEU A 108 2.30 -29.49 -43.81
C LEU A 108 1.94 -28.86 -42.47
N ARG A 109 1.92 -27.53 -42.43
CA ARG A 109 1.58 -26.82 -41.19
C ARG A 109 0.06 -26.89 -41.02
N VAL A 110 -0.38 -27.79 -40.16
CA VAL A 110 -1.80 -28.02 -39.88
C VAL A 110 -2.14 -27.35 -38.56
N PRO A 111 -3.30 -26.67 -38.46
CA PRO A 111 -3.69 -26.08 -37.17
C PRO A 111 -3.81 -27.14 -36.10
N ALA A 112 -3.43 -26.76 -34.88
CA ALA A 112 -3.31 -27.72 -33.79
C ALA A 112 -4.64 -28.38 -33.45
N ASP A 113 -5.72 -27.59 -33.38
CA ASP A 113 -7.00 -28.14 -32.98
C ASP A 113 -7.71 -28.80 -34.16
N LYS A 114 -7.01 -29.71 -34.84
CA LYS A 114 -7.59 -30.53 -35.89
C LYS A 114 -7.09 -31.96 -35.88
N ILE A 115 -6.01 -32.25 -35.14
CA ILE A 115 -5.45 -33.60 -35.07
C ILE A 115 -5.43 -34.05 -33.62
N TRP A 116 -5.01 -35.29 -33.39
CA TRP A 116 -4.90 -35.81 -32.04
C TRP A 116 -3.80 -35.09 -31.27
N LYS A 117 -3.99 -34.99 -29.96
CA LYS A 117 -3.04 -34.30 -29.11
C LYS A 117 -3.00 -34.92 -27.72
N PRO A 118 -1.84 -35.36 -27.23
CA PRO A 118 -1.74 -35.77 -25.83
C PRO A 118 -2.06 -34.61 -24.91
N ASP A 119 -2.74 -34.93 -23.79
CA ASP A 119 -3.15 -33.93 -22.83
C ASP A 119 -2.12 -33.89 -21.70
N ILE A 120 -1.09 -33.08 -21.88
CA ILE A 120 -0.03 -32.91 -20.89
C ILE A 120 -0.34 -31.66 -20.08
N VAL A 121 -0.55 -31.83 -18.77
CA VAL A 121 -0.96 -30.74 -17.90
C VAL A 121 -0.01 -30.67 -16.71
N LEU A 122 0.05 -29.49 -16.09
CA LEU A 122 0.86 -29.27 -14.92
C LEU A 122 0.05 -29.62 -13.68
N TYR A 123 0.49 -30.65 -12.95
CA TYR A 123 -0.25 -31.10 -11.77
C TYR A 123 -0.29 -30.00 -10.70
N ASN A 124 0.88 -29.62 -10.18
CA ASN A 124 0.95 -28.68 -9.06
C ASN A 124 0.83 -27.26 -9.60
N ASN A 125 -0.42 -26.86 -9.87
CA ASN A 125 -0.74 -25.52 -10.30
C ASN A 125 -1.31 -24.72 -9.14
N ALA A 126 -1.01 -23.42 -9.13
CA ALA A 126 -1.46 -22.56 -8.05
C ALA A 126 -2.85 -21.98 -8.32
N VAL A 127 -3.00 -21.29 -9.44
CA VAL A 127 -4.29 -20.70 -9.81
C VAL A 127 -4.50 -20.85 -11.31
N GLY A 128 -5.59 -21.51 -11.69
CA GLY A 128 -6.02 -21.74 -13.06
C GLY A 128 -4.91 -22.31 -13.92
N ASP A 129 -5.03 -22.08 -15.23
CA ASP A 129 -3.99 -22.39 -16.20
C ASP A 129 -3.55 -23.85 -16.11
N PHE A 130 -4.52 -24.76 -16.04
CA PHE A 130 -4.21 -26.17 -15.99
C PHE A 130 -3.63 -26.68 -17.30
N GLN A 131 -3.93 -26.02 -18.42
CA GLN A 131 -3.35 -26.40 -19.71
C GLN A 131 -3.44 -25.21 -20.64
N VAL A 132 -2.28 -24.69 -21.05
CA VAL A 132 -2.21 -23.57 -21.99
C VAL A 132 -2.20 -24.18 -23.39
N GLU A 133 -3.38 -24.21 -24.02
CA GLU A 133 -3.51 -24.84 -25.33
C GLU A 133 -3.09 -23.90 -26.45
N GLY A 134 -3.77 -22.77 -26.58
CA GLY A 134 -3.49 -21.86 -27.67
C GLY A 134 -3.91 -22.45 -29.00
N LYS A 135 -3.43 -21.81 -30.08
CA LYS A 135 -3.68 -22.29 -31.43
C LYS A 135 -2.40 -22.76 -32.11
N THR A 136 -1.41 -21.87 -32.23
CA THR A 136 -0.12 -22.19 -32.85
C THR A 136 -0.26 -22.99 -34.13
N LYS A 137 0.69 -23.87 -34.39
CA LYS A 137 0.65 -24.76 -35.55
C LYS A 137 1.46 -26.01 -35.23
N ALA A 138 1.18 -27.07 -35.98
CA ALA A 138 1.84 -28.36 -35.79
C ALA A 138 2.53 -28.76 -37.09
N LEU A 139 3.81 -29.11 -36.99
CA LEU A 139 4.53 -29.64 -38.14
C LEU A 139 4.01 -31.03 -38.49
N LEU A 140 4.28 -31.46 -39.72
CA LEU A 140 3.77 -32.74 -40.19
C LEU A 140 4.69 -33.23 -41.32
N LYS A 141 5.57 -34.18 -41.00
CA LYS A 141 6.46 -34.73 -41.99
C LYS A 141 5.68 -35.70 -42.89
N TYR A 142 6.39 -36.36 -43.79
CA TYR A 142 5.77 -37.33 -44.70
C TYR A 142 5.79 -38.75 -44.16
N ASN A 143 6.36 -38.96 -42.97
CA ASN A 143 6.27 -40.25 -42.29
C ASN A 143 5.33 -40.21 -41.08
N GLY A 144 4.58 -39.11 -40.91
CA GLY A 144 3.55 -39.02 -39.91
C GLY A 144 3.92 -38.24 -38.67
N MET A 145 5.19 -37.96 -38.44
CA MET A 145 5.62 -37.34 -37.20
C MET A 145 5.04 -35.93 -37.06
N ILE A 146 4.93 -35.47 -35.82
CA ILE A 146 4.39 -34.16 -35.49
C ILE A 146 5.28 -33.53 -34.44
N THR A 147 5.52 -32.23 -34.56
CA THR A 147 6.47 -31.50 -33.72
C THR A 147 5.80 -30.28 -33.10
N TRP A 148 4.64 -30.48 -32.50
CA TRP A 148 3.91 -29.39 -31.85
C TRP A 148 4.76 -28.74 -30.76
N THR A 149 4.70 -27.42 -30.66
CA THR A 149 5.49 -26.67 -29.68
C THR A 149 4.75 -25.38 -29.35
N PRO A 150 3.86 -25.42 -28.36
CA PRO A 150 3.13 -24.22 -27.97
C PRO A 150 3.82 -23.50 -26.82
N PRO A 151 3.78 -22.17 -26.82
CA PRO A 151 4.25 -21.42 -25.64
C PRO A 151 3.26 -21.54 -24.49
N ALA A 152 3.78 -21.38 -23.28
CA ALA A 152 2.95 -21.50 -22.09
C ALA A 152 3.57 -20.71 -20.95
N ILE A 153 2.72 -20.10 -20.13
CA ILE A 153 3.14 -19.40 -18.92
C ILE A 153 2.45 -20.07 -17.73
N PHE A 154 3.25 -20.48 -16.75
CA PHE A 154 2.78 -21.33 -15.66
C PHE A 154 3.04 -20.65 -14.33
N LYS A 155 2.01 -20.52 -13.51
CA LYS A 155 2.13 -20.03 -12.13
C LYS A 155 2.16 -21.23 -11.20
N SER A 156 3.30 -21.91 -11.16
CA SER A 156 3.43 -23.08 -10.31
C SER A 156 3.52 -22.68 -8.84
N SER A 157 3.40 -23.67 -7.97
CA SER A 157 3.45 -23.46 -6.53
C SER A 157 4.58 -24.29 -5.94
N CYS A 158 5.51 -23.62 -5.28
CA CYS A 158 6.63 -24.27 -4.62
C CYS A 158 6.79 -23.70 -3.22
N PRO A 159 6.92 -24.54 -2.19
CA PRO A 159 7.01 -24.04 -0.81
C PRO A 159 8.38 -23.43 -0.53
N MET A 160 8.37 -22.16 -0.14
CA MET A 160 9.61 -21.49 0.25
C MET A 160 10.14 -22.07 1.56
N ASP A 161 11.45 -22.28 1.61
CA ASP A 161 12.14 -22.75 2.81
C ASP A 161 13.17 -21.70 3.19
N ILE A 162 12.93 -21.00 4.30
CA ILE A 162 13.84 -19.95 4.77
C ILE A 162 14.42 -20.38 6.11
N THR A 163 15.74 -20.48 6.16
CA THR A 163 16.48 -20.51 7.41
C THR A 163 17.73 -19.66 7.40
N PHE A 164 18.30 -19.37 6.22
CA PHE A 164 19.50 -18.57 6.08
C PHE A 164 19.24 -17.32 5.25
N PHE A 165 18.00 -16.82 5.28
CA PHE A 165 17.64 -15.63 4.53
C PHE A 165 18.50 -14.45 5.01
N PRO A 166 19.07 -13.65 4.09
CA PRO A 166 18.91 -13.66 2.63
C PRO A 166 19.99 -14.43 1.88
N PHE A 167 20.45 -15.57 2.38
CA PHE A 167 21.40 -16.41 1.66
C PHE A 167 20.81 -17.79 1.36
N ASP A 168 19.50 -17.84 1.11
CA ASP A 168 18.79 -19.10 1.02
C ASP A 168 19.09 -19.80 -0.31
N HIS A 169 18.42 -20.93 -0.51
CA HIS A 169 18.76 -21.84 -1.61
C HIS A 169 17.49 -22.62 -1.94
N GLN A 170 16.81 -22.23 -3.00
CA GLN A 170 15.47 -22.74 -3.29
C GLN A 170 15.49 -23.85 -4.33
N ASN A 171 14.46 -24.68 -4.29
CA ASN A 171 14.35 -25.90 -5.10
C ASN A 171 12.95 -26.05 -5.68
N CYS A 172 12.43 -24.98 -6.28
CA CYS A 172 11.10 -25.03 -6.87
C CYS A 172 11.05 -26.02 -8.03
N SER A 173 9.91 -26.68 -8.19
CA SER A 173 9.79 -27.80 -9.11
C SER A 173 8.47 -27.72 -9.88
N LEU A 174 8.47 -28.35 -11.06
CA LEU A 174 7.30 -28.46 -11.92
C LEU A 174 7.04 -29.93 -12.22
N LYS A 175 5.77 -30.31 -12.31
CA LYS A 175 5.38 -31.70 -12.53
C LYS A 175 4.37 -31.77 -13.67
N PHE A 176 4.73 -32.49 -14.73
CA PHE A 176 3.86 -32.67 -15.89
C PHE A 176 3.38 -34.12 -15.96
N GLY A 177 2.16 -34.29 -16.46
CA GLY A 177 1.61 -35.62 -16.62
C GLY A 177 0.35 -35.67 -17.45
N SER A 178 0.08 -36.82 -18.06
CA SER A 178 -1.14 -37.01 -18.83
C SER A 178 -2.30 -37.28 -17.87
N TRP A 179 -3.34 -36.45 -17.94
CA TRP A 179 -4.40 -36.52 -16.94
C TRP A 179 -5.34 -37.69 -17.15
N THR A 180 -5.50 -38.17 -18.39
CA THR A 180 -6.50 -39.18 -18.69
C THR A 180 -5.90 -40.55 -18.98
N TYR A 181 -4.98 -40.64 -19.94
CA TYR A 181 -4.44 -41.93 -20.33
C TYR A 181 -3.44 -42.43 -19.29
N ASP A 182 -3.43 -43.75 -19.08
CA ASP A 182 -2.56 -44.39 -18.12
C ASP A 182 -1.31 -44.91 -18.83
N LYS A 183 -0.48 -45.66 -18.09
CA LYS A 183 0.79 -46.12 -18.64
C LYS A 183 0.63 -47.13 -19.75
N ALA A 184 -0.52 -47.81 -19.83
CA ALA A 184 -0.76 -48.81 -20.86
C ALA A 184 -1.27 -48.23 -22.15
N GLU A 185 -1.47 -46.91 -22.21
CA GLU A 185 -1.92 -46.26 -23.45
C GLU A 185 -1.04 -45.10 -23.88
N ILE A 186 -0.30 -44.46 -22.99
CA ILE A 186 0.64 -43.40 -23.34
C ILE A 186 1.92 -43.64 -22.56
N ASP A 187 3.06 -43.58 -23.26
CA ASP A 187 4.38 -43.75 -22.65
C ASP A 187 5.12 -42.42 -22.75
N LEU A 188 5.19 -41.70 -21.63
CA LEU A 188 5.82 -40.39 -21.58
C LEU A 188 7.33 -40.58 -21.48
N LEU A 189 8.00 -40.60 -22.62
CA LEU A 189 9.45 -40.65 -22.65
C LEU A 189 10.02 -39.25 -22.41
N ILE A 190 11.34 -39.17 -22.28
CA ILE A 190 12.04 -37.91 -22.12
C ILE A 190 13.19 -37.86 -23.11
N ILE A 191 13.53 -36.65 -23.54
CA ILE A 191 14.67 -36.43 -24.43
C ILE A 191 15.62 -35.45 -23.74
N GLY A 192 16.90 -35.74 -23.82
CA GLY A 192 17.86 -34.99 -23.04
C GLY A 192 17.75 -35.36 -21.56
N SER A 193 18.40 -34.55 -20.74
CA SER A 193 18.33 -34.75 -19.29
C SER A 193 18.20 -33.43 -18.53
N LYS A 194 17.95 -32.32 -19.22
CA LYS A 194 17.84 -31.02 -18.57
C LYS A 194 17.09 -30.08 -19.49
N VAL A 195 16.56 -29.00 -18.92
CA VAL A 195 15.85 -28.02 -19.73
C VAL A 195 16.84 -27.23 -20.56
N ASP A 196 16.53 -27.06 -21.84
CA ASP A 196 17.37 -26.26 -22.72
C ASP A 196 17.33 -24.80 -22.26
N MET A 197 18.50 -24.17 -22.23
CA MET A 197 18.62 -22.80 -21.73
C MET A 197 19.05 -21.82 -22.82
N ASN A 198 19.07 -22.23 -24.07
CA ASN A 198 19.50 -21.31 -25.14
C ASN A 198 18.36 -20.42 -25.62
N ASP A 199 17.62 -19.88 -24.65
CA ASP A 199 16.69 -18.79 -24.88
C ASP A 199 16.63 -17.84 -23.70
N PHE A 200 17.45 -18.03 -22.67
CA PHE A 200 17.19 -17.48 -21.35
C PHE A 200 17.64 -16.03 -21.28
N TRP A 201 16.72 -15.15 -20.89
CA TRP A 201 17.05 -13.77 -20.53
C TRP A 201 17.39 -13.78 -19.04
N GLU A 202 18.69 -13.66 -18.74
CA GLU A 202 19.17 -13.89 -17.38
C GLU A 202 18.52 -12.93 -16.39
N ASN A 203 18.13 -13.48 -15.24
CA ASN A 203 17.49 -12.69 -14.20
C ASN A 203 18.54 -11.91 -13.40
N SER A 204 18.06 -10.90 -12.69
CA SER A 204 18.94 -10.01 -11.93
C SER A 204 19.03 -10.35 -10.45
N GLU A 205 18.07 -11.11 -9.91
CA GLU A 205 18.05 -11.45 -8.49
C GLU A 205 18.37 -12.92 -8.21
N TRP A 206 17.89 -13.84 -9.04
CA TRP A 206 18.10 -15.27 -8.83
C TRP A 206 19.02 -15.84 -9.90
N GLU A 207 19.98 -16.65 -9.47
CA GLU A 207 20.92 -17.31 -10.37
C GLU A 207 20.62 -18.80 -10.40
N ILE A 208 20.44 -19.34 -11.60
CA ILE A 208 20.08 -20.74 -11.75
C ILE A 208 21.35 -21.58 -11.69
N ILE A 209 21.33 -22.62 -10.85
CA ILE A 209 22.52 -23.42 -10.60
C ILE A 209 22.48 -24.71 -11.41
N ASP A 210 21.42 -25.50 -11.24
CA ASP A 210 21.36 -26.81 -11.88
C ASP A 210 19.90 -27.21 -12.04
N ALA A 211 19.40 -27.18 -13.28
CA ALA A 211 18.06 -27.62 -13.61
C ALA A 211 18.12 -28.97 -14.30
N SER A 212 17.37 -29.93 -13.79
CA SER A 212 17.41 -31.31 -14.27
C SER A 212 15.99 -31.85 -14.44
N GLY A 213 15.90 -33.12 -14.82
CA GLY A 213 14.60 -33.74 -15.02
C GLY A 213 14.70 -35.24 -14.83
N TYR A 214 13.61 -35.83 -14.35
CA TYR A 214 13.58 -37.26 -14.06
C TYR A 214 12.15 -37.75 -14.12
N LYS A 215 11.99 -39.06 -14.30
CA LYS A 215 10.70 -39.69 -14.55
C LYS A 215 10.37 -40.70 -13.45
N HIS A 216 9.07 -40.84 -13.17
CA HIS A 216 8.57 -41.74 -12.15
C HIS A 216 7.47 -42.63 -12.73
N ASP A 217 6.96 -43.52 -11.88
CA ASP A 217 5.79 -44.33 -12.17
C ASP A 217 4.93 -44.37 -10.92
N ILE A 218 3.67 -43.94 -11.03
CA ILE A 218 2.81 -43.75 -9.87
C ILE A 218 1.53 -44.56 -10.02
N LYS A 219 0.98 -44.97 -8.89
CA LYS A 219 -0.33 -45.63 -8.82
C LYS A 219 -1.16 -44.89 -7.78
N TYR A 220 -2.03 -44.00 -8.25
CA TYR A 220 -2.79 -43.15 -7.34
C TYR A 220 -3.88 -43.96 -6.64
N ASN A 221 -4.32 -43.44 -5.49
CA ASN A 221 -5.34 -44.13 -4.70
C ASN A 221 -6.69 -44.09 -5.38
N CYS A 222 -7.05 -42.95 -5.96
CA CYS A 222 -8.33 -42.80 -6.65
C CYS A 222 -8.21 -43.19 -8.13
N CYS A 223 -7.64 -44.36 -8.38
CA CYS A 223 -7.44 -44.88 -9.72
C CYS A 223 -7.19 -46.38 -9.61
N GLU A 224 -6.91 -47.01 -10.75
CA GLU A 224 -6.68 -48.44 -10.80
C GLU A 224 -5.46 -48.87 -11.60
N GLU A 225 -4.89 -48.01 -12.43
CA GLU A 225 -3.79 -48.39 -13.29
C GLU A 225 -2.57 -47.51 -13.03
N ILE A 226 -1.46 -47.86 -13.66
CA ILE A 226 -0.19 -47.17 -13.47
C ILE A 226 -0.20 -45.88 -14.27
N TYR A 227 0.24 -44.79 -13.64
CA TYR A 227 0.34 -43.49 -14.29
C TYR A 227 1.78 -43.00 -14.26
N THR A 228 2.16 -42.26 -15.30
CA THR A 228 3.52 -41.77 -15.48
C THR A 228 3.54 -40.25 -15.42
N ASP A 229 4.64 -39.70 -14.90
CA ASP A 229 4.81 -38.25 -14.83
C ASP A 229 6.29 -37.92 -15.02
N ILE A 230 6.55 -36.70 -15.46
CA ILE A 230 7.90 -36.20 -15.69
C ILE A 230 8.05 -34.90 -14.90
N THR A 231 9.06 -34.85 -14.04
CA THR A 231 9.26 -33.74 -13.12
C THR A 231 10.55 -33.01 -13.46
N TYR A 232 10.44 -31.69 -13.63
CA TYR A 232 11.59 -30.82 -13.85
C TYR A 232 11.73 -29.92 -12.63
N SER A 233 12.89 -29.98 -11.97
CA SER A 233 13.12 -29.27 -10.72
C SER A 233 14.21 -28.24 -10.92
N PHE A 234 13.88 -26.97 -10.67
CA PHE A 234 14.85 -25.89 -10.77
C PHE A 234 15.55 -25.69 -9.43
N TYR A 235 16.82 -25.33 -9.48
CA TYR A 235 17.65 -25.15 -8.30
C TYR A 235 18.28 -23.77 -8.38
N ILE A 236 17.66 -22.78 -7.73
CA ILE A 236 18.05 -21.39 -7.86
C ILE A 236 18.71 -20.91 -6.57
N ARG A 237 19.52 -19.86 -6.69
CA ARG A 237 20.22 -19.27 -5.56
C ARG A 237 20.06 -17.75 -5.61
N ARG A 238 19.77 -17.15 -4.46
CA ARG A 238 19.55 -15.72 -4.39
C ARG A 238 20.87 -14.96 -4.54
N LEU A 239 20.76 -13.72 -5.01
CA LEU A 239 21.91 -12.82 -5.07
C LEU A 239 21.86 -11.88 -3.88
N PRO A 240 22.76 -12.02 -2.90
CA PRO A 240 22.63 -11.29 -1.62
C PRO A 240 23.31 -9.93 -1.61
N MET A 241 22.75 -8.99 -2.35
CA MET A 241 23.25 -7.63 -2.28
C MET A 241 22.15 -6.61 -2.02
N PHE A 242 20.95 -6.82 -2.57
CA PHE A 242 19.84 -5.91 -2.31
C PHE A 242 19.46 -5.93 -0.83
N TYR A 243 19.42 -7.13 -0.23
CA TYR A 243 19.03 -7.24 1.17
C TYR A 243 20.20 -7.06 2.13
N THR A 244 21.44 -7.11 1.65
CA THR A 244 22.58 -6.87 2.53
C THR A 244 22.69 -5.39 2.85
N ILE A 245 22.46 -4.53 1.87
CA ILE A 245 22.59 -3.08 2.08
C ILE A 245 21.45 -2.57 2.95
N ASN A 246 20.23 -3.07 2.75
CA ASN A 246 19.05 -2.50 3.37
C ASN A 246 18.58 -3.23 4.62
N LEU A 247 19.10 -4.42 4.91
CA LEU A 247 18.63 -5.19 6.05
C LEU A 247 19.73 -5.64 7.01
N ILE A 248 20.99 -5.62 6.60
CA ILE A 248 22.08 -6.08 7.46
C ILE A 248 22.86 -4.92 8.05
N ILE A 249 23.23 -3.94 7.22
CA ILE A 249 24.02 -2.81 7.71
C ILE A 249 23.26 -1.96 8.74
N PRO A 250 22.02 -1.52 8.49
CA PRO A 250 21.33 -0.74 9.53
C PRO A 250 21.07 -1.51 10.81
N CYS A 251 20.72 -2.79 10.71
CA CYS A 251 20.49 -3.59 11.91
C CYS A 251 21.79 -3.78 12.69
N LEU A 252 22.90 -3.97 11.99
CA LEU A 252 24.19 -4.07 12.67
C LEU A 252 24.53 -2.76 13.36
N PHE A 253 24.25 -1.62 12.72
CA PHE A 253 24.51 -0.32 13.36
C PHE A 253 23.67 -0.18 14.62
N ILE A 254 22.39 -0.54 14.54
CA ILE A 254 21.51 -0.43 15.70
C ILE A 254 21.98 -1.33 16.83
N SER A 255 22.39 -2.56 16.49
CA SER A 255 22.92 -3.46 17.50
C SER A 255 24.20 -2.91 18.12
N PHE A 256 25.00 -2.18 17.35
CA PHE A 256 26.20 -1.56 17.89
C PHE A 256 25.87 -0.43 18.84
N LEU A 257 24.84 0.36 18.53
CA LEU A 257 24.59 1.60 19.25
C LEU A 257 24.02 1.41 20.65
N THR A 258 23.46 0.24 20.96
CA THR A 258 22.79 0.08 22.25
C THR A 258 23.75 -0.08 23.42
N VAL A 259 25.01 -0.46 23.16
CA VAL A 259 25.99 -0.60 24.23
C VAL A 259 26.36 0.75 24.83
N LEU A 260 26.24 1.84 24.06
CA LEU A 260 26.75 3.13 24.48
C LEU A 260 26.02 3.67 25.71
N VAL A 261 24.77 3.25 25.93
CA VAL A 261 23.96 3.85 26.99
C VAL A 261 24.56 3.60 28.37
N PHE A 262 25.47 2.64 28.52
CA PHE A 262 26.12 2.38 29.79
C PHE A 262 27.39 3.20 29.97
N TYR A 263 27.73 4.04 29.00
CA TYR A 263 28.88 4.93 29.11
C TYR A 263 28.50 6.39 29.33
N LEU A 264 27.25 6.75 29.09
CA LEU A 264 26.82 8.12 29.31
C LEU A 264 26.81 8.45 30.80
N PRO A 265 27.16 9.67 31.18
CA PRO A 265 27.00 10.08 32.58
C PRO A 265 25.54 10.28 32.92
N SER A 266 25.23 10.14 34.20
CA SER A 266 23.85 10.34 34.65
C SER A 266 23.47 11.80 34.73
N ASP A 267 24.44 12.71 34.74
CA ASP A 267 24.16 14.14 34.89
C ASP A 267 23.62 14.79 33.62
N CYS A 268 23.88 14.22 32.45
CA CYS A 268 23.44 14.86 31.21
C CYS A 268 21.94 14.73 31.00
N GLY A 269 21.38 13.56 31.27
CA GLY A 269 19.96 13.34 31.11
C GLY A 269 19.58 12.96 29.69
N GLU A 270 20.28 12.00 29.10
CA GLU A 270 20.00 11.57 27.74
C GLU A 270 20.07 10.06 27.56
N LYS A 271 20.00 9.29 28.64
CA LYS A 271 20.02 7.83 28.52
C LYS A 271 18.70 7.29 27.99
N VAL A 272 17.58 7.82 28.50
CA VAL A 272 16.27 7.34 28.09
C VAL A 272 16.05 7.58 26.61
N THR A 273 16.46 8.75 26.12
CA THR A 273 16.32 9.05 24.70
C THR A 273 17.02 8.00 23.85
N LEU A 274 18.27 7.69 24.19
CA LEU A 274 19.05 6.73 23.41
C LEU A 274 18.41 5.35 23.43
N CYS A 275 18.09 4.84 24.62
CA CYS A 275 17.57 3.48 24.69
C CYS A 275 16.20 3.37 24.03
N ILE A 276 15.34 4.38 24.21
CA ILE A 276 14.02 4.35 23.59
C ILE A 276 14.14 4.39 22.08
N SER A 277 15.03 5.24 21.54
CA SER A 277 15.20 5.30 20.10
C SER A 277 15.69 3.96 19.54
N VAL A 278 16.64 3.34 20.24
CA VAL A 278 17.15 2.04 19.77
C VAL A 278 16.03 1.01 19.77
N LEU A 279 15.21 0.99 20.83
CA LEU A 279 14.13 0.01 20.91
C LEU A 279 13.12 0.23 19.78
N LEU A 280 12.74 1.48 19.52
CA LEU A 280 11.77 1.75 18.46
C LEU A 280 12.31 1.34 17.10
N SER A 281 13.58 1.66 16.82
CA SER A 281 14.16 1.28 15.54
C SER A 281 14.19 -0.23 15.39
N LEU A 282 14.58 -0.96 16.44
CA LEU A 282 14.61 -2.42 16.37
C LEU A 282 13.22 -2.99 16.11
N THR A 283 12.20 -2.46 16.79
CA THR A 283 10.84 -2.93 16.58
C THR A 283 10.39 -2.72 15.14
N VAL A 284 10.67 -1.53 14.59
CA VAL A 284 10.27 -1.24 13.21
C VAL A 284 10.96 -2.18 12.24
N PHE A 285 12.27 -2.42 12.44
CA PHE A 285 12.98 -3.31 11.53
C PHE A 285 12.46 -4.74 11.62
N LEU A 286 12.16 -5.22 12.83
CA LEU A 286 11.60 -6.55 12.97
C LEU A 286 10.26 -6.66 12.25
N LEU A 287 9.42 -5.64 12.36
CA LEU A 287 8.13 -5.69 11.68
C LEU A 287 8.29 -5.69 10.17
N VAL A 288 9.25 -4.91 9.65
CA VAL A 288 9.50 -4.93 8.21
C VAL A 288 9.96 -6.32 7.76
N ILE A 289 10.86 -6.93 8.53
CA ILE A 289 11.35 -8.27 8.19
C ILE A 289 10.19 -9.26 8.20
N THR A 290 9.27 -9.11 9.15
CA THR A 290 8.07 -9.95 9.16
C THR A 290 7.25 -9.74 7.89
N GLU A 291 7.10 -8.48 7.46
CA GLU A 291 6.37 -8.20 6.23
C GLU A 291 7.04 -8.82 5.01
N THR A 292 8.37 -9.04 5.07
CA THR A 292 9.07 -9.55 3.90
C THR A 292 8.90 -11.07 3.74
N ILE A 293 9.15 -11.83 4.80
CA ILE A 293 9.24 -13.28 4.72
C ILE A 293 7.86 -13.94 4.86
N PRO A 294 7.69 -15.20 4.43
CA PRO A 294 6.36 -15.84 4.51
C PRO A 294 5.89 -16.11 5.93
N SER A 295 4.72 -16.73 6.06
CA SER A 295 4.12 -17.01 7.35
C SER A 295 4.27 -18.48 7.77
N THR A 296 5.16 -19.22 7.13
CA THR A 296 5.37 -20.62 7.47
C THR A 296 5.84 -20.75 8.91
N SER A 297 5.22 -21.67 9.65
CA SER A 297 5.49 -21.88 11.08
C SER A 297 6.26 -23.17 11.33
N LEU A 298 7.13 -23.54 10.40
CA LEU A 298 7.93 -24.75 10.55
C LEU A 298 9.28 -24.46 11.19
N VAL A 299 10.06 -23.57 10.58
CA VAL A 299 11.37 -23.17 11.09
C VAL A 299 11.44 -21.65 11.13
N VAL A 300 12.32 -21.14 11.97
CA VAL A 300 12.46 -19.71 12.22
C VAL A 300 13.76 -19.24 11.60
N PRO A 301 13.76 -18.13 10.86
CA PRO A 301 15.01 -17.62 10.27
C PRO A 301 15.99 -17.18 11.34
N LEU A 302 17.28 -17.25 10.99
CA LEU A 302 18.32 -16.83 11.92
C LEU A 302 18.23 -15.33 12.20
N VAL A 303 17.88 -14.53 11.18
CA VAL A 303 17.81 -13.10 11.36
C VAL A 303 16.68 -12.72 12.31
N GLY A 304 15.57 -13.46 12.26
CA GLY A 304 14.50 -13.23 13.23
C GLY A 304 14.92 -13.56 14.65
N GLU A 305 15.67 -14.65 14.81
CA GLU A 305 16.20 -15.00 16.12
C GLU A 305 17.11 -13.90 16.65
N TYR A 306 18.00 -13.39 15.80
CA TYR A 306 18.90 -12.32 16.23
C TYR A 306 18.12 -11.06 16.59
N LEU A 307 17.10 -10.72 15.80
CA LEU A 307 16.28 -9.55 16.10
C LEU A 307 15.58 -9.68 17.44
N LEU A 308 15.00 -10.86 17.71
CA LEU A 308 14.33 -11.08 18.99
C LEU A 308 15.31 -11.02 20.15
N PHE A 309 16.49 -11.62 19.98
CA PHE A 309 17.52 -11.59 21.01
C PHE A 309 17.95 -10.15 21.32
N THR A 310 18.19 -9.35 20.29
CA THR A 310 18.59 -7.96 20.50
C THR A 310 17.47 -7.16 21.13
N MET A 311 16.21 -7.44 20.75
CA MET A 311 15.10 -6.73 21.37
C MET A 311 15.01 -7.04 22.86
N ILE A 312 15.19 -8.31 23.23
CA ILE A 312 15.17 -8.67 24.64
C ILE A 312 16.29 -7.96 25.39
N PHE A 313 17.50 -7.95 24.80
CA PHE A 313 18.63 -7.28 25.45
C PHE A 313 18.39 -5.78 25.61
N VAL A 314 17.82 -5.14 24.59
CA VAL A 314 17.54 -3.70 24.69
C VAL A 314 16.48 -3.45 25.75
N THR A 315 15.45 -4.30 25.82
CA THR A 315 14.44 -4.14 26.85
C THR A 315 15.03 -4.31 28.25
N LEU A 316 16.05 -5.18 28.39
CA LEU A 316 16.69 -5.34 29.69
C LEU A 316 17.47 -4.09 30.08
N SER A 317 18.03 -3.37 29.10
CA SER A 317 18.86 -2.21 29.41
C SER A 317 18.03 -1.06 29.96
N ILE A 318 16.80 -0.89 29.46
CA ILE A 318 15.94 0.19 29.95
C ILE A 318 15.58 -0.04 31.42
N VAL A 319 15.41 -1.30 31.81
CA VAL A 319 15.14 -1.61 33.21
C VAL A 319 16.31 -1.21 34.09
N VAL A 320 17.53 -1.52 33.64
CA VAL A 320 18.72 -1.21 34.44
C VAL A 320 18.95 0.30 34.51
N THR A 321 18.74 0.99 33.38
CA THR A 321 19.00 2.44 33.34
C THR A 321 18.14 3.18 34.36
N VAL A 322 16.91 2.74 34.57
CA VAL A 322 16.04 3.37 35.56
C VAL A 322 16.62 3.19 36.96
N PHE A 323 17.22 2.03 37.22
CA PHE A 323 17.72 1.71 38.55
C PHE A 323 19.07 2.33 38.86
N VAL A 324 19.71 3.00 37.91
CA VAL A 324 20.94 3.75 38.20
C VAL A 324 20.58 5.22 38.29
N LEU A 325 19.53 5.63 37.57
CA LEU A 325 19.01 6.98 37.71
C LEU A 325 18.34 7.16 39.07
N ASN A 326 17.68 6.12 39.56
CA ASN A 326 17.08 6.17 40.89
C ASN A 326 18.13 6.17 42.00
N ILE A 327 19.31 5.61 41.73
CA ILE A 327 20.37 5.58 42.74
C ILE A 327 21.19 6.85 42.72
N HIS A 328 21.43 7.42 41.53
CA HIS A 328 22.24 8.62 41.42
C HIS A 328 21.61 9.82 42.12
N TYR A 329 20.30 9.81 42.36
CA TYR A 329 19.59 10.94 42.91
C TYR A 329 19.12 10.68 44.35
N ARG A 330 19.96 10.05 45.15
CA ARG A 330 19.66 9.77 46.55
C ARG A 330 20.47 10.70 47.45
N THR A 331 19.83 11.20 48.49
CA THR A 331 20.42 12.15 49.42
C THR A 331 20.27 11.64 50.83
N PRO A 332 21.14 12.06 51.75
CA PRO A 332 21.04 11.58 53.14
C PRO A 332 19.78 12.03 53.86
N THR A 333 19.09 13.05 53.35
CA THR A 333 17.87 13.51 54.02
C THR A 333 16.72 12.52 53.85
N THR A 334 16.67 11.83 52.70
CA THR A 334 15.59 10.88 52.41
C THR A 334 16.03 9.43 52.63
N HIS A 335 17.08 8.99 51.95
CA HIS A 335 17.56 7.62 52.03
C HIS A 335 18.71 7.50 53.02
N THR A 336 19.03 6.27 53.38
CA THR A 336 20.11 5.98 54.31
C THR A 336 20.91 4.79 53.82
N MET A 337 22.24 4.87 53.98
CA MET A 337 23.09 3.76 53.59
C MET A 337 23.01 2.64 54.62
N PRO A 338 22.71 1.41 54.20
CA PRO A 338 22.56 0.28 55.14
C PRO A 338 23.86 -0.43 55.50
N ARG A 339 25.02 0.18 55.27
CA ARG A 339 26.29 -0.25 55.84
C ARG A 339 26.83 -1.52 55.18
N TRP A 340 26.03 -2.17 54.34
CA TRP A 340 26.52 -3.34 53.62
C TRP A 340 26.86 -3.03 52.16
N VAL A 341 26.04 -2.20 51.50
CA VAL A 341 26.36 -1.77 50.14
C VAL A 341 27.67 -1.00 50.13
N LYS A 342 27.84 -0.11 51.11
CA LYS A 342 29.09 0.63 51.25
C LYS A 342 30.29 -0.32 51.21
N THR A 343 30.36 -1.23 52.17
CA THR A 343 31.52 -2.10 52.25
C THR A 343 31.68 -2.95 50.99
N VAL A 344 30.61 -3.63 50.56
CA VAL A 344 30.77 -4.59 49.46
C VAL A 344 31.18 -3.86 48.18
N PHE A 345 30.42 -2.84 47.79
CA PHE A 345 30.74 -2.12 46.55
C PHE A 345 32.09 -1.44 46.66
N LEU A 346 32.22 -0.48 47.57
CA LEU A 346 33.41 0.37 47.60
C LEU A 346 34.67 -0.38 48.03
N LYS A 347 34.57 -1.63 48.49
CA LYS A 347 35.76 -2.38 48.85
C LYS A 347 36.05 -3.55 47.94
N LEU A 348 35.11 -3.96 47.09
CA LEU A 348 35.36 -5.07 46.18
C LEU A 348 35.25 -4.66 44.72
N LEU A 349 34.17 -3.99 44.33
CA LEU A 349 33.86 -3.87 42.90
C LEU A 349 34.88 -3.07 42.11
N PRO A 350 35.33 -1.89 42.55
CA PRO A 350 36.35 -1.17 41.76
C PRO A 350 37.63 -1.96 41.58
N GLN A 351 38.04 -2.75 42.58
CA GLN A 351 39.24 -3.57 42.46
C GLN A 351 39.07 -4.61 41.37
N VAL A 352 37.94 -5.33 41.38
CA VAL A 352 37.69 -6.35 40.37
C VAL A 352 37.56 -5.73 38.99
N LEU A 353 36.82 -4.64 38.89
CA LEU A 353 36.60 -3.95 37.62
C LEU A 353 37.76 -3.06 37.22
N LEU A 354 38.87 -3.09 37.94
CA LEU A 354 40.06 -2.29 37.66
C LEU A 354 39.73 -0.79 37.62
N MET A 355 38.76 -0.38 38.44
CA MET A 355 38.36 1.03 38.51
C MET A 355 39.17 1.83 39.51
N ARG A 356 40.02 1.18 40.30
CA ARG A 356 40.88 1.85 41.28
C ARG A 356 40.06 2.69 42.26
N PRO A 416 29.37 40.19 77.99
CA PRO A 416 29.46 41.54 77.42
C PRO A 416 29.14 41.57 75.93
N GLU A 417 30.14 41.85 75.10
CA GLU A 417 29.96 41.93 73.66
C GLU A 417 30.89 41.02 72.88
N LEU A 418 32.13 40.83 73.35
CA LEU A 418 33.06 39.96 72.64
C LEU A 418 32.58 38.52 72.63
N ALA A 419 31.98 38.06 73.74
CA ALA A 419 31.43 36.72 73.77
C ALA A 419 30.24 36.56 72.82
N ASP A 420 29.48 37.65 72.61
CA ASP A 420 28.35 37.59 71.68
C ASP A 420 28.83 37.38 70.25
N ILE A 421 29.92 38.06 69.86
CA ILE A 421 30.44 37.91 68.51
C ILE A 421 30.92 36.49 68.27
N LEU A 422 31.59 35.90 69.26
CA LEU A 422 32.04 34.52 69.14
C LEU A 422 30.87 33.56 68.98
N ASN A 423 29.77 33.81 69.70
CA ASN A 423 28.62 32.93 69.62
C ASN A 423 27.99 32.94 68.23
N GLU A 424 27.91 34.11 67.60
CA GLU A 424 27.37 34.18 66.25
C GLU A 424 28.36 33.69 65.20
N VAL A 425 29.65 33.91 65.42
CA VAL A 425 30.66 33.39 64.50
C VAL A 425 30.71 31.87 64.58
N GLN A 426 30.54 31.32 65.78
CA GLN A 426 30.58 29.87 65.96
C GLN A 426 29.50 29.18 65.15
N TYR A 427 28.32 29.80 65.04
CA TYR A 427 27.22 29.20 64.30
C TYR A 427 27.56 29.06 62.82
N ILE A 428 28.19 30.07 62.23
CA ILE A 428 28.49 30.04 60.80
C ILE A 428 29.44 28.90 60.49
N ALA A 429 30.48 28.73 61.30
CA ALA A 429 31.43 27.63 61.08
C ALA A 429 30.75 26.28 61.25
N ASN A 430 29.89 26.15 62.26
CA ASN A 430 29.19 24.88 62.47
C ASN A 430 28.25 24.56 61.32
N ARG A 431 27.63 25.59 60.72
CA ARG A 431 26.75 25.36 59.58
C ARG A 431 27.51 24.76 58.40
N PHE A 432 28.73 25.26 58.15
CA PHE A 432 29.53 24.72 57.05
C PHE A 432 30.00 23.29 57.35
N ARG A 433 30.30 22.99 58.61
CA ARG A 433 30.72 21.65 58.97
C ARG A 433 29.61 20.63 58.74
N SER A 434 28.36 21.01 59.04
CA SER A 434 27.25 20.09 58.81
C SER A 434 26.94 19.94 57.32
N GLN A 435 27.10 21.01 56.53
CA GLN A 435 26.85 20.92 55.11
C GLN A 435 27.86 20.02 54.41
N ASN A 436 29.14 20.12 54.79
CA ASN A 436 30.16 19.29 54.17
C ASN A 436 29.97 17.81 54.49
N GLU A 437 29.58 17.49 55.72
CA GLU A 437 29.31 16.11 56.09
C GLU A 437 28.16 15.54 55.26
N THR A 438 27.14 16.35 55.00
CA THR A 438 26.05 15.92 54.15
C THR A 438 26.52 15.68 52.72
N LYS A 439 27.40 16.55 52.22
CA LYS A 439 27.82 16.46 50.82
C LYS A 439 28.64 15.21 50.54
N GLU A 440 29.51 14.81 51.46
CA GLU A 440 30.36 13.66 51.21
C GLU A 440 29.54 12.37 51.15
N VAL A 441 28.43 12.30 51.90
CA VAL A 441 27.56 11.14 51.81
C VAL A 441 26.85 11.11 50.46
N GLU A 442 26.41 12.27 49.98
CA GLU A 442 25.73 12.34 48.69
C GLU A 442 26.66 11.93 47.55
N ASP A 443 27.95 12.28 47.66
CA ASP A 443 28.92 11.87 46.65
C ASP A 443 29.18 10.36 46.69
N ASP A 444 28.83 9.69 47.78
CA ASP A 444 28.96 8.24 47.83
C ASP A 444 27.87 7.54 47.04
N TRP A 445 26.66 8.11 47.01
CA TRP A 445 25.60 7.54 46.19
C TRP A 445 25.89 7.70 44.71
N LYS A 446 26.61 8.74 44.32
CA LYS A 446 26.95 8.94 42.92
C LYS A 446 28.03 7.98 42.44
N TYR A 447 28.91 7.55 43.35
CA TYR A 447 29.93 6.57 42.98
C TYR A 447 29.36 5.17 42.86
N VAL A 448 28.36 4.83 43.68
CA VAL A 448 27.74 3.51 43.60
C VAL A 448 27.07 3.33 42.24
N ALA A 449 26.37 4.36 41.76
CA ALA A 449 25.72 4.28 40.46
C ALA A 449 26.73 4.20 39.31
N MET A 450 27.95 4.69 39.52
CA MET A 450 28.99 4.56 38.49
C MET A 450 29.52 3.13 38.43
N VAL A 451 29.65 2.48 39.58
CA VAL A 451 30.14 1.10 39.62
C VAL A 451 29.08 0.16 39.02
N VAL A 452 27.81 0.37 39.36
CA VAL A 452 26.75 -0.48 38.84
C VAL A 452 26.67 -0.36 37.32
N ASP A 453 26.79 0.85 36.79
CA ASP A 453 26.69 1.04 35.35
C ASP A 453 27.83 0.33 34.62
N ARG A 454 29.05 0.40 35.15
CA ARG A 454 30.18 -0.26 34.50
C ARG A 454 30.11 -1.77 34.64
N VAL A 455 29.44 -2.27 35.69
CA VAL A 455 29.29 -3.71 35.85
C VAL A 455 28.49 -4.29 34.69
N PHE A 456 27.39 -3.63 34.32
CA PHE A 456 26.55 -4.12 33.24
C PHE A 456 27.14 -3.81 31.87
N LEU A 457 28.07 -2.86 31.77
CA LEU A 457 28.76 -2.65 30.50
C LEU A 457 29.64 -3.85 30.15
N TRP A 458 30.34 -4.40 31.15
CA TRP A 458 31.14 -5.60 30.91
C TRP A 458 30.26 -6.82 30.70
N VAL A 459 29.17 -6.92 31.46
CA VAL A 459 28.26 -8.06 31.31
C VAL A 459 27.62 -8.07 29.94
N PHE A 460 27.10 -6.91 29.50
CA PHE A 460 26.43 -6.84 28.21
C PHE A 460 27.37 -7.21 27.07
N ILE A 461 28.59 -6.67 27.10
CA ILE A 461 29.55 -6.98 26.04
C ILE A 461 29.89 -8.46 26.04
N ILE A 462 30.09 -9.05 27.22
CA ILE A 462 30.45 -10.46 27.30
C ILE A 462 29.27 -11.34 26.88
N VAL A 463 28.08 -11.05 27.39
CA VAL A 463 26.93 -11.91 27.12
C VAL A 463 26.46 -11.77 25.68
N CYS A 464 26.49 -10.55 25.14
CA CYS A 464 26.00 -10.32 23.78
C CYS A 464 26.87 -10.97 22.71
N VAL A 465 28.08 -11.42 23.05
CA VAL A 465 28.97 -11.98 22.05
C VAL A 465 29.11 -13.50 22.14
N PHE A 466 28.88 -14.11 23.31
CA PHE A 466 28.97 -15.56 23.38
C PHE A 466 27.65 -16.23 23.06
N GLY A 467 26.58 -15.46 22.88
CA GLY A 467 25.32 -15.98 22.39
C GLY A 467 25.18 -15.71 20.91
N THR A 468 25.69 -14.56 20.47
CA THR A 468 25.73 -14.26 19.04
C THR A 468 26.65 -15.24 18.31
N ALA A 469 27.81 -15.55 18.90
CA ALA A 469 28.72 -16.50 18.29
C ALA A 469 28.12 -17.89 18.19
N GLY A 470 27.14 -18.22 19.02
CA GLY A 470 26.45 -19.49 18.93
C GLY A 470 25.28 -19.44 17.98
N LEU A 471 24.48 -18.37 18.06
CA LEU A 471 23.34 -18.23 17.17
C LEU A 471 23.78 -18.03 15.72
N PHE A 472 24.52 -16.96 15.47
CA PHE A 472 25.03 -16.71 14.13
C PHE A 472 26.19 -17.66 13.83
N LEU A 473 26.13 -18.33 12.69
CA LEU A 473 27.14 -19.33 12.33
C LEU A 473 28.50 -18.68 12.02
N ALA B 24 -6.53 -48.68 -35.06
CA ALA B 24 -7.71 -48.45 -34.22
C ALA B 24 -8.98 -48.54 -35.04
N ASN B 25 -9.18 -49.68 -35.70
CA ASN B 25 -10.36 -49.85 -36.55
C ASN B 25 -11.64 -50.11 -35.75
N ALA B 26 -11.53 -50.73 -34.58
CA ALA B 26 -12.71 -50.99 -33.78
C ALA B 26 -13.23 -49.72 -33.09
N GLU B 27 -12.32 -48.90 -32.58
CA GLU B 27 -12.74 -47.72 -31.83
C GLU B 27 -13.50 -46.73 -32.71
N GLU B 28 -13.05 -46.55 -33.96
CA GLU B 28 -13.70 -45.60 -34.84
C GLU B 28 -15.14 -46.02 -35.15
N LYS B 29 -15.34 -47.28 -35.51
CA LYS B 29 -16.69 -47.76 -35.82
C LYS B 29 -17.57 -47.73 -34.58
N LEU B 30 -17.01 -48.12 -33.43
CA LEU B 30 -17.78 -48.02 -32.18
C LEU B 30 -18.25 -46.60 -31.92
N MET B 31 -17.33 -45.64 -31.96
CA MET B 31 -17.69 -44.26 -31.64
C MET B 31 -18.68 -43.70 -32.65
N ASP B 32 -18.44 -43.95 -33.94
CA ASP B 32 -19.33 -43.42 -34.97
C ASP B 32 -20.73 -43.99 -34.82
N ASP B 33 -20.84 -45.32 -34.71
CA ASP B 33 -22.16 -45.93 -34.56
C ASP B 33 -22.85 -45.38 -33.32
N LEU B 34 -22.18 -45.44 -32.17
CA LEU B 34 -22.82 -45.10 -30.90
C LEU B 34 -23.25 -43.64 -30.86
N LEU B 35 -22.42 -42.73 -31.37
CA LEU B 35 -22.70 -41.31 -31.24
C LEU B 35 -23.35 -40.69 -32.46
N ASN B 36 -23.57 -41.45 -33.53
CA ASN B 36 -24.23 -40.91 -34.71
C ASN B 36 -25.50 -41.64 -35.09
N LYS B 37 -25.47 -42.98 -35.14
CA LYS B 37 -26.62 -43.71 -35.66
C LYS B 37 -27.85 -43.52 -34.78
N THR B 38 -27.66 -43.55 -33.46
CA THR B 38 -28.76 -43.27 -32.55
C THR B 38 -29.12 -41.79 -32.54
N ARG B 39 -28.24 -40.93 -33.06
CA ARG B 39 -28.40 -39.47 -32.96
C ARG B 39 -28.55 -39.06 -31.49
N TYR B 40 -27.69 -39.64 -30.64
CA TYR B 40 -27.72 -39.40 -29.21
C TYR B 40 -27.53 -37.92 -28.90
N ASN B 41 -28.57 -37.30 -28.36
CA ASN B 41 -28.57 -35.88 -28.05
C ASN B 41 -28.20 -35.68 -26.59
N ASN B 42 -27.19 -34.84 -26.34
CA ASN B 42 -26.72 -34.59 -24.98
C ASN B 42 -27.50 -33.45 -24.32
N LEU B 43 -28.83 -33.54 -24.41
CA LEU B 43 -29.69 -32.53 -23.79
C LEU B 43 -30.87 -33.15 -23.04
N ILE B 44 -30.90 -34.48 -22.90
CA ILE B 44 -32.01 -35.19 -22.29
C ILE B 44 -31.46 -36.04 -21.15
N ARG B 45 -32.06 -35.91 -19.98
CA ARG B 45 -31.65 -36.73 -18.84
C ARG B 45 -32.09 -38.17 -19.06
N PRO B 46 -31.18 -39.14 -18.95
CA PRO B 46 -31.57 -40.54 -19.20
C PRO B 46 -32.60 -41.02 -18.19
N ALA B 47 -33.78 -41.37 -18.70
CA ALA B 47 -34.87 -41.86 -17.86
C ALA B 47 -35.93 -42.54 -18.70
N THR B 48 -36.31 -43.77 -18.35
CA THR B 48 -37.32 -44.53 -19.06
C THR B 48 -38.36 -45.06 -18.09
N SER B 49 -38.83 -44.20 -17.21
CA SER B 49 -39.84 -44.55 -16.22
C SER B 49 -40.60 -43.28 -15.83
N SER B 50 -41.47 -43.40 -14.83
CA SER B 50 -42.27 -42.26 -14.41
C SER B 50 -41.38 -41.15 -13.86
N SER B 51 -40.50 -41.47 -12.91
CA SER B 51 -39.58 -40.50 -12.34
C SER B 51 -38.14 -40.82 -12.67
N GLN B 52 -37.68 -42.03 -12.33
CA GLN B 52 -36.31 -42.48 -12.61
C GLN B 52 -35.27 -41.46 -12.12
N LEU B 53 -35.25 -41.29 -10.80
CA LEU B 53 -34.28 -40.38 -10.19
C LEU B 53 -32.88 -40.93 -10.41
N ILE B 54 -32.11 -40.29 -11.29
CA ILE B 54 -30.76 -40.75 -11.59
C ILE B 54 -29.81 -40.21 -10.53
N SER B 55 -29.25 -41.11 -9.73
CA SER B 55 -28.42 -40.73 -8.61
C SER B 55 -27.00 -40.43 -9.07
N ILE B 56 -26.38 -39.44 -8.42
CA ILE B 56 -25.05 -38.96 -8.79
C ILE B 56 -24.15 -39.13 -7.57
N LYS B 57 -23.26 -40.11 -7.60
CA LYS B 57 -22.32 -40.29 -6.51
C LYS B 57 -21.24 -39.21 -6.55
N LEU B 58 -20.80 -38.79 -5.37
CA LEU B 58 -19.79 -37.74 -5.25
C LEU B 58 -18.72 -38.17 -4.25
N GLN B 59 -17.47 -37.84 -4.54
CA GLN B 59 -16.36 -38.06 -3.61
C GLN B 59 -15.31 -37.00 -3.88
N LEU B 60 -15.34 -35.93 -3.10
CA LEU B 60 -14.32 -34.90 -3.22
C LEU B 60 -12.96 -35.44 -2.78
N SER B 61 -11.91 -34.96 -3.45
CA SER B 61 -10.54 -35.37 -3.16
C SER B 61 -9.67 -34.13 -3.11
N LEU B 62 -9.11 -33.84 -1.94
CA LEU B 62 -8.23 -32.70 -1.78
C LEU B 62 -6.88 -32.96 -2.42
N ALA B 63 -6.21 -31.88 -2.84
CA ALA B 63 -4.85 -31.97 -3.34
C ALA B 63 -3.87 -31.06 -2.62
N GLN B 64 -4.29 -29.84 -2.28
CA GLN B 64 -3.44 -28.91 -1.55
C GLN B 64 -4.24 -27.73 -1.02
N LEU B 65 -4.09 -27.42 0.26
CA LEU B 65 -4.70 -26.22 0.84
C LEU B 65 -3.82 -25.02 0.51
N ILE B 66 -4.28 -24.17 -0.40
CA ILE B 66 -3.44 -23.09 -0.89
C ILE B 66 -3.28 -22.01 0.17
N SER B 67 -4.39 -21.37 0.54
CA SER B 67 -4.32 -20.24 1.47
C SER B 67 -5.71 -19.96 2.05
N VAL B 68 -5.71 -19.35 3.22
CA VAL B 68 -6.92 -18.84 3.86
C VAL B 68 -6.68 -17.37 4.16
N ASN B 69 -7.55 -16.50 3.63
CA ASN B 69 -7.42 -15.06 3.81
C ASN B 69 -8.43 -14.62 4.87
N GLU B 70 -7.91 -14.22 6.03
CA GLU B 70 -8.77 -13.83 7.15
C GLU B 70 -9.28 -12.39 7.04
N ARG B 71 -8.75 -11.60 6.10
CA ARG B 71 -9.22 -10.24 5.95
C ARG B 71 -10.49 -10.18 5.10
N GLU B 72 -10.49 -10.90 3.97
CA GLU B 72 -11.66 -10.98 3.11
C GLU B 72 -12.50 -12.24 3.33
N GLN B 73 -12.09 -13.10 4.26
CA GLN B 73 -12.83 -14.31 4.63
C GLN B 73 -13.05 -15.22 3.41
N ILE B 74 -11.97 -15.45 2.66
CA ILE B 74 -12.01 -16.26 1.45
C ILE B 74 -10.89 -17.29 1.54
N MET B 75 -11.23 -18.54 1.24
CA MET B 75 -10.30 -19.65 1.33
C MET B 75 -10.20 -20.35 -0.03
N THR B 76 -8.97 -20.68 -0.44
CA THR B 76 -8.68 -21.22 -1.76
C THR B 76 -8.14 -22.64 -1.64
N THR B 77 -8.67 -23.55 -2.45
CA THR B 77 -8.27 -24.95 -2.39
C THR B 77 -7.92 -25.52 -3.76
N ASN B 78 -7.66 -26.83 -3.80
CA ASN B 78 -7.29 -27.54 -5.01
C ASN B 78 -7.87 -28.96 -4.89
N VAL B 79 -9.02 -29.18 -5.51
CA VAL B 79 -9.78 -30.41 -5.29
C VAL B 79 -10.03 -31.09 -6.63
N TRP B 80 -10.33 -32.39 -6.56
CA TRP B 80 -10.72 -33.20 -7.71
C TRP B 80 -12.09 -33.81 -7.42
N LEU B 81 -13.14 -33.12 -7.81
CA LEU B 81 -14.49 -33.66 -7.65
C LEU B 81 -14.69 -34.85 -8.58
N LYS B 82 -15.38 -35.87 -8.08
CA LYS B 82 -15.62 -37.10 -8.82
C LYS B 82 -17.11 -37.37 -8.89
N GLN B 83 -17.62 -37.65 -10.07
CA GLN B 83 -19.03 -37.91 -10.29
C GLN B 83 -19.20 -39.19 -11.09
N GLU B 84 -20.17 -40.01 -10.70
CA GLU B 84 -20.45 -41.27 -11.40
C GLU B 84 -21.96 -41.48 -11.46
N TRP B 85 -22.49 -41.64 -12.67
CA TRP B 85 -23.88 -42.04 -12.85
C TRP B 85 -23.97 -43.21 -13.81
N THR B 86 -25.18 -43.58 -14.22
CA THR B 86 -25.40 -44.70 -15.13
C THR B 86 -26.29 -44.25 -16.27
N ASP B 87 -25.71 -44.15 -17.46
CA ASP B 87 -26.43 -43.77 -18.67
C ASP B 87 -26.80 -45.03 -19.43
N TYR B 88 -28.09 -45.24 -19.65
CA TYR B 88 -28.57 -46.47 -20.28
C TYR B 88 -28.49 -46.43 -21.80
N ARG B 89 -28.09 -45.31 -22.39
CA ARG B 89 -27.99 -45.18 -23.84
C ARG B 89 -26.60 -45.51 -24.36
N LEU B 90 -25.65 -45.87 -23.51
CA LEU B 90 -24.29 -46.19 -23.91
C LEU B 90 -23.95 -47.58 -23.39
N THR B 91 -24.36 -48.60 -24.15
CA THR B 91 -24.13 -50.00 -23.78
C THR B 91 -23.99 -50.80 -25.07
N TRP B 92 -22.76 -51.10 -25.45
CA TRP B 92 -22.52 -51.94 -26.61
C TRP B 92 -22.41 -53.40 -26.15
N ASN B 93 -22.00 -54.29 -27.05
CA ASN B 93 -21.94 -55.72 -26.75
C ASN B 93 -20.56 -56.16 -26.27
N SER B 94 -19.50 -55.46 -26.68
CA SER B 94 -18.12 -55.70 -26.28
C SER B 94 -17.57 -57.05 -26.76
N SER B 95 -18.23 -57.70 -27.69
CA SER B 95 -17.66 -58.87 -28.36
C SER B 95 -17.81 -58.70 -29.86
N ARG B 96 -18.87 -58.00 -30.28
CA ARG B 96 -19.04 -57.69 -31.68
C ARG B 96 -18.04 -56.64 -32.14
N TYR B 97 -17.71 -55.69 -31.27
CA TYR B 97 -16.70 -54.67 -31.55
C TYR B 97 -15.32 -55.11 -31.06
N GLU B 98 -14.92 -56.34 -31.40
CA GLU B 98 -13.57 -56.84 -31.16
C GLU B 98 -13.13 -56.65 -29.69
N GLY B 99 -14.08 -56.46 -28.79
CA GLY B 99 -13.77 -56.36 -27.38
C GLY B 99 -13.01 -55.12 -26.95
N VAL B 100 -13.65 -53.95 -27.01
CA VAL B 100 -13.01 -52.71 -26.58
C VAL B 100 -13.15 -52.49 -25.08
N ASN B 101 -14.33 -52.73 -24.52
CA ASN B 101 -14.62 -52.79 -23.08
C ASN B 101 -14.50 -51.45 -22.37
N ILE B 102 -14.07 -50.39 -23.05
CA ILE B 102 -13.86 -49.10 -22.39
C ILE B 102 -13.78 -48.01 -23.46
N LEU B 103 -14.01 -46.77 -23.05
CA LEU B 103 -14.00 -45.64 -23.98
C LEU B 103 -13.53 -44.39 -23.26
N ARG B 104 -13.16 -43.39 -24.05
CA ARG B 104 -12.65 -42.10 -23.56
C ARG B 104 -13.32 -40.95 -24.29
N ILE B 105 -14.64 -40.98 -24.35
CA ILE B 105 -15.39 -39.93 -25.05
C ILE B 105 -15.12 -38.58 -24.39
N PRO B 106 -14.88 -37.52 -25.16
CA PRO B 106 -14.69 -36.19 -24.55
C PRO B 106 -15.96 -35.69 -23.89
N ALA B 107 -15.79 -34.70 -23.01
CA ALA B 107 -16.85 -34.30 -22.10
C ALA B 107 -18.06 -33.74 -22.84
N LYS B 108 -17.84 -32.89 -23.84
CA LYS B 108 -18.96 -32.19 -24.45
C LYS B 108 -19.65 -33.05 -25.50
N ARG B 109 -19.96 -34.30 -25.14
CA ARG B 109 -20.79 -35.17 -25.96
C ARG B 109 -21.76 -36.00 -25.12
N ILE B 110 -21.68 -35.91 -23.79
CA ILE B 110 -22.43 -36.76 -22.88
C ILE B 110 -23.29 -35.86 -22.00
N TRP B 111 -24.50 -36.32 -21.71
CA TRP B 111 -25.35 -35.60 -20.75
C TRP B 111 -24.66 -35.50 -19.39
N LEU B 112 -24.73 -34.33 -18.78
CA LEU B 112 -24.08 -34.06 -17.51
C LEU B 112 -25.09 -33.49 -16.52
N PRO B 113 -24.86 -33.68 -15.22
CA PRO B 113 -25.81 -33.18 -14.22
C PRO B 113 -25.55 -31.76 -13.72
N ASP B 114 -24.43 -31.14 -14.10
CA ASP B 114 -24.12 -29.74 -13.78
C ASP B 114 -24.13 -29.50 -12.27
N ILE B 115 -23.17 -30.14 -11.60
CA ILE B 115 -22.95 -29.94 -10.17
C ILE B 115 -21.88 -28.88 -9.98
N VAL B 116 -22.22 -27.80 -9.28
CA VAL B 116 -21.32 -26.67 -9.12
C VAL B 116 -21.34 -26.19 -7.68
N LEU B 117 -20.27 -25.49 -7.28
CA LEU B 117 -20.21 -24.89 -5.96
C LEU B 117 -21.25 -23.78 -5.84
N TYR B 118 -21.96 -23.76 -4.72
CA TYR B 118 -23.09 -22.85 -4.54
C TYR B 118 -22.84 -21.75 -3.52
N ASN B 119 -21.60 -21.57 -3.09
CA ASN B 119 -21.25 -20.45 -2.21
C ASN B 119 -19.95 -19.80 -2.67
N ASN B 120 -19.81 -19.59 -3.98
CA ASN B 120 -18.59 -19.03 -4.53
C ASN B 120 -18.39 -17.60 -4.05
N ALA B 121 -17.13 -17.15 -4.07
CA ALA B 121 -16.78 -15.83 -3.59
C ALA B 121 -16.91 -14.77 -4.68
N ASP B 122 -16.18 -14.94 -5.80
CA ASP B 122 -16.20 -13.95 -6.86
C ASP B 122 -17.59 -13.83 -7.48
N GLY B 123 -18.27 -14.96 -7.68
CA GLY B 123 -19.63 -14.93 -8.19
C GLY B 123 -19.94 -15.98 -9.22
N THR B 124 -18.94 -16.40 -9.99
CA THR B 124 -19.16 -17.39 -11.03
C THR B 124 -19.39 -18.78 -10.41
N TYR B 125 -20.07 -19.63 -11.16
CA TYR B 125 -20.38 -20.99 -10.73
C TYR B 125 -19.71 -22.06 -11.58
N GLU B 126 -19.20 -21.72 -12.75
CA GLU B 126 -18.79 -22.72 -13.73
C GLU B 126 -17.62 -23.55 -13.22
N VAL B 127 -17.53 -24.78 -13.74
CA VAL B 127 -16.46 -25.70 -13.37
C VAL B 127 -15.24 -25.43 -14.23
N SER B 128 -14.11 -26.01 -13.83
CA SER B 128 -12.84 -25.80 -14.51
C SER B 128 -12.72 -26.68 -15.75
N VAL B 129 -11.49 -26.85 -16.25
CA VAL B 129 -11.23 -27.45 -17.55
C VAL B 129 -12.04 -28.73 -17.75
N TYR B 130 -12.55 -28.92 -18.96
CA TYR B 130 -13.30 -30.10 -19.34
C TYR B 130 -12.35 -31.13 -19.92
N THR B 131 -12.30 -32.31 -19.30
CA THR B 131 -11.44 -33.40 -19.75
C THR B 131 -12.31 -34.56 -20.25
N ASN B 132 -11.65 -35.64 -20.63
CA ASN B 132 -12.37 -36.83 -21.08
C ASN B 132 -13.04 -37.53 -19.91
N LEU B 133 -14.08 -38.29 -20.21
CA LEU B 133 -14.80 -39.07 -19.22
C LEU B 133 -14.88 -40.52 -19.70
N ILE B 134 -14.54 -41.45 -18.80
CA ILE B 134 -14.49 -42.86 -19.16
C ILE B 134 -15.89 -43.45 -19.10
N VAL B 135 -16.28 -44.13 -20.18
CA VAL B 135 -17.56 -44.82 -20.27
C VAL B 135 -17.28 -46.32 -20.30
N ARG B 136 -17.80 -47.04 -19.31
CA ARG B 136 -17.61 -48.48 -19.24
C ARG B 136 -18.60 -49.17 -20.16
N SER B 137 -18.53 -50.51 -20.21
CA SER B 137 -19.33 -51.28 -21.14
C SER B 137 -20.73 -51.58 -20.65
N ASN B 138 -21.05 -51.25 -19.39
CA ASN B 138 -22.39 -51.45 -18.86
C ASN B 138 -23.15 -50.15 -18.66
N GLY B 139 -22.60 -49.02 -19.11
CA GLY B 139 -23.29 -47.75 -19.05
C GLY B 139 -22.78 -46.78 -17.99
N SER B 140 -21.72 -47.10 -17.28
CA SER B 140 -21.23 -46.22 -16.24
C SER B 140 -20.43 -45.06 -16.83
N VAL B 141 -20.31 -43.99 -16.04
CA VAL B 141 -19.53 -42.81 -16.40
C VAL B 141 -18.75 -42.37 -15.18
N LEU B 142 -17.51 -41.93 -15.39
CA LEU B 142 -16.59 -41.62 -14.30
C LEU B 142 -15.90 -40.28 -14.54
N TRP B 143 -16.68 -39.24 -14.80
CA TRP B 143 -16.11 -37.91 -14.96
C TRP B 143 -15.36 -37.48 -13.71
N LEU B 144 -14.24 -36.78 -13.90
CA LEU B 144 -13.38 -36.37 -12.79
C LEU B 144 -12.60 -35.13 -13.22
N PRO B 145 -13.20 -33.95 -13.12
CA PRO B 145 -12.54 -32.74 -13.57
C PRO B 145 -11.76 -32.08 -12.46
N PRO B 146 -10.53 -31.64 -12.72
CA PRO B 146 -9.80 -30.85 -11.73
C PRO B 146 -10.41 -29.47 -11.59
N ALA B 147 -10.20 -28.86 -10.42
CA ALA B 147 -10.77 -27.56 -10.15
C ALA B 147 -9.96 -26.86 -9.07
N ILE B 148 -10.12 -25.54 -9.00
CA ILE B 148 -9.51 -24.71 -7.97
C ILE B 148 -10.58 -23.70 -7.53
N TYR B 149 -11.14 -23.90 -6.35
CA TYR B 149 -12.28 -23.12 -5.88
C TYR B 149 -11.83 -22.00 -4.95
N LYS B 150 -12.72 -21.04 -4.74
CA LYS B 150 -12.52 -19.94 -3.80
C LYS B 150 -13.83 -19.77 -3.03
N SER B 151 -13.97 -20.47 -1.92
CA SER B 151 -15.21 -20.47 -1.15
C SER B 151 -15.31 -19.20 -0.32
N ALA B 152 -16.38 -19.11 0.47
CA ALA B 152 -16.64 -17.96 1.34
C ALA B 152 -16.83 -18.48 2.76
N CYS B 153 -15.82 -18.29 3.60
CA CYS B 153 -15.83 -18.76 4.97
C CYS B 153 -16.21 -17.63 5.93
N LYS B 154 -16.56 -18.03 7.15
CA LYS B 154 -16.82 -17.09 8.25
C LYS B 154 -15.71 -17.31 9.28
N ILE B 155 -14.75 -16.39 9.31
CA ILE B 155 -13.58 -16.51 10.17
C ILE B 155 -13.92 -15.99 11.55
N GLU B 156 -13.71 -16.81 12.57
CA GLU B 156 -13.86 -16.40 13.96
C GLU B 156 -12.49 -16.03 14.50
N VAL B 157 -12.41 -14.86 15.13
CA VAL B 157 -11.16 -14.32 15.66
C VAL B 157 -11.39 -13.94 17.11
N LYS B 158 -11.12 -14.87 18.02
CA LYS B 158 -11.18 -14.59 19.45
C LYS B 158 -9.96 -15.09 20.20
N TYR B 159 -9.22 -16.05 19.66
CA TYR B 159 -7.96 -16.55 20.21
C TYR B 159 -6.90 -16.55 19.11
N PHE B 160 -6.76 -15.41 18.43
CA PHE B 160 -6.21 -15.37 17.09
C PHE B 160 -4.93 -16.18 16.86
N PRO B 161 -3.90 -16.11 17.72
CA PRO B 161 -2.74 -16.98 17.48
C PRO B 161 -3.07 -18.46 17.52
N PHE B 162 -4.00 -18.87 18.39
CA PHE B 162 -4.39 -20.27 18.56
C PHE B 162 -5.89 -20.38 18.25
N ASP B 163 -6.24 -20.54 16.98
CA ASP B 163 -7.65 -20.60 16.59
C ASP B 163 -7.89 -21.78 15.66
N GLN B 164 -9.13 -22.27 15.69
CA GLN B 164 -9.56 -23.39 14.87
C GLN B 164 -10.79 -22.96 14.09
N GLN B 165 -10.74 -23.09 12.77
CA GLN B 165 -11.79 -22.58 11.90
C GLN B 165 -12.69 -23.71 11.41
N ASN B 166 -13.72 -23.33 10.66
CA ASN B 166 -14.73 -24.27 10.19
C ASN B 166 -15.27 -23.72 8.87
N CYS B 167 -14.72 -24.21 7.76
CA CYS B 167 -15.06 -23.72 6.43
C CYS B 167 -15.78 -24.81 5.64
N THR B 168 -16.80 -24.43 4.89
CA THR B 168 -17.66 -25.38 4.19
C THR B 168 -17.55 -25.20 2.69
N LEU B 169 -17.94 -26.26 1.98
CA LEU B 169 -18.03 -26.26 0.52
C LEU B 169 -19.34 -26.92 0.15
N LYS B 170 -20.29 -26.13 -0.36
CA LYS B 170 -21.63 -26.60 -0.65
C LYS B 170 -21.80 -26.77 -2.15
N PHE B 171 -22.17 -27.98 -2.57
CA PHE B 171 -22.34 -28.32 -3.98
C PHE B 171 -23.81 -28.54 -4.27
N ARG B 172 -24.32 -27.85 -5.30
CA ARG B 172 -25.71 -27.94 -5.69
C ARG B 172 -25.82 -28.09 -7.20
N SER B 173 -26.93 -28.67 -7.64
CA SER B 173 -27.17 -28.84 -9.07
C SER B 173 -27.61 -27.52 -9.69
N TRP B 174 -26.94 -27.12 -10.77
CA TRP B 174 -27.17 -25.85 -11.43
C TRP B 174 -28.32 -25.90 -12.43
N THR B 175 -28.78 -27.09 -12.82
CA THR B 175 -29.82 -27.22 -13.82
C THR B 175 -31.06 -27.94 -13.29
N TYR B 176 -30.89 -29.08 -12.63
CA TYR B 176 -31.99 -29.90 -12.17
C TYR B 176 -32.12 -29.81 -10.65
N ASP B 177 -33.02 -30.61 -10.11
CA ASP B 177 -33.27 -30.70 -8.67
C ASP B 177 -33.89 -32.07 -8.39
N HIS B 178 -34.43 -32.25 -7.19
CA HIS B 178 -35.21 -33.44 -6.94
C HIS B 178 -36.39 -33.51 -7.90
N THR B 179 -36.94 -34.72 -8.04
CA THR B 179 -37.84 -35.16 -9.10
C THR B 179 -37.13 -35.27 -10.44
N GLU B 180 -35.85 -34.91 -10.51
CA GLU B 180 -35.04 -35.09 -11.71
C GLU B 180 -33.73 -35.82 -11.44
N ILE B 181 -33.07 -35.55 -10.30
CA ILE B 181 -31.85 -36.23 -9.88
C ILE B 181 -31.93 -36.48 -8.37
N ASP B 182 -30.90 -37.13 -7.83
CA ASP B 182 -30.81 -37.35 -6.40
C ASP B 182 -29.34 -37.54 -6.05
N MET B 183 -28.71 -36.52 -5.50
CA MET B 183 -27.30 -36.60 -5.14
C MET B 183 -27.11 -37.54 -3.95
N VAL B 184 -25.90 -38.09 -3.85
CA VAL B 184 -25.58 -39.06 -2.80
C VAL B 184 -24.06 -39.12 -2.66
N LEU B 185 -23.59 -39.61 -1.53
CA LEU B 185 -22.18 -39.75 -1.24
C LEU B 185 -21.77 -41.22 -1.30
N MET B 186 -20.47 -41.45 -1.48
CA MET B 186 -19.91 -42.79 -1.45
C MET B 186 -18.95 -43.03 -0.31
N THR B 187 -18.43 -41.98 0.32
CA THR B 187 -17.53 -42.10 1.46
C THR B 187 -17.87 -40.96 2.41
N PRO B 188 -18.02 -41.23 3.71
CA PRO B 188 -18.38 -40.16 4.64
C PRO B 188 -17.18 -39.32 5.08
N THR B 189 -16.34 -38.94 4.12
CA THR B 189 -15.16 -38.13 4.37
C THR B 189 -14.52 -37.79 3.04
N ALA B 190 -13.64 -36.78 3.06
CA ALA B 190 -12.86 -36.42 1.90
C ALA B 190 -11.54 -37.19 1.88
N SER B 191 -11.06 -37.49 0.68
CA SER B 191 -9.86 -38.28 0.49
C SER B 191 -8.67 -37.38 0.25
N MET B 192 -7.55 -37.68 0.92
CA MET B 192 -6.34 -36.85 0.76
C MET B 192 -5.60 -37.19 -0.52
N ASP B 193 -5.13 -38.43 -0.64
CA ASP B 193 -4.40 -38.91 -1.82
C ASP B 193 -3.18 -38.02 -2.02
N ASP B 194 -3.03 -37.35 -3.16
CA ASP B 194 -1.87 -36.51 -3.44
C ASP B 194 -2.01 -35.21 -2.68
N PHE B 195 -1.44 -35.17 -1.48
CA PHE B 195 -1.52 -34.01 -0.60
C PHE B 195 -0.13 -33.50 -0.25
N THR B 196 0.07 -32.19 -0.38
CA THR B 196 1.31 -31.55 0.06
C THR B 196 1.03 -30.72 1.30
N PRO B 197 1.57 -31.10 2.45
CA PRO B 197 1.23 -30.39 3.69
C PRO B 197 1.63 -28.93 3.64
N SER B 198 0.80 -28.08 4.24
CA SER B 198 1.08 -26.66 4.36
C SER B 198 1.81 -26.36 5.67
N GLY B 199 2.41 -25.18 5.74
CA GLY B 199 3.17 -24.79 6.91
C GLY B 199 2.39 -23.95 7.90
N GLU B 200 1.22 -23.44 7.49
CA GLU B 200 0.41 -22.58 8.33
C GLU B 200 -0.71 -23.33 9.04
N TRP B 201 -1.47 -24.14 8.29
CA TRP B 201 -2.62 -24.86 8.82
C TRP B 201 -2.38 -26.36 8.74
N ASP B 202 -2.98 -27.10 9.67
CA ASP B 202 -2.94 -28.55 9.65
C ASP B 202 -4.37 -29.10 9.67
N ILE B 203 -4.60 -30.15 8.88
CA ILE B 203 -5.94 -30.71 8.73
C ILE B 203 -6.32 -31.48 9.97
N VAL B 204 -7.53 -31.24 10.47
CA VAL B 204 -8.04 -31.96 11.64
C VAL B 204 -8.99 -33.05 11.19
N ALA B 205 -10.02 -32.69 10.43
CA ALA B 205 -10.97 -33.66 9.92
C ALA B 205 -11.67 -33.08 8.70
N LEU B 206 -12.27 -33.96 7.90
CA LEU B 206 -12.99 -33.57 6.68
C LEU B 206 -14.27 -34.38 6.57
N PRO B 207 -15.29 -34.03 7.36
CA PRO B 207 -16.57 -34.75 7.27
C PRO B 207 -17.39 -34.31 6.07
N GLY B 208 -18.33 -35.16 5.70
CA GLY B 208 -19.26 -34.86 4.62
C GLY B 208 -20.67 -35.27 4.99
N ARG B 209 -21.63 -34.49 4.52
CA ARG B 209 -23.02 -34.71 4.91
C ARG B 209 -23.95 -34.21 3.81
N ARG B 210 -25.08 -34.88 3.66
CA ARG B 210 -26.09 -34.54 2.66
C ARG B 210 -27.26 -33.86 3.35
N THR B 211 -27.63 -32.68 2.86
CA THR B 211 -28.69 -31.88 3.45
C THR B 211 -29.95 -31.98 2.60
N VAL B 212 -31.04 -32.45 3.20
CA VAL B 212 -32.33 -32.50 2.55
C VAL B 212 -33.38 -31.99 3.54
N ASN B 213 -34.25 -31.09 3.06
CA ASN B 213 -35.28 -30.52 3.91
C ASN B 213 -36.58 -31.28 3.71
N PRO B 214 -37.09 -32.00 4.72
CA PRO B 214 -38.29 -32.80 4.50
C PRO B 214 -39.59 -32.02 4.63
N GLN B 215 -39.63 -30.83 4.02
CA GLN B 215 -40.89 -30.15 3.75
C GLN B 215 -40.89 -29.40 2.43
N ASP B 216 -39.74 -29.16 1.82
CA ASP B 216 -39.64 -28.57 0.48
C ASP B 216 -38.93 -29.57 -0.42
N PRO B 217 -39.66 -30.32 -1.23
CA PRO B 217 -39.01 -31.41 -2.00
C PRO B 217 -37.93 -30.93 -2.95
N SER B 218 -38.07 -29.73 -3.52
CA SER B 218 -37.14 -29.26 -4.54
C SER B 218 -35.90 -28.63 -3.89
N TYR B 219 -35.13 -29.48 -3.22
CA TYR B 219 -33.90 -29.04 -2.57
C TYR B 219 -33.05 -30.24 -2.21
N VAL B 220 -31.76 -30.17 -2.55
CA VAL B 220 -30.79 -31.19 -2.17
C VAL B 220 -29.38 -30.64 -2.38
N ASP B 221 -28.45 -31.02 -1.51
CA ASP B 221 -27.07 -30.56 -1.64
C ASP B 221 -26.16 -31.51 -0.86
N VAL B 222 -24.86 -31.34 -1.06
CA VAL B 222 -23.84 -32.09 -0.34
C VAL B 222 -22.81 -31.09 0.17
N THR B 223 -22.55 -31.12 1.48
CA THR B 223 -21.67 -30.15 2.11
C THR B 223 -20.47 -30.85 2.72
N TYR B 224 -19.27 -30.34 2.44
CA TYR B 224 -18.02 -30.83 3.00
C TYR B 224 -17.47 -29.79 3.96
N ASP B 225 -17.15 -30.21 5.17
CA ASP B 225 -16.65 -29.33 6.21
C ASP B 225 -15.13 -29.40 6.26
N PHE B 226 -14.47 -28.25 6.10
CA PHE B 226 -13.03 -28.14 6.22
C PHE B 226 -12.71 -27.58 7.60
N ILE B 227 -12.29 -28.44 8.51
CA ILE B 227 -11.91 -28.04 9.86
C ILE B 227 -10.39 -27.96 9.91
N ILE B 228 -9.87 -26.78 10.25
CA ILE B 228 -8.44 -26.52 10.22
C ILE B 228 -8.01 -25.86 11.52
N LYS B 229 -6.70 -25.89 11.77
CA LYS B 229 -6.12 -25.32 12.98
C LYS B 229 -4.79 -24.67 12.61
N ARG B 230 -4.51 -23.50 13.19
CA ARG B 230 -3.31 -22.77 12.83
C ARG B 230 -2.09 -23.31 13.57
N LYS B 231 -0.91 -23.07 12.97
CA LYS B 231 0.35 -23.34 13.64
C LYS B 231 0.90 -22.02 14.16
N PRO B 232 1.00 -21.84 15.48
CA PRO B 232 1.13 -20.49 16.05
C PRO B 232 2.55 -20.02 16.31
N LEU B 233 3.59 -20.70 15.82
CA LEU B 233 4.95 -20.29 16.15
C LEU B 233 5.30 -18.93 15.57
N PHE B 234 4.79 -18.62 14.37
CA PHE B 234 5.13 -17.36 13.73
C PHE B 234 4.64 -16.17 14.52
N TYR B 235 3.35 -16.16 14.87
CA TYR B 235 2.76 -15.04 15.58
C TYR B 235 3.04 -15.07 17.07
N THR B 236 3.68 -16.12 17.57
CA THR B 236 4.20 -16.12 18.93
C THR B 236 5.61 -15.56 18.99
N ILE B 237 6.45 -15.92 18.01
CA ILE B 237 7.77 -15.32 17.90
C ILE B 237 7.65 -13.82 17.66
N ASN B 238 6.76 -13.42 16.74
CA ASN B 238 6.48 -12.02 16.53
C ASN B 238 5.26 -11.62 17.38
N LEU B 239 4.85 -10.36 17.25
CA LEU B 239 3.60 -9.87 17.81
C LEU B 239 3.46 -10.09 19.32
N ILE B 240 3.24 -11.34 19.73
CA ILE B 240 2.86 -11.61 21.11
C ILE B 240 4.00 -11.27 22.07
N ILE B 241 5.21 -11.74 21.77
CA ILE B 241 6.34 -11.48 22.65
C ILE B 241 6.69 -10.00 22.71
N PRO B 242 6.81 -9.26 21.59
CA PRO B 242 7.04 -7.82 21.70
C PRO B 242 5.96 -7.08 22.45
N CYS B 243 4.69 -7.51 22.33
CA CYS B 243 3.62 -6.86 23.08
C CYS B 243 3.84 -7.00 24.58
N VAL B 244 4.21 -8.20 25.03
CA VAL B 244 4.49 -8.41 26.45
C VAL B 244 5.71 -7.60 26.88
N LEU B 245 6.75 -7.55 26.03
CA LEU B 245 7.95 -6.79 26.37
C LEU B 245 7.64 -5.32 26.55
N THR B 246 6.84 -4.74 25.65
CA THR B 246 6.51 -3.32 25.76
C THR B 246 5.43 -3.04 26.81
N THR B 247 4.65 -4.06 27.20
CA THR B 247 3.71 -3.89 28.30
C THR B 247 4.41 -3.91 29.66
N LEU B 248 5.45 -4.73 29.80
CA LEU B 248 6.18 -4.80 31.06
C LEU B 248 6.94 -3.52 31.37
N LEU B 249 7.08 -2.61 30.42
CA LEU B 249 7.79 -1.35 30.61
C LEU B 249 6.88 -0.23 31.08
N ALA B 250 5.59 -0.50 31.29
CA ALA B 250 4.65 0.55 31.64
C ALA B 250 4.69 0.94 33.11
N ILE B 251 5.37 0.17 33.96
CA ILE B 251 5.40 0.45 35.39
C ILE B 251 6.68 1.16 35.83
N LEU B 252 7.67 1.30 34.95
CA LEU B 252 8.92 1.92 35.33
C LEU B 252 8.81 3.44 35.47
N VAL B 253 7.76 4.05 34.94
CA VAL B 253 7.56 5.48 35.08
C VAL B 253 7.39 5.88 36.54
N PHE B 254 6.92 4.95 37.38
CA PHE B 254 6.72 5.22 38.80
C PHE B 254 7.99 5.05 39.62
N TYR B 255 9.12 4.71 38.99
CA TYR B 255 10.38 4.56 39.70
C TYR B 255 11.43 5.60 39.31
N LEU B 256 11.23 6.33 38.22
CA LEU B 256 12.18 7.37 37.85
C LEU B 256 12.09 8.53 38.85
N PRO B 257 13.23 9.12 39.23
CA PRO B 257 13.18 10.30 40.11
C PRO B 257 12.58 11.49 39.38
N SER B 258 11.95 12.37 40.17
CA SER B 258 11.23 13.50 39.59
C SER B 258 12.17 14.59 39.09
N ASP B 259 13.36 14.71 39.68
CA ASP B 259 14.33 15.69 39.23
C ASP B 259 15.21 15.16 38.10
N CYS B 260 14.96 13.94 37.63
CA CYS B 260 15.72 13.40 36.51
C CYS B 260 15.44 14.16 35.23
N GLY B 261 14.16 14.38 34.92
CA GLY B 261 13.77 15.17 33.77
C GLY B 261 13.30 14.40 32.55
N GLU B 262 13.19 13.07 32.63
CA GLU B 262 12.75 12.26 31.50
C GLU B 262 11.52 11.43 31.84
N LYS B 263 10.82 11.80 32.91
CA LYS B 263 9.58 11.13 33.29
C LYS B 263 8.58 11.14 32.15
N MET B 264 8.33 12.32 31.58
CA MET B 264 7.34 12.42 30.51
C MET B 264 7.86 11.83 29.21
N THR B 265 9.18 11.82 29.01
CA THR B 265 9.73 11.17 27.83
C THR B 265 9.48 9.66 27.86
N LEU B 266 9.64 9.04 29.03
CA LEU B 266 9.45 7.60 29.11
C LEU B 266 7.98 7.21 28.95
N CYS B 267 7.09 7.89 29.67
CA CYS B 267 5.69 7.44 29.75
C CYS B 267 4.86 7.82 28.54
N ILE B 268 5.37 8.65 27.63
CA ILE B 268 4.66 9.00 26.41
C ILE B 268 5.09 8.11 25.25
N SER B 269 6.38 7.81 25.15
CA SER B 269 6.87 6.94 24.09
C SER B 269 6.31 5.53 24.21
N VAL B 270 5.98 5.10 25.43
CA VAL B 270 5.37 3.79 25.60
C VAL B 270 3.95 3.76 25.05
N LEU B 271 3.18 4.82 25.30
CA LEU B 271 1.80 4.86 24.85
C LEU B 271 1.69 4.79 23.33
N LEU B 272 2.55 5.54 22.64
CA LEU B 272 2.53 5.51 21.17
C LEU B 272 2.96 4.15 20.64
N ALA B 273 3.90 3.48 21.33
CA ALA B 273 4.31 2.14 20.90
C ALA B 273 3.16 1.16 21.05
N LEU B 274 2.38 1.26 22.12
CA LEU B 274 1.20 0.42 22.27
C LEU B 274 0.16 0.74 21.22
N THR B 275 -0.03 2.04 20.90
CA THR B 275 -1.00 2.42 19.88
C THR B 275 -0.63 1.86 18.52
N PHE B 276 0.66 1.93 18.16
CA PHE B 276 1.10 1.41 16.88
C PHE B 276 0.92 -0.10 16.79
N PHE B 277 1.15 -0.83 17.90
CA PHE B 277 0.95 -2.26 17.90
C PHE B 277 -0.51 -2.65 17.70
N LEU B 278 -1.43 -1.86 18.26
CA LEU B 278 -2.85 -2.15 18.12
C LEU B 278 -3.30 -2.04 16.67
N LEU B 279 -2.81 -1.02 15.95
CA LEU B 279 -3.22 -0.83 14.57
C LEU B 279 -2.72 -1.94 13.67
N LEU B 280 -1.57 -2.53 13.99
CA LEU B 280 -1.08 -3.68 13.24
C LEU B 280 -2.00 -4.87 13.40
N ILE B 281 -2.48 -5.12 14.63
CA ILE B 281 -3.35 -6.26 14.88
C ILE B 281 -4.65 -6.12 14.09
N SER B 282 -5.19 -4.90 14.04
CA SER B 282 -6.41 -4.65 13.27
C SER B 282 -6.20 -4.75 11.78
N LYS B 283 -5.00 -5.12 11.32
CA LYS B 283 -4.72 -5.33 9.91
C LYS B 283 -4.79 -6.80 9.51
N ILE B 284 -4.60 -7.72 10.46
CA ILE B 284 -4.74 -9.15 10.21
C ILE B 284 -6.11 -9.64 10.70
N VAL B 285 -7.06 -8.73 10.90
CA VAL B 285 -8.36 -9.06 11.47
C VAL B 285 -9.44 -8.49 10.55
N PRO B 286 -10.46 -9.27 10.20
CA PRO B 286 -11.51 -8.76 9.32
C PRO B 286 -12.28 -7.63 9.99
N PRO B 287 -12.78 -6.66 9.22
CA PRO B 287 -13.62 -5.61 9.79
C PRO B 287 -15.02 -6.12 10.04
N THR B 288 -15.35 -6.36 11.30
CA THR B 288 -16.65 -6.90 11.70
C THR B 288 -17.12 -6.14 12.93
N SER B 289 -18.19 -6.64 13.55
CA SER B 289 -18.69 -6.06 14.79
C SER B 289 -19.10 -7.13 15.79
N LEU B 290 -18.66 -8.37 15.60
CA LEU B 290 -19.10 -9.49 16.41
C LEU B 290 -18.06 -10.00 17.38
N ASP B 291 -16.79 -10.12 16.95
CA ASP B 291 -15.74 -10.67 17.79
C ASP B 291 -14.50 -9.78 17.73
N VAL B 292 -13.85 -9.63 18.87
CA VAL B 292 -12.57 -8.93 18.95
C VAL B 292 -11.58 -9.84 19.66
N PRO B 293 -10.34 -9.92 19.21
CA PRO B 293 -9.38 -10.86 19.81
C PRO B 293 -9.10 -10.52 21.26
N LEU B 294 -8.78 -11.56 22.03
CA LEU B 294 -8.38 -11.35 23.42
C LEU B 294 -7.11 -10.53 23.52
N ILE B 295 -6.19 -10.71 22.57
CA ILE B 295 -5.01 -9.85 22.51
C ILE B 295 -5.42 -8.42 22.15
N GLY B 296 -6.44 -8.25 21.33
CA GLY B 296 -6.89 -6.92 20.95
C GLY B 296 -7.65 -6.19 22.03
N LYS B 297 -7.96 -6.86 23.15
CA LYS B 297 -8.59 -6.20 24.29
C LYS B 297 -7.62 -5.89 25.41
N TYR B 298 -6.53 -6.65 25.53
CA TYR B 298 -5.50 -6.35 26.51
C TYR B 298 -4.82 -5.01 26.20
N LEU B 299 -4.60 -4.73 24.92
CA LEU B 299 -3.91 -3.50 24.53
C LEU B 299 -4.70 -2.27 24.94
N MET B 300 -6.02 -2.32 24.81
CA MET B 300 -6.85 -1.19 25.22
C MET B 300 -6.76 -0.94 26.73
N PHE B 301 -6.76 -2.03 27.52
CA PHE B 301 -6.59 -1.90 28.95
C PHE B 301 -5.25 -1.27 29.30
N THR B 302 -4.18 -1.73 28.65
CA THR B 302 -2.88 -1.12 28.89
C THR B 302 -2.85 0.35 28.46
N MET B 303 -3.56 0.68 27.38
CA MET B 303 -3.62 2.07 26.94
C MET B 303 -4.27 2.95 27.99
N VAL B 304 -5.38 2.49 28.56
CA VAL B 304 -6.06 3.25 29.60
C VAL B 304 -5.15 3.41 30.81
N LEU B 305 -4.48 2.33 31.20
CA LEU B 305 -3.57 2.40 32.34
C LEU B 305 -2.45 3.39 32.09
N VAL B 306 -1.90 3.41 30.88
CA VAL B 306 -0.79 4.31 30.57
C VAL B 306 -1.25 5.75 30.56
N THR B 307 -2.46 6.03 30.06
CA THR B 307 -2.97 7.40 30.09
C THR B 307 -3.16 7.88 31.54
N PHE B 308 -3.74 7.02 32.39
CA PHE B 308 -3.86 7.39 33.80
C PHE B 308 -2.49 7.59 34.44
N SER B 309 -1.51 6.80 34.05
CA SER B 309 -0.15 6.97 34.54
C SER B 309 0.41 8.33 34.12
N ILE B 310 0.12 8.75 32.89
CA ILE B 310 0.58 10.07 32.44
C ILE B 310 -0.03 11.17 33.29
N VAL B 311 -1.33 11.06 33.57
CA VAL B 311 -1.98 12.08 34.39
C VAL B 311 -1.38 12.13 35.79
N THR B 312 -1.17 10.95 36.40
CA THR B 312 -0.58 10.91 37.74
C THR B 312 0.86 11.44 37.74
N SER B 313 1.61 11.18 36.67
CA SER B 313 2.97 11.70 36.58
C SER B 313 2.98 13.22 36.48
N VAL B 314 2.04 13.79 35.74
CA VAL B 314 1.94 15.25 35.68
C VAL B 314 1.62 15.81 37.06
N CYS B 315 0.71 15.17 37.78
CA CYS B 315 0.38 15.62 39.13
C CYS B 315 1.59 15.54 40.06
N VAL B 316 2.34 14.43 39.98
CA VAL B 316 3.52 14.28 40.83
C VAL B 316 4.58 15.32 40.49
N LEU B 317 4.77 15.60 39.20
CA LEU B 317 5.72 16.63 38.80
C LEU B 317 5.31 17.99 39.35
N ASN B 318 4.02 18.31 39.32
CA ASN B 318 3.57 19.59 39.88
C ASN B 318 3.80 19.63 41.39
N VAL B 319 3.55 18.51 42.08
CA VAL B 319 3.75 18.51 43.53
C VAL B 319 5.22 18.64 43.89
N HIS B 320 6.11 18.03 43.10
CA HIS B 320 7.54 18.04 43.43
C HIS B 320 8.11 19.45 43.40
N HIS B 321 7.75 20.24 42.39
CA HIS B 321 8.33 21.58 42.20
C HIS B 321 7.45 22.60 42.92
N ARG B 322 7.61 22.65 44.24
CA ARG B 322 6.91 23.63 45.05
C ARG B 322 7.88 24.23 46.06
N SER B 323 7.60 25.48 46.44
CA SER B 323 8.47 26.24 47.30
C SER B 323 7.64 27.04 48.28
N PRO B 324 8.19 27.39 49.45
CA PRO B 324 7.43 28.22 50.40
C PRO B 324 7.12 29.62 49.87
N SER B 325 7.84 30.09 48.85
CA SER B 325 7.62 31.42 48.32
C SER B 325 6.44 31.51 47.36
N THR B 326 5.90 30.38 46.92
CA THR B 326 4.77 30.37 45.99
C THR B 326 3.59 29.56 46.50
N HIS B 327 3.84 28.46 47.21
CA HIS B 327 2.78 27.62 47.75
C HIS B 327 2.94 27.48 49.25
N THR B 328 1.82 27.25 49.93
CA THR B 328 1.80 27.02 51.36
C THR B 328 1.30 25.62 51.65
N MET B 329 1.93 24.96 52.62
CA MET B 329 1.59 23.59 52.98
C MET B 329 0.47 23.61 54.01
N ALA B 330 -0.68 23.05 53.65
CA ALA B 330 -1.81 23.02 54.55
C ALA B 330 -1.52 22.10 55.74
N PRO B 331 -2.06 22.43 56.92
CA PRO B 331 -1.79 21.60 58.10
C PRO B 331 -2.24 20.16 57.96
N TRP B 332 -3.31 19.91 57.20
CA TRP B 332 -3.80 18.54 57.05
C TRP B 332 -2.89 17.71 56.15
N VAL B 333 -2.19 18.36 55.21
CA VAL B 333 -1.27 17.63 54.35
C VAL B 333 -0.06 17.15 55.15
N LYS B 334 0.39 17.96 56.12
CA LYS B 334 1.57 17.59 56.90
C LYS B 334 1.34 16.32 57.70
N ARG B 335 0.09 16.02 58.05
CA ARG B 335 -0.17 14.85 58.90
C ARG B 335 -0.23 13.56 58.08
N CYS B 336 -1.23 13.45 57.19
CA CYS B 336 -1.52 12.20 56.51
C CYS B 336 -0.30 11.70 55.78
N PHE B 337 0.11 12.42 54.73
CA PHE B 337 1.46 12.25 54.22
C PHE B 337 2.44 12.72 55.28
N LEU B 338 3.59 12.05 55.33
CA LEU B 338 4.70 12.23 56.26
C LEU B 338 4.40 11.66 57.66
N HIS B 339 3.18 11.23 57.98
CA HIS B 339 3.04 10.52 59.25
C HIS B 339 2.38 9.16 59.12
N LYS B 340 1.22 9.08 58.45
CA LYS B 340 0.41 7.87 58.50
C LYS B 340 0.55 7.02 57.24
N LEU B 341 0.44 7.65 56.06
CA LEU B 341 0.59 6.90 54.82
C LEU B 341 2.00 6.31 54.64
N PRO B 342 3.09 7.03 54.91
CA PRO B 342 4.42 6.43 54.68
C PRO B 342 4.67 5.14 55.45
N THR B 343 4.20 5.05 56.70
CA THR B 343 4.43 3.84 57.48
C THR B 343 3.54 2.69 57.03
N PHE B 344 2.45 2.98 56.31
CA PHE B 344 1.65 1.92 55.71
C PHE B 344 2.36 1.33 54.50
N LEU B 345 3.19 2.12 53.83
CA LEU B 345 3.92 1.67 52.65
C LEU B 345 5.31 1.13 52.98
N PHE B 346 5.65 1.01 54.27
CA PHE B 346 6.94 0.51 54.72
C PHE B 346 8.10 1.36 54.18
N MET B 347 8.03 2.65 54.50
CA MET B 347 9.09 3.58 54.14
C MET B 347 9.20 4.65 55.23
N LYS B 348 10.42 5.11 55.46
CA LYS B 348 10.64 6.16 56.46
C LYS B 348 11.97 6.84 56.16
N ARG B 349 12.14 8.02 56.75
CA ARG B 349 13.34 8.83 56.52
C ARG B 349 14.40 8.57 57.58
N PRO B 519 31.45 51.22 71.79
CA PRO B 519 31.21 51.36 70.35
C PRO B 519 32.14 50.49 69.51
N ASP B 520 32.17 50.75 68.20
CA ASP B 520 33.04 50.04 67.27
C ASP B 520 32.73 48.55 67.22
N LEU B 521 32.95 47.85 68.34
CA LEU B 521 32.66 46.42 68.38
C LEU B 521 31.18 46.12 68.19
N ALA B 522 30.30 47.08 68.49
CA ALA B 522 28.88 46.89 68.25
C ALA B 522 28.59 46.72 66.76
N GLU B 523 29.26 47.52 65.92
CA GLU B 523 29.04 47.41 64.48
C GLU B 523 29.46 46.06 63.95
N ILE B 524 30.58 45.52 64.44
CA ILE B 524 30.98 44.17 64.07
C ILE B 524 29.94 43.16 64.56
N LEU B 525 29.45 43.34 65.78
CA LEU B 525 28.42 42.45 66.31
C LEU B 525 27.14 42.54 65.50
N GLU B 526 26.74 43.75 65.12
CA GLU B 526 25.52 43.93 64.35
C GLU B 526 25.65 43.32 62.95
N GLU B 527 26.76 43.62 62.27
CA GLU B 527 26.95 43.11 60.91
C GLU B 527 27.07 41.60 60.89
N VAL B 528 27.82 41.03 61.84
CA VAL B 528 27.97 39.57 61.90
C VAL B 528 26.64 38.92 62.25
N SER B 529 25.83 39.56 63.10
CA SER B 529 24.54 39.01 63.48
C SER B 529 23.62 38.89 62.28
N TYR B 530 23.66 39.86 61.36
CA TYR B 530 22.82 39.80 60.18
C TYR B 530 23.21 38.62 59.28
N ILE B 531 24.50 38.38 59.11
CA ILE B 531 24.95 37.28 58.27
C ILE B 531 24.51 35.94 58.85
N ALA B 532 24.65 35.78 60.17
CA ALA B 532 24.17 34.56 60.82
C ALA B 532 22.66 34.44 60.72
N ASN B 533 21.93 35.55 60.87
CA ASN B 533 20.47 35.50 60.80
C ASN B 533 19.98 35.17 59.40
N ARG B 534 20.69 35.66 58.38
CA ARG B 534 20.31 35.34 57.00
C ARG B 534 20.46 33.85 56.73
N PHE B 535 21.52 33.24 57.25
CA PHE B 535 21.72 31.81 57.07
C PHE B 535 20.64 30.99 57.78
N ARG B 536 20.13 31.51 58.90
CA ARG B 536 19.09 30.79 59.63
C ARG B 536 17.79 30.74 58.84
N ASN B 537 17.44 31.83 58.15
CA ASN B 537 16.21 31.86 57.38
C ASN B 537 16.30 30.98 56.14
N GLN B 538 17.48 30.88 55.53
CA GLN B 538 17.64 30.03 54.36
C GLN B 538 17.49 28.56 54.73
N ASP B 539 18.02 28.15 55.88
CA ASP B 539 17.93 26.75 56.28
C ASP B 539 16.50 26.35 56.61
N GLU B 540 15.70 27.28 57.14
CA GLU B 540 14.31 26.97 57.47
C GLU B 540 13.48 26.76 56.21
N ASP B 541 13.77 27.50 55.15
CA ASP B 541 13.04 27.32 53.89
C ASP B 541 13.47 26.05 53.16
N GLN B 542 14.75 25.67 53.27
CA GLN B 542 15.20 24.45 52.62
C GLN B 542 14.56 23.21 53.22
N SER B 543 14.19 23.27 54.51
CA SER B 543 13.46 22.16 55.11
C SER B 543 12.04 22.04 54.55
N VAL B 544 11.38 23.19 54.33
CA VAL B 544 10.05 23.17 53.74
C VAL B 544 10.10 22.68 52.30
N VAL B 545 11.14 23.06 51.57
CA VAL B 545 11.32 22.56 50.20
C VAL B 545 11.50 21.06 50.21
N GLU B 546 12.30 20.54 51.14
CA GLU B 546 12.56 19.11 51.20
C GLU B 546 11.33 18.32 51.67
N ASP B 547 10.32 19.00 52.23
CA ASP B 547 9.09 18.30 52.58
C ASP B 547 8.26 18.02 51.32
N TRP B 548 8.27 18.95 50.37
CA TRP B 548 7.53 18.73 49.13
C TRP B 548 8.17 17.66 48.27
N LYS B 549 9.50 17.51 48.35
CA LYS B 549 10.18 16.49 47.58
C LYS B 549 10.00 15.10 48.16
N TYR B 550 9.54 14.99 49.42
CA TYR B 550 9.23 13.71 50.01
C TYR B 550 7.73 13.37 49.92
N VAL B 551 6.87 14.39 49.92
CA VAL B 551 5.45 14.15 49.69
C VAL B 551 5.23 13.59 48.30
N ALA B 552 5.90 14.15 47.30
CA ALA B 552 5.81 13.62 45.94
C ALA B 552 6.43 12.24 45.81
N MET B 553 7.36 11.88 46.69
CA MET B 553 7.93 10.54 46.66
C MET B 553 6.96 9.51 47.24
N VAL B 554 6.21 9.90 48.27
CA VAL B 554 5.24 8.99 48.85
C VAL B 554 4.08 8.74 47.90
N VAL B 555 3.62 9.79 47.20
CA VAL B 555 2.51 9.64 46.28
C VAL B 555 2.86 8.68 45.15
N ASP B 556 4.08 8.80 44.61
CA ASP B 556 4.48 7.95 43.50
C ASP B 556 4.57 6.49 43.92
N ARG B 557 4.92 6.22 45.17
CA ARG B 557 4.92 4.84 45.67
C ARG B 557 3.51 4.32 45.90
N LEU B 558 2.58 5.20 46.29
CA LEU B 558 1.20 4.78 46.49
C LEU B 558 0.57 4.32 45.18
N PHE B 559 0.82 5.05 44.09
CA PHE B 559 0.26 4.68 42.79
C PHE B 559 0.99 3.52 42.15
N LEU B 560 2.19 3.17 42.62
CA LEU B 560 2.88 2.01 42.08
C LEU B 560 2.14 0.73 42.41
N TRP B 561 1.62 0.63 43.64
CA TRP B 561 0.83 -0.54 44.02
C TRP B 561 -0.57 -0.50 43.41
N VAL B 562 -1.20 0.68 43.39
CA VAL B 562 -2.55 0.79 42.85
C VAL B 562 -2.58 0.41 41.38
N PHE B 563 -1.63 0.91 40.60
CA PHE B 563 -1.51 0.54 39.20
C PHE B 563 -0.90 -0.84 38.99
N MET B 564 -0.73 -1.61 40.07
CA MET B 564 -0.30 -2.99 40.00
C MET B 564 -1.40 -3.97 40.38
N PHE B 565 -2.24 -3.62 41.36
CA PHE B 565 -3.37 -4.47 41.71
C PHE B 565 -4.38 -4.54 40.57
N VAL B 566 -4.67 -3.40 39.94
CA VAL B 566 -5.65 -3.38 38.86
C VAL B 566 -5.11 -4.01 37.58
N CYS B 567 -3.79 -4.13 37.45
CA CYS B 567 -3.23 -4.81 36.28
C CYS B 567 -3.39 -6.31 36.40
N VAL B 568 -3.19 -6.86 37.60
CA VAL B 568 -3.37 -8.30 37.81
C VAL B 568 -4.85 -8.66 37.72
N LEU B 569 -5.72 -7.84 38.31
CA LEU B 569 -7.15 -8.12 38.27
C LEU B 569 -7.68 -8.14 36.84
N GLY B 570 -7.25 -7.17 36.03
CA GLY B 570 -7.70 -7.13 34.65
C GLY B 570 -7.18 -8.30 33.82
N THR B 571 -5.92 -8.66 34.01
CA THR B 571 -5.34 -9.78 33.27
C THR B 571 -6.03 -11.08 33.61
N VAL B 572 -6.33 -11.30 34.90
CA VAL B 572 -7.03 -12.52 35.31
C VAL B 572 -8.43 -12.56 34.72
N GLY B 573 -9.07 -11.40 34.59
CA GLY B 573 -10.43 -11.33 34.09
C GLY B 573 -10.55 -11.48 32.59
N LEU B 574 -9.57 -12.13 31.96
CA LEU B 574 -9.63 -12.39 30.53
C LEU B 574 -9.26 -13.84 30.22
N ALA C 32 -39.17 -40.74 -24.71
CA ALA C 32 -38.67 -41.29 -25.97
C ALA C 32 -39.07 -40.40 -27.14
N THR C 33 -39.85 -39.36 -26.86
CA THR C 33 -40.31 -38.43 -27.88
C THR C 33 -39.98 -36.99 -27.55
N GLU C 34 -39.17 -36.74 -26.51
CA GLU C 34 -38.75 -35.38 -26.20
C GLU C 34 -37.93 -34.78 -27.34
N GLU C 35 -37.10 -35.60 -27.99
CA GLU C 35 -36.36 -35.13 -29.16
C GLU C 35 -37.30 -34.74 -30.28
N ARG C 36 -38.35 -35.54 -30.50
CA ARG C 36 -39.34 -35.20 -31.53
C ARG C 36 -40.05 -33.90 -31.21
N LEU C 37 -40.41 -33.71 -29.93
CA LEU C 37 -41.06 -32.46 -29.53
C LEU C 37 -40.13 -31.27 -29.74
N PHE C 38 -38.85 -31.43 -29.38
CA PHE C 38 -37.88 -30.37 -29.60
C PHE C 38 -37.74 -30.03 -31.08
N HIS C 39 -37.67 -31.07 -31.93
CA HIS C 39 -37.51 -30.83 -33.36
C HIS C 39 -38.73 -30.15 -33.96
N LYS C 40 -39.93 -30.58 -33.57
CA LYS C 40 -41.14 -29.99 -34.15
C LYS C 40 -41.42 -28.59 -33.61
N LEU C 41 -41.08 -28.32 -32.35
CA LEU C 41 -41.33 -27.01 -31.79
C LEU C 41 -40.34 -25.98 -32.31
N PHE C 42 -39.07 -26.36 -32.41
CA PHE C 42 -38.01 -25.45 -32.86
C PHE C 42 -37.74 -25.60 -34.36
N SER C 43 -38.80 -25.58 -35.16
CA SER C 43 -38.67 -25.61 -36.61
C SER C 43 -39.21 -24.33 -37.25
N HIS C 44 -40.45 -23.94 -36.92
CA HIS C 44 -41.03 -22.70 -37.39
C HIS C 44 -41.01 -21.71 -36.22
N TYR C 45 -39.82 -21.16 -35.96
CA TYR C 45 -39.64 -20.23 -34.85
C TYR C 45 -38.63 -19.17 -35.26
N ASN C 46 -38.98 -17.91 -35.03
CA ASN C 46 -38.09 -16.78 -35.27
C ASN C 46 -37.75 -16.14 -33.93
N GLN C 47 -36.45 -16.01 -33.66
CA GLN C 47 -35.99 -15.55 -32.36
C GLN C 47 -36.19 -14.04 -32.18
N PHE C 48 -36.08 -13.26 -33.25
CA PHE C 48 -36.03 -11.80 -33.15
C PHE C 48 -37.39 -11.14 -33.11
N ILE C 49 -38.48 -11.89 -33.22
CA ILE C 49 -39.82 -11.31 -33.25
C ILE C 49 -40.45 -11.44 -31.87
N ARG C 50 -41.24 -10.45 -31.50
CA ARG C 50 -41.98 -10.50 -30.25
C ARG C 50 -43.02 -11.61 -30.30
N PRO C 51 -43.26 -12.32 -29.20
CA PRO C 51 -44.21 -13.44 -29.21
C PRO C 51 -45.65 -12.96 -28.97
N VAL C 52 -46.18 -12.23 -29.94
CA VAL C 52 -47.53 -11.71 -29.89
C VAL C 52 -48.24 -12.13 -31.17
N GLU C 53 -49.33 -12.89 -31.03
CA GLU C 53 -50.05 -13.37 -32.21
C GLU C 53 -50.83 -12.24 -32.88
N ASN C 54 -51.50 -11.41 -32.10
CA ASN C 54 -52.28 -10.29 -32.62
C ASN C 54 -51.47 -9.02 -32.45
N VAL C 55 -50.82 -8.58 -33.54
CA VAL C 55 -49.85 -7.51 -33.45
C VAL C 55 -50.54 -6.21 -32.98
N SER C 56 -49.71 -5.26 -32.54
CA SER C 56 -50.15 -4.01 -31.91
C SER C 56 -50.78 -4.26 -30.54
N ASP C 57 -50.30 -5.26 -29.82
CA ASP C 57 -50.74 -5.57 -28.46
C ASP C 57 -49.50 -5.71 -27.59
N PRO C 58 -49.36 -4.92 -26.53
CA PRO C 58 -48.18 -5.05 -25.66
C PRO C 58 -48.15 -6.39 -24.96
N VAL C 59 -46.94 -6.87 -24.71
CA VAL C 59 -46.73 -8.13 -24.00
C VAL C 59 -46.41 -7.81 -22.54
N THR C 60 -46.79 -8.72 -21.65
CA THR C 60 -46.63 -8.53 -20.21
C THR C 60 -45.40 -9.28 -19.72
N VAL C 61 -44.56 -8.60 -18.95
CA VAL C 61 -43.37 -9.20 -18.36
C VAL C 61 -43.42 -8.94 -16.86
N HIS C 62 -43.38 -10.00 -16.07
CA HIS C 62 -43.38 -9.91 -14.62
C HIS C 62 -41.95 -9.96 -14.10
N PHE C 63 -41.63 -9.04 -13.20
CA PHE C 63 -40.26 -8.86 -12.74
C PHE C 63 -40.18 -8.97 -11.23
N GLU C 64 -39.09 -9.58 -10.76
CA GLU C 64 -38.78 -9.66 -9.34
C GLU C 64 -37.29 -9.93 -9.19
N VAL C 65 -36.76 -9.58 -8.03
CA VAL C 65 -35.33 -9.72 -7.76
C VAL C 65 -35.15 -10.37 -6.39
N ALA C 66 -34.06 -11.10 -6.22
CA ALA C 66 -33.71 -11.76 -4.98
C ALA C 66 -32.24 -11.51 -4.66
N ILE C 67 -31.96 -11.22 -3.39
CA ILE C 67 -30.63 -10.86 -2.92
C ILE C 67 -30.05 -12.03 -2.14
N THR C 68 -28.81 -12.41 -2.45
CA THR C 68 -28.12 -13.49 -1.76
C THR C 68 -26.97 -13.02 -0.89
N GLN C 69 -26.28 -11.95 -1.26
CA GLN C 69 -25.14 -11.48 -0.48
C GLN C 69 -24.81 -10.06 -0.91
N LEU C 70 -24.76 -9.15 0.06
CA LEU C 70 -24.26 -7.80 -0.18
C LEU C 70 -22.76 -7.84 0.05
N ALA C 71 -22.01 -7.93 -1.05
CA ALA C 71 -20.57 -8.16 -0.98
C ALA C 71 -19.87 -7.10 -0.15
N ASN C 72 -19.92 -5.84 -0.61
CA ASN C 72 -19.30 -4.75 0.12
C ASN C 72 -19.91 -3.44 -0.34
N VAL C 73 -19.80 -2.44 0.53
CA VAL C 73 -20.22 -1.07 0.22
C VAL C 73 -18.96 -0.21 0.27
N ASP C 74 -18.45 0.15 -0.90
CA ASP C 74 -17.24 0.96 -0.98
C ASP C 74 -17.59 2.42 -0.79
N GLU C 75 -16.96 3.06 0.20
CA GLU C 75 -17.28 4.44 0.54
C GLU C 75 -16.40 5.46 -0.15
N VAL C 76 -15.14 5.11 -0.45
CA VAL C 76 -14.25 6.05 -1.13
C VAL C 76 -14.71 6.27 -2.57
N ASN C 77 -15.03 5.19 -3.28
CA ASN C 77 -15.44 5.26 -4.68
C ASN C 77 -16.96 5.24 -4.85
N GLN C 78 -17.72 5.05 -3.78
CA GLN C 78 -19.19 5.08 -3.81
C GLN C 78 -19.74 4.02 -4.77
N ILE C 79 -19.37 2.77 -4.51
CA ILE C 79 -19.77 1.63 -5.31
C ILE C 79 -20.32 0.54 -4.39
N MET C 80 -21.49 0.01 -4.73
CA MET C 80 -22.09 -1.10 -4.01
C MET C 80 -22.12 -2.35 -4.88
N GLU C 81 -21.77 -3.49 -4.30
CA GLU C 81 -21.64 -4.75 -5.03
C GLU C 81 -22.56 -5.79 -4.40
N THR C 82 -23.54 -6.26 -5.16
CA THR C 82 -24.52 -7.23 -4.70
C THR C 82 -24.59 -8.41 -5.65
N ASN C 83 -25.23 -9.48 -5.20
CA ASN C 83 -25.54 -10.65 -6.02
C ASN C 83 -27.04 -10.84 -6.07
N LEU C 84 -27.57 -11.09 -7.26
CA LEU C 84 -29.01 -11.07 -7.49
C LEU C 84 -29.45 -12.26 -8.32
N TRP C 85 -30.75 -12.58 -8.20
CA TRP C 85 -31.42 -13.61 -9.00
C TRP C 85 -32.63 -12.94 -9.65
N LEU C 86 -32.43 -12.35 -10.83
CA LEU C 86 -33.53 -11.72 -11.54
C LEU C 86 -34.51 -12.79 -12.01
N ARG C 87 -35.81 -12.46 -11.93
CA ARG C 87 -36.87 -13.41 -12.28
C ARG C 87 -37.78 -12.78 -13.33
N HIS C 88 -37.93 -13.45 -14.46
CA HIS C 88 -38.81 -13.01 -15.53
C HIS C 88 -39.84 -14.10 -15.81
N ILE C 89 -41.12 -13.73 -15.79
CA ILE C 89 -42.22 -14.63 -16.12
C ILE C 89 -43.13 -13.90 -17.10
N TRP C 90 -43.11 -14.32 -18.36
CA TRP C 90 -43.94 -13.71 -19.39
C TRP C 90 -44.67 -14.79 -20.17
N ASN C 91 -45.94 -14.53 -20.47
CA ASN C 91 -46.75 -15.44 -21.26
C ASN C 91 -46.30 -15.40 -22.70
N ASP C 92 -46.54 -16.50 -23.42
CA ASP C 92 -46.16 -16.62 -24.82
C ASP C 92 -47.37 -17.03 -25.64
N TYR C 93 -47.61 -16.32 -26.75
CA TYR C 93 -48.67 -16.67 -27.68
C TYR C 93 -48.35 -17.91 -28.49
N LYS C 94 -47.14 -18.43 -28.38
CA LYS C 94 -46.72 -19.62 -29.11
C LYS C 94 -46.00 -20.56 -28.15
N LEU C 95 -45.30 -21.56 -28.68
CA LEU C 95 -44.56 -22.53 -27.88
C LEU C 95 -45.50 -23.31 -26.95
N ARG C 96 -46.64 -23.73 -27.49
CA ARG C 96 -47.60 -24.53 -26.76
C ARG C 96 -47.85 -25.84 -27.50
N TRP C 97 -48.37 -26.82 -26.77
CA TRP C 97 -48.68 -28.11 -27.34
C TRP C 97 -49.79 -28.76 -26.51
N ASP C 98 -50.04 -30.04 -26.75
CA ASP C 98 -51.05 -30.79 -26.03
C ASP C 98 -50.38 -31.89 -25.22
N PRO C 99 -50.71 -32.05 -23.94
CA PRO C 99 -50.05 -33.08 -23.13
C PRO C 99 -50.30 -34.49 -23.62
N MET C 100 -51.30 -34.71 -24.46
CA MET C 100 -51.54 -36.03 -25.05
C MET C 100 -50.53 -36.27 -26.16
N GLU C 101 -50.72 -37.35 -26.91
CA GLU C 101 -49.79 -37.76 -27.97
C GLU C 101 -48.43 -38.08 -27.37
N TYR C 102 -47.75 -37.05 -26.87
CA TYR C 102 -46.50 -37.21 -26.12
C TYR C 102 -46.89 -37.39 -24.66
N ASP C 103 -47.09 -38.65 -24.27
CA ASP C 103 -47.57 -38.96 -22.93
C ASP C 103 -46.65 -38.39 -21.88
N GLY C 104 -47.23 -37.75 -20.87
CA GLY C 104 -46.42 -37.05 -19.89
C GLY C 104 -45.78 -35.82 -20.52
N ILE C 105 -44.56 -35.52 -20.06
CA ILE C 105 -43.80 -34.36 -20.51
C ILE C 105 -44.67 -33.12 -20.35
N GLU C 106 -45.04 -32.81 -19.11
CA GLU C 106 -45.93 -31.69 -18.86
C GLU C 106 -45.21 -30.35 -19.02
N THR C 107 -43.92 -30.31 -18.67
CA THR C 107 -43.08 -29.12 -18.82
C THR C 107 -41.81 -29.51 -19.55
N LEU C 108 -40.94 -28.52 -19.79
CA LEU C 108 -39.72 -28.78 -20.55
C LEU C 108 -38.70 -27.70 -20.22
N ARG C 109 -37.44 -28.01 -20.54
CA ARG C 109 -36.33 -27.08 -20.39
C ARG C 109 -35.68 -26.86 -21.75
N VAL C 110 -35.51 -25.60 -22.13
CA VAL C 110 -34.95 -25.25 -23.44
C VAL C 110 -33.77 -24.30 -23.24
N PRO C 111 -32.78 -24.30 -24.14
CA PRO C 111 -31.68 -23.34 -24.01
C PRO C 111 -32.19 -21.90 -24.15
N ALA C 112 -31.53 -21.00 -23.41
CA ALA C 112 -31.98 -19.62 -23.37
C ALA C 112 -31.87 -18.93 -24.73
N ASP C 113 -30.77 -19.17 -25.45
CA ASP C 113 -30.51 -18.43 -26.69
C ASP C 113 -31.57 -18.70 -27.75
N LYS C 114 -32.19 -19.88 -27.74
CA LYS C 114 -33.15 -20.22 -28.77
C LYS C 114 -34.40 -19.35 -28.69
N ILE C 115 -34.88 -19.09 -27.48
CA ILE C 115 -36.13 -18.36 -27.29
C ILE C 115 -35.89 -16.86 -27.26
N TRP C 116 -36.97 -16.09 -27.40
CA TRP C 116 -36.91 -14.63 -27.33
C TRP C 116 -36.99 -14.19 -25.87
N LYS C 117 -36.12 -13.26 -25.48
CA LYS C 117 -36.14 -12.74 -24.12
C LYS C 117 -36.21 -11.22 -24.16
N PRO C 118 -36.80 -10.61 -23.14
CA PRO C 118 -36.70 -9.15 -22.99
C PRO C 118 -35.34 -8.77 -22.43
N ASP C 119 -34.89 -7.58 -22.81
CA ASP C 119 -33.59 -7.06 -22.38
C ASP C 119 -33.81 -6.04 -21.26
N ILE C 120 -33.95 -6.55 -20.05
CA ILE C 120 -34.11 -5.73 -18.85
C ILE C 120 -32.72 -5.40 -18.33
N VAL C 121 -32.29 -4.16 -18.52
CA VAL C 121 -30.91 -3.76 -18.24
C VAL C 121 -30.89 -2.86 -17.01
N LEU C 122 -29.72 -2.77 -16.38
CA LEU C 122 -29.52 -1.91 -15.23
C LEU C 122 -29.01 -0.56 -15.70
N TYR C 123 -29.77 0.50 -15.38
CA TYR C 123 -29.45 1.83 -15.89
C TYR C 123 -28.21 2.39 -15.19
N ASN C 124 -28.28 2.58 -13.88
CA ASN C 124 -27.24 3.28 -13.13
C ASN C 124 -26.06 2.33 -12.87
N ASN C 125 -25.37 1.98 -13.95
CA ASN C 125 -24.17 1.18 -13.86
C ASN C 125 -22.99 2.03 -13.40
N ALA C 126 -21.97 1.35 -12.88
CA ALA C 126 -20.75 2.02 -12.44
C ALA C 126 -19.52 1.56 -13.21
N VAL C 127 -19.33 0.26 -13.35
CA VAL C 127 -18.18 -0.27 -14.08
C VAL C 127 -18.51 -1.70 -14.50
N GLY C 128 -18.11 -2.05 -15.72
CA GLY C 128 -18.35 -3.39 -16.23
C GLY C 128 -19.17 -3.42 -17.50
N ASP C 129 -20.19 -4.25 -17.52
CA ASP C 129 -21.06 -4.40 -18.68
C ASP C 129 -22.51 -4.25 -18.25
N PHE C 130 -23.31 -3.69 -19.16
CA PHE C 130 -24.72 -3.45 -18.86
C PHE C 130 -25.51 -4.75 -18.80
N GLN C 131 -25.18 -5.71 -19.65
CA GLN C 131 -26.00 -6.91 -19.82
C GLN C 131 -25.89 -7.81 -18.60
N VAL C 132 -26.78 -8.80 -18.55
CA VAL C 132 -26.85 -9.77 -17.46
C VAL C 132 -25.95 -10.95 -17.79
N GLU C 133 -25.48 -11.62 -16.74
CA GLU C 133 -24.57 -12.75 -16.88
C GLU C 133 -25.32 -14.07 -16.68
N GLY C 134 -24.65 -15.16 -17.05
CA GLY C 134 -25.21 -16.48 -16.90
C GLY C 134 -26.01 -16.92 -18.10
N LYS C 135 -26.08 -18.24 -18.28
CA LYS C 135 -26.82 -18.84 -19.39
C LYS C 135 -27.76 -19.93 -18.90
N THR C 136 -28.34 -19.76 -17.71
CA THR C 136 -29.26 -20.75 -17.16
C THR C 136 -30.48 -20.90 -18.06
N LYS C 137 -30.86 -22.14 -18.34
CA LYS C 137 -31.96 -22.40 -19.25
C LYS C 137 -33.28 -21.96 -18.62
N ALA C 138 -34.28 -21.80 -19.48
CA ALA C 138 -35.60 -21.33 -19.09
C ALA C 138 -36.58 -22.51 -19.08
N LEU C 139 -37.33 -22.63 -17.99
CA LEU C 139 -38.32 -23.68 -17.86
C LEU C 139 -39.59 -23.26 -18.60
N LEU C 140 -39.95 -23.98 -19.64
CA LEU C 140 -41.09 -23.65 -20.49
C LEU C 140 -42.27 -24.54 -20.10
N LYS C 141 -43.39 -23.92 -19.77
CA LYS C 141 -44.54 -24.62 -19.25
C LYS C 141 -45.41 -25.13 -20.41
N TYR C 142 -46.59 -25.65 -20.07
CA TYR C 142 -47.48 -26.23 -21.08
C TYR C 142 -48.11 -25.15 -21.96
N ASN C 143 -48.40 -23.99 -21.41
CA ASN C 143 -49.08 -22.91 -22.13
C ASN C 143 -48.13 -21.84 -22.62
N GLY C 144 -46.82 -22.10 -22.60
CA GLY C 144 -45.85 -21.15 -23.08
C GLY C 144 -45.26 -20.22 -22.05
N MET C 145 -45.76 -20.26 -20.81
CA MET C 145 -45.18 -19.44 -19.76
C MET C 145 -43.71 -19.82 -19.56
N ILE C 146 -42.85 -18.81 -19.52
CA ILE C 146 -41.41 -19.01 -19.44
C ILE C 146 -40.90 -18.41 -18.13
N THR C 147 -40.16 -19.20 -17.38
CA THR C 147 -39.55 -18.75 -16.13
C THR C 147 -38.04 -18.74 -16.32
N TRP C 148 -37.45 -17.55 -16.34
CA TRP C 148 -36.03 -17.36 -16.56
C TRP C 148 -35.42 -16.70 -15.33
N THR C 149 -34.46 -17.38 -14.70
CA THR C 149 -33.85 -16.91 -13.45
C THR C 149 -32.34 -16.97 -13.59
N PRO C 150 -31.73 -15.97 -14.21
CA PRO C 150 -30.27 -15.97 -14.37
C PRO C 150 -29.60 -15.27 -13.19
N PRO C 151 -28.44 -15.74 -12.78
CA PRO C 151 -27.69 -15.04 -11.73
C PRO C 151 -26.97 -13.82 -12.30
N ALA C 152 -26.71 -12.87 -11.40
CA ALA C 152 -26.02 -11.65 -11.81
C ALA C 152 -25.37 -11.00 -10.59
N ILE C 153 -24.19 -10.44 -10.79
CA ILE C 153 -23.48 -9.69 -9.76
C ILE C 153 -23.27 -8.27 -10.29
N PHE C 154 -23.82 -7.29 -9.60
CA PHE C 154 -23.88 -5.92 -10.07
C PHE C 154 -22.98 -5.01 -9.25
N LYS C 155 -22.42 -4.01 -9.92
CA LYS C 155 -21.62 -2.96 -9.29
C LYS C 155 -22.25 -1.63 -9.68
N SER C 156 -23.13 -1.13 -8.83
CA SER C 156 -23.89 0.08 -9.13
C SER C 156 -23.21 1.30 -8.51
N SER C 157 -23.87 2.45 -8.59
CA SER C 157 -23.37 3.70 -8.04
C SER C 157 -24.34 4.21 -7.00
N CYS C 158 -23.81 4.61 -5.84
CA CYS C 158 -24.64 5.03 -4.71
C CYS C 158 -24.07 6.31 -4.11
N PRO C 159 -24.81 7.42 -4.12
CA PRO C 159 -24.37 8.61 -3.41
C PRO C 159 -24.41 8.40 -1.91
N MET C 160 -23.56 9.12 -1.19
CA MET C 160 -23.39 8.92 0.24
C MET C 160 -23.40 10.25 0.98
N ASP C 161 -23.89 10.20 2.22
CA ASP C 161 -23.82 11.31 3.16
C ASP C 161 -22.98 10.88 4.35
N ILE C 162 -22.01 11.71 4.72
CA ILE C 162 -21.08 11.37 5.79
C ILE C 162 -21.19 12.34 6.97
N THR C 163 -22.33 13.02 7.10
CA THR C 163 -22.49 13.98 8.19
C THR C 163 -22.58 13.33 9.57
N PHE C 164 -22.74 12.01 9.63
CA PHE C 164 -22.74 11.27 10.89
C PHE C 164 -21.87 10.02 10.74
N PHE C 165 -20.65 10.19 10.25
CA PHE C 165 -19.87 9.09 9.70
C PHE C 165 -19.79 7.84 10.57
N PRO C 166 -19.52 7.93 11.88
CA PRO C 166 -19.53 6.69 12.69
C PRO C 166 -20.88 5.99 12.73
N PHE C 167 -21.98 6.74 12.73
CA PHE C 167 -23.34 6.19 12.83
C PHE C 167 -24.17 6.81 11.72
N ASP C 168 -24.12 6.22 10.52
CA ASP C 168 -24.75 6.82 9.35
C ASP C 168 -25.70 5.84 8.69
N HIS C 169 -26.66 6.39 7.96
CA HIS C 169 -27.63 5.63 7.17
C HIS C 169 -27.43 5.95 5.69
N GLN C 170 -27.58 4.94 4.85
CA GLN C 170 -27.40 5.11 3.42
C GLN C 170 -28.63 4.61 2.67
N ASN C 171 -28.89 5.23 1.53
CA ASN C 171 -30.10 4.99 0.72
C ASN C 171 -29.65 4.72 -0.71
N CYS C 172 -29.32 3.47 -1.00
CA CYS C 172 -28.91 3.06 -2.33
C CYS C 172 -30.13 2.73 -3.18
N SER C 173 -29.90 2.52 -4.47
CA SER C 173 -31.00 2.28 -5.39
C SER C 173 -30.51 1.55 -6.62
N LEU C 174 -31.32 0.59 -7.09
CA LEU C 174 -31.09 -0.11 -8.34
C LEU C 174 -32.22 0.23 -9.30
N LYS C 175 -31.87 0.55 -10.54
CA LYS C 175 -32.83 0.98 -11.55
C LYS C 175 -32.84 -0.02 -12.70
N PHE C 176 -33.94 -0.72 -12.86
CA PHE C 176 -34.10 -1.75 -13.90
C PHE C 176 -35.16 -1.30 -14.89
N GLY C 177 -34.81 -1.30 -16.18
CA GLY C 177 -35.75 -0.93 -17.21
C GLY C 177 -35.29 -1.43 -18.56
N SER C 178 -36.26 -1.62 -19.46
CA SER C 178 -35.95 -2.06 -20.81
C SER C 178 -35.25 -0.94 -21.58
N TRP C 179 -34.32 -1.34 -22.45
CA TRP C 179 -33.51 -0.36 -23.17
C TRP C 179 -34.17 0.09 -24.48
N THR C 180 -34.44 -0.85 -25.37
CA THR C 180 -34.93 -0.49 -26.71
C THR C 180 -36.45 -0.42 -26.79
N TYR C 181 -37.17 -1.27 -26.07
CA TYR C 181 -38.63 -1.26 -26.14
C TYR C 181 -39.20 -0.17 -25.26
N ASP C 182 -40.48 0.13 -25.49
CA ASP C 182 -41.12 1.26 -24.82
C ASP C 182 -42.39 0.84 -24.10
N LYS C 183 -43.15 1.82 -23.60
CA LYS C 183 -44.39 1.51 -22.90
C LYS C 183 -45.41 0.85 -23.81
N ALA C 184 -45.49 1.31 -25.07
CA ALA C 184 -46.47 0.77 -26.00
C ALA C 184 -46.20 -0.67 -26.39
N GLU C 185 -44.99 -1.19 -26.12
CA GLU C 185 -44.64 -2.56 -26.47
C GLU C 185 -44.32 -3.43 -25.27
N ILE C 186 -44.11 -2.85 -24.09
CA ILE C 186 -43.78 -3.61 -22.89
C ILE C 186 -44.59 -3.04 -21.73
N ASP C 187 -45.08 -3.93 -20.88
CA ASP C 187 -45.95 -3.53 -19.77
C ASP C 187 -45.39 -4.00 -18.44
N LEU C 188 -44.11 -3.69 -18.19
CA LEU C 188 -43.40 -4.09 -16.98
C LEU C 188 -44.23 -3.88 -15.72
N LEU C 189 -44.49 -4.96 -15.01
CA LEU C 189 -45.19 -4.93 -13.72
C LEU C 189 -44.28 -5.48 -12.64
N ILE C 190 -44.82 -5.64 -11.44
CA ILE C 190 -44.08 -6.16 -10.30
C ILE C 190 -44.87 -7.28 -9.66
N ILE C 191 -44.16 -8.13 -8.91
CA ILE C 191 -44.79 -9.27 -8.24
C ILE C 191 -45.20 -8.84 -6.84
N GLY C 192 -44.23 -8.43 -6.04
CA GLY C 192 -44.51 -7.96 -4.69
C GLY C 192 -43.63 -6.78 -4.35
N SER C 193 -44.15 -5.93 -3.47
CA SER C 193 -43.44 -4.71 -3.09
C SER C 193 -42.40 -4.99 -2.02
N LYS C 194 -41.53 -5.97 -2.26
CA LYS C 194 -40.49 -6.35 -1.31
C LYS C 194 -39.52 -7.30 -1.98
N VAL C 195 -38.24 -7.16 -1.67
CA VAL C 195 -37.23 -8.11 -2.11
C VAL C 195 -37.29 -9.33 -1.19
N ASP C 196 -37.40 -10.52 -1.78
CA ASP C 196 -37.53 -11.73 -0.99
C ASP C 196 -36.18 -12.08 -0.36
N MET C 197 -36.13 -12.06 0.97
CA MET C 197 -34.91 -12.40 1.70
C MET C 197 -34.90 -13.89 2.08
N ASN C 198 -35.12 -14.75 1.10
CA ASN C 198 -35.21 -16.18 1.34
C ASN C 198 -33.84 -16.86 1.44
N ASP C 199 -32.78 -16.20 0.99
CA ASP C 199 -31.43 -16.77 1.08
C ASP C 199 -30.46 -15.61 1.08
N PHE C 200 -29.96 -15.24 2.25
CA PHE C 200 -29.07 -14.10 2.39
C PHE C 200 -27.98 -14.41 3.40
N TRP C 201 -26.73 -14.43 2.95
CA TRP C 201 -25.58 -14.54 3.85
C TRP C 201 -25.33 -13.16 4.43
N GLU C 202 -25.62 -12.99 5.72
CA GLU C 202 -25.64 -11.67 6.33
C GLU C 202 -24.27 -11.00 6.29
N ASN C 203 -24.25 -9.72 5.93
CA ASN C 203 -23.03 -8.94 5.97
C ASN C 203 -22.65 -8.61 7.40
N SER C 204 -21.35 -8.59 7.67
CA SER C 204 -20.87 -8.40 9.03
C SER C 204 -21.01 -6.96 9.50
N GLU C 205 -20.70 -5.99 8.64
CA GLU C 205 -20.63 -4.59 9.05
C GLU C 205 -21.88 -3.78 8.72
N TRP C 206 -22.70 -4.23 7.78
CA TRP C 206 -23.89 -3.50 7.37
C TRP C 206 -25.14 -4.32 7.66
N GLU C 207 -26.17 -3.66 8.16
CA GLU C 207 -27.43 -4.30 8.50
C GLU C 207 -28.53 -3.80 7.57
N ILE C 208 -29.26 -4.74 6.97
CA ILE C 208 -30.38 -4.40 6.11
C ILE C 208 -31.58 -4.04 6.96
N ILE C 209 -32.16 -2.86 6.72
CA ILE C 209 -33.28 -2.40 7.50
C ILE C 209 -34.58 -2.31 6.70
N ASP C 210 -34.50 -2.18 5.37
CA ASP C 210 -35.68 -2.09 4.54
C ASP C 210 -35.26 -2.23 3.08
N ALA C 211 -36.16 -2.79 2.28
CA ALA C 211 -35.90 -2.95 0.84
C ALA C 211 -37.25 -3.02 0.13
N SER C 212 -37.55 -2.00 -0.67
CA SER C 212 -38.83 -1.93 -1.37
C SER C 212 -38.60 -1.53 -2.82
N GLY C 213 -39.55 -1.90 -3.67
CA GLY C 213 -39.49 -1.57 -5.08
C GLY C 213 -40.72 -0.78 -5.51
N TYR C 214 -40.55 0.02 -6.56
CA TYR C 214 -41.64 0.83 -7.08
C TYR C 214 -41.48 0.96 -8.58
N LYS C 215 -42.60 1.24 -9.26
CA LYS C 215 -42.66 1.35 -10.71
C LYS C 215 -42.99 2.78 -11.09
N HIS C 216 -42.22 3.34 -12.02
CA HIS C 216 -42.37 4.72 -12.45
C HIS C 216 -42.58 4.79 -13.96
N ASP C 217 -43.38 5.76 -14.39
CA ASP C 217 -43.63 6.04 -15.79
C ASP C 217 -42.92 7.32 -16.16
N ILE C 218 -41.89 7.23 -17.00
CA ILE C 218 -41.03 8.36 -17.34
C ILE C 218 -40.89 8.47 -18.85
N LYS C 219 -40.73 9.71 -19.32
CA LYS C 219 -40.49 10.01 -20.71
C LYS C 219 -39.13 10.66 -20.84
N TYR C 220 -38.32 10.17 -21.78
CA TYR C 220 -36.92 10.56 -21.88
C TYR C 220 -36.74 11.63 -22.97
N ASN C 221 -35.51 12.13 -23.06
CA ASN C 221 -35.12 13.09 -24.09
C ASN C 221 -34.52 12.34 -25.27
N CYS C 222 -34.54 13.00 -26.43
CA CYS C 222 -34.11 12.48 -27.72
C CYS C 222 -34.98 11.31 -28.19
N CYS C 223 -36.03 10.97 -27.46
CA CYS C 223 -36.95 9.91 -27.84
C CYS C 223 -38.38 10.42 -27.69
N GLU C 224 -39.29 9.87 -28.49
CA GLU C 224 -40.64 10.40 -28.57
C GLU C 224 -41.68 9.37 -28.15
N GLU C 225 -41.44 8.67 -27.05
CA GLU C 225 -42.40 7.71 -26.53
C GLU C 225 -42.19 7.55 -25.04
N ILE C 226 -43.22 7.02 -24.37
CA ILE C 226 -43.17 6.80 -22.93
C ILE C 226 -42.45 5.50 -22.65
N TYR C 227 -41.70 5.46 -21.54
CA TYR C 227 -40.97 4.27 -21.13
C TYR C 227 -41.32 3.95 -19.68
N THR C 228 -41.25 2.65 -19.35
CA THR C 228 -41.57 2.16 -18.02
C THR C 228 -40.28 1.80 -17.29
N ASP C 229 -40.33 1.87 -15.96
CA ASP C 229 -39.13 1.69 -15.15
C ASP C 229 -39.51 1.07 -13.82
N ILE C 230 -38.56 0.32 -13.24
CA ILE C 230 -38.72 -0.29 -11.93
C ILE C 230 -37.45 -0.05 -11.14
N THR C 231 -37.60 0.52 -9.94
CA THR C 231 -36.46 0.87 -9.09
C THR C 231 -36.55 0.10 -7.79
N TYR C 232 -35.45 -0.55 -7.42
CA TYR C 232 -35.32 -1.25 -6.14
C TYR C 232 -34.30 -0.49 -5.31
N SER C 233 -34.73 -0.03 -4.13
CA SER C 233 -33.91 0.83 -3.28
C SER C 233 -33.65 0.17 -1.95
N PHE C 234 -32.39 -0.16 -1.68
CA PHE C 234 -32.01 -0.77 -0.43
C PHE C 234 -31.98 0.28 0.69
N TYR C 235 -31.76 -0.19 1.91
CA TYR C 235 -31.67 0.69 3.07
C TYR C 235 -30.82 -0.03 4.12
N ILE C 236 -29.55 0.36 4.23
CA ILE C 236 -28.60 -0.34 5.07
C ILE C 236 -28.22 0.55 6.25
N ARG C 237 -27.76 -0.11 7.33
CA ARG C 237 -27.31 0.55 8.54
C ARG C 237 -25.97 -0.05 8.95
N ARG C 238 -25.11 0.77 9.53
CA ARG C 238 -23.76 0.35 9.87
C ARG C 238 -23.68 -0.13 11.31
N LEU C 239 -22.77 -1.08 11.55
CA LEU C 239 -22.46 -1.54 12.89
C LEU C 239 -21.17 -0.86 13.35
N PRO C 240 -21.21 -0.01 14.37
CA PRO C 240 -20.07 0.89 14.62
C PRO C 240 -19.00 0.33 15.53
N MET C 241 -18.99 -0.97 15.79
CA MET C 241 -18.02 -1.53 16.72
C MET C 241 -16.60 -1.38 16.21
N PHE C 242 -16.36 -1.66 14.92
CA PHE C 242 -15.01 -1.59 14.39
C PHE C 242 -14.52 -0.15 14.27
N TYR C 243 -15.42 0.79 14.00
CA TYR C 243 -15.04 2.18 13.74
C TYR C 243 -15.14 3.07 14.98
N THR C 244 -15.35 2.49 16.15
CA THR C 244 -15.34 3.24 17.40
C THR C 244 -14.11 2.95 18.25
N ILE C 245 -13.85 1.67 18.55
CA ILE C 245 -12.73 1.27 19.38
C ILE C 245 -11.42 1.40 18.61
N ASN C 246 -11.51 1.86 17.35
CA ASN C 246 -10.35 2.06 16.51
C ASN C 246 -10.15 3.50 16.07
N LEU C 247 -11.19 4.33 16.12
CA LEU C 247 -11.10 5.72 15.67
C LEU C 247 -11.51 6.73 16.72
N ILE C 248 -12.56 6.45 17.50
CA ILE C 248 -13.14 7.47 18.36
C ILE C 248 -12.42 7.54 19.69
N ILE C 249 -12.16 6.39 20.31
CA ILE C 249 -11.57 6.38 21.66
C ILE C 249 -10.17 7.01 21.68
N PRO C 250 -9.25 6.65 20.77
CA PRO C 250 -7.95 7.36 20.78
C PRO C 250 -8.07 8.86 20.54
N CYS C 251 -9.05 9.30 19.75
CA CYS C 251 -9.23 10.72 19.52
C CYS C 251 -9.57 11.44 20.82
N LEU C 252 -10.49 10.89 21.61
CA LEU C 252 -10.83 11.51 22.89
C LEU C 252 -9.70 11.38 23.90
N PHE C 253 -8.94 10.28 23.86
CA PHE C 253 -7.77 10.15 24.72
C PHE C 253 -6.77 11.27 24.45
N ILE C 254 -6.51 11.54 23.18
CA ILE C 254 -5.55 12.59 22.83
C ILE C 254 -6.12 13.96 23.18
N SER C 255 -7.43 14.16 22.95
CA SER C 255 -8.05 15.43 23.31
C SER C 255 -7.99 15.68 24.81
N PHE C 256 -8.00 14.62 25.62
CA PHE C 256 -7.86 14.79 27.06
C PHE C 256 -6.47 15.27 27.44
N LEU C 257 -5.43 14.77 26.77
CA LEU C 257 -4.06 15.07 27.13
C LEU C 257 -3.66 16.52 26.85
N THR C 258 -4.49 17.27 26.13
CA THR C 258 -4.11 18.64 25.78
C THR C 258 -4.13 19.56 26.98
N VAL C 259 -5.14 19.43 27.84
CA VAL C 259 -5.32 20.37 28.94
C VAL C 259 -4.22 20.25 29.99
N LEU C 260 -3.51 19.11 30.04
CA LEU C 260 -2.51 18.89 31.08
C LEU C 260 -1.27 19.74 30.93
N VAL C 261 -1.11 20.45 29.80
CA VAL C 261 0.06 21.30 29.61
C VAL C 261 0.11 22.41 30.63
N PHE C 262 -1.06 22.94 31.02
CA PHE C 262 -1.13 24.10 31.90
C PHE C 262 -1.03 23.74 33.37
N TYR C 263 -0.89 22.46 33.70
CA TYR C 263 -0.65 22.05 35.07
C TYR C 263 0.81 21.69 35.34
N LEU C 264 1.61 21.51 34.29
CA LEU C 264 3.03 21.24 34.46
C LEU C 264 3.74 22.47 35.00
N PRO C 265 4.78 22.28 35.81
CA PRO C 265 5.61 23.41 36.22
C PRO C 265 6.57 23.80 35.11
N SER C 266 7.00 25.06 35.15
CA SER C 266 7.88 25.57 34.11
C SER C 266 9.33 25.12 34.27
N ASP C 267 9.70 24.62 35.44
CA ASP C 267 11.07 24.18 35.69
C ASP C 267 11.30 22.71 35.39
N CYS C 268 10.24 21.96 35.07
CA CYS C 268 10.40 20.53 34.79
C CYS C 268 11.24 20.30 33.54
N GLY C 269 11.01 21.10 32.50
CA GLY C 269 11.74 20.96 31.26
C GLY C 269 11.08 20.08 30.22
N GLU C 270 9.92 19.49 30.52
CA GLU C 270 9.19 18.65 29.58
C GLU C 270 7.90 19.29 29.09
N LYS C 271 7.82 20.62 29.15
CA LYS C 271 6.57 21.29 28.79
C LYS C 271 6.34 21.25 27.28
N VAL C 272 7.40 21.32 26.48
CA VAL C 272 7.24 21.38 25.03
C VAL C 272 6.96 20.00 24.43
N THR C 273 7.47 18.93 25.05
CA THR C 273 7.32 17.60 24.49
C THR C 273 5.85 17.19 24.39
N LEU C 274 5.07 17.48 25.44
CA LEU C 274 3.68 17.05 25.48
C LEU C 274 2.88 17.68 24.34
N CYS C 275 3.03 18.98 24.14
CA CYS C 275 2.28 19.67 23.09
C CYS C 275 2.64 19.13 21.71
N ILE C 276 3.93 18.91 21.46
CA ILE C 276 4.37 18.40 20.17
C ILE C 276 3.81 17.01 19.92
N SER C 277 3.85 16.14 20.94
CA SER C 277 3.32 14.80 20.78
C SER C 277 1.82 14.83 20.49
N VAL C 278 1.07 15.67 21.21
CA VAL C 278 -0.37 15.78 20.97
C VAL C 278 -0.64 16.25 19.56
N LEU C 279 0.11 17.27 19.10
CA LEU C 279 -0.09 17.79 17.76
C LEU C 279 0.18 16.72 16.69
N LEU C 280 1.27 15.98 16.85
CA LEU C 280 1.59 14.94 15.86
C LEU C 280 0.54 13.83 15.86
N SER C 281 0.06 13.43 17.04
CA SER C 281 -0.98 12.41 17.09
C SER C 281 -2.26 12.88 16.40
N LEU C 282 -2.65 14.14 16.63
CA LEU C 282 -3.82 14.68 15.94
C LEU C 282 -3.61 14.72 14.44
N THR C 283 -2.41 15.10 14.00
CA THR C 283 -2.09 15.06 12.58
C THR C 283 -2.32 13.68 11.99
N VAL C 284 -1.80 12.65 12.67
CA VAL C 284 -1.92 11.28 12.16
C VAL C 284 -3.38 10.86 12.10
N PHE C 285 -4.15 11.15 13.15
CA PHE C 285 -5.54 10.73 13.18
C PHE C 285 -6.34 11.42 12.08
N LEU C 286 -6.14 12.73 11.90
CA LEU C 286 -6.84 13.45 10.84
C LEU C 286 -6.46 12.91 9.47
N LEU C 287 -5.17 12.61 9.27
CA LEU C 287 -4.73 12.05 7.99
C LEU C 287 -5.44 10.74 7.71
N VAL C 288 -5.52 9.85 8.71
CA VAL C 288 -6.13 8.54 8.50
C VAL C 288 -7.62 8.69 8.18
N ILE C 289 -8.33 9.49 8.97
CA ILE C 289 -9.76 9.61 8.75
C ILE C 289 -10.04 10.26 7.40
N THR C 290 -9.21 11.21 6.98
CA THR C 290 -9.34 11.78 5.65
C THR C 290 -9.11 10.73 4.57
N GLU C 291 -8.14 9.83 4.81
CA GLU C 291 -7.86 8.79 3.83
C GLU C 291 -9.04 7.85 3.66
N THR C 292 -9.74 7.51 4.75
CA THR C 292 -10.78 6.48 4.70
C THR C 292 -12.19 7.06 4.59
N ILE C 293 -12.38 8.17 3.88
CA ILE C 293 -13.70 8.72 3.65
C ILE C 293 -13.82 9.18 2.20
N PRO C 294 -15.04 9.28 1.68
CA PRO C 294 -15.23 9.84 0.34
C PRO C 294 -14.82 11.29 0.27
N SER C 295 -14.40 11.71 -0.93
CA SER C 295 -13.90 13.06 -1.17
C SER C 295 -14.98 14.04 -1.58
N THR C 296 -16.25 13.75 -1.28
CA THR C 296 -17.31 14.67 -1.62
C THR C 296 -17.19 15.96 -0.82
N SER C 297 -17.46 17.09 -1.50
CA SER C 297 -17.37 18.41 -0.89
C SER C 297 -18.74 19.04 -0.70
N LEU C 298 -19.81 18.27 -0.80
CA LEU C 298 -21.15 18.82 -0.58
C LEU C 298 -21.33 19.31 0.84
N VAL C 299 -20.86 18.52 1.82
CA VAL C 299 -20.93 18.86 3.23
C VAL C 299 -19.64 18.38 3.90
N VAL C 300 -19.54 18.65 5.20
CA VAL C 300 -18.37 18.22 5.99
C VAL C 300 -18.85 17.31 7.12
N PRO C 301 -18.16 16.22 7.39
CA PRO C 301 -18.60 15.33 8.48
C PRO C 301 -18.53 16.02 9.83
N LEU C 302 -19.43 15.60 10.73
CA LEU C 302 -19.44 16.15 12.08
C LEU C 302 -18.19 15.80 12.87
N VAL C 303 -17.45 14.78 12.44
CA VAL C 303 -16.20 14.43 13.09
C VAL C 303 -15.03 15.27 12.56
N GLY C 304 -15.04 15.61 11.26
CA GLY C 304 -13.99 16.45 10.73
C GLY C 304 -13.99 17.85 11.32
N GLU C 305 -15.20 18.40 11.56
CA GLU C 305 -15.30 19.70 12.21
C GLU C 305 -14.66 19.67 13.59
N TYR C 306 -14.96 18.63 14.37
CA TYR C 306 -14.38 18.51 15.70
C TYR C 306 -12.87 18.31 15.63
N LEU C 307 -12.40 17.54 14.65
CA LEU C 307 -10.97 17.30 14.54
C LEU C 307 -10.22 18.59 14.21
N LEU C 308 -10.75 19.38 13.26
CA LEU C 308 -10.13 20.67 12.96
C LEU C 308 -10.21 21.63 14.14
N PHE C 309 -11.33 21.61 14.86
CA PHE C 309 -11.52 22.46 16.03
C PHE C 309 -10.49 22.15 17.11
N THR C 310 -10.34 20.87 17.44
CA THR C 310 -9.34 20.46 18.41
C THR C 310 -7.93 20.75 17.91
N MET C 311 -7.69 20.58 16.60
CA MET C 311 -6.37 20.87 16.04
C MET C 311 -6.01 22.34 16.20
N ILE C 312 -6.95 23.24 15.92
CA ILE C 312 -6.62 24.66 15.99
C ILE C 312 -6.43 25.09 17.43
N PHE C 313 -7.20 24.52 18.37
CA PHE C 313 -6.91 24.82 19.78
C PHE C 313 -5.58 24.24 20.24
N VAL C 314 -5.23 23.04 19.78
CA VAL C 314 -3.94 22.46 20.15
C VAL C 314 -2.79 23.32 19.64
N THR C 315 -2.91 23.80 18.40
CA THR C 315 -1.92 24.74 17.88
C THR C 315 -1.90 26.01 18.70
N LEU C 316 -3.06 26.48 19.14
CA LEU C 316 -3.12 27.69 19.95
C LEU C 316 -2.51 27.50 21.33
N SER C 317 -2.37 26.27 21.80
CA SER C 317 -1.80 26.02 23.11
C SER C 317 -0.27 25.98 23.09
N ILE C 318 0.33 25.63 21.95
CA ILE C 318 1.78 25.70 21.82
C ILE C 318 2.24 27.15 21.86
N VAL C 319 1.44 28.06 21.31
CA VAL C 319 1.80 29.48 21.33
C VAL C 319 1.84 30.00 22.76
N VAL C 320 0.82 29.66 23.56
CA VAL C 320 0.77 30.17 24.94
C VAL C 320 1.92 29.63 25.77
N THR C 321 2.32 28.38 25.52
CA THR C 321 3.44 27.81 26.26
C THR C 321 4.72 28.57 26.00
N VAL C 322 4.98 28.95 24.74
CA VAL C 322 6.18 29.69 24.40
C VAL C 322 6.16 31.07 25.06
N PHE C 323 5.00 31.71 25.12
CA PHE C 323 4.85 33.01 25.75
C PHE C 323 4.80 32.92 27.27
N VAL C 324 4.79 31.73 27.85
CA VAL C 324 4.87 31.55 29.30
C VAL C 324 6.28 31.19 29.73
N LEU C 325 6.95 30.30 28.98
CA LEU C 325 8.34 29.97 29.29
C LEU C 325 9.26 31.17 29.18
N ASN C 326 8.89 32.17 28.38
CA ASN C 326 9.71 33.38 28.26
C ASN C 326 9.59 34.26 29.49
N ILE C 327 8.43 34.26 30.15
CA ILE C 327 8.26 35.05 31.37
C ILE C 327 8.89 34.38 32.58
N HIS C 328 9.07 33.06 32.54
CA HIS C 328 9.63 32.35 33.68
C HIS C 328 11.13 32.58 33.84
N TYR C 329 11.82 32.97 32.77
CA TYR C 329 13.27 33.08 32.77
C TYR C 329 13.71 34.53 32.58
N ARG C 330 13.05 35.46 33.27
CA ARG C 330 13.40 36.87 33.21
C ARG C 330 14.04 37.31 34.51
N THR C 331 15.06 38.16 34.40
CA THR C 331 15.84 38.63 35.53
C THR C 331 15.97 40.15 35.45
N PRO C 332 16.13 40.83 36.59
CA PRO C 332 16.25 42.30 36.55
C PRO C 332 17.48 42.79 35.79
N THR C 333 18.49 41.95 35.58
CA THR C 333 19.67 42.35 34.83
C THR C 333 19.42 42.44 33.32
N THR C 334 18.30 41.91 32.84
CA THR C 334 17.96 41.97 31.42
C THR C 334 16.60 42.59 31.14
N HIS C 335 15.61 42.39 32.01
CA HIS C 335 14.27 42.93 31.81
C HIS C 335 13.85 43.72 33.04
N THR C 336 13.01 44.72 32.82
CA THR C 336 12.49 45.56 33.90
C THR C 336 10.98 45.43 33.96
N MET C 337 10.46 45.17 35.14
CA MET C 337 9.02 45.01 35.31
C MET C 337 8.33 46.37 35.17
N PRO C 338 7.27 46.48 34.36
CA PRO C 338 6.55 47.75 34.24
C PRO C 338 5.78 48.10 35.51
N ARG C 339 5.06 49.22 35.47
CA ARG C 339 4.34 49.71 36.64
C ARG C 339 2.91 49.18 36.74
N TRP C 340 2.41 48.50 35.72
CA TRP C 340 1.05 47.96 35.76
C TRP C 340 1.01 46.45 35.92
N VAL C 341 2.10 45.75 35.58
CA VAL C 341 2.19 44.31 35.76
C VAL C 341 2.44 44.01 37.23
N LYS C 342 2.53 45.05 38.05
CA LYS C 342 2.62 44.88 39.50
C LYS C 342 1.25 44.85 40.14
N THR C 343 0.41 45.86 39.86
CA THR C 343 -0.96 45.85 40.35
C THR C 343 -1.76 44.72 39.71
N VAL C 344 -1.62 44.56 38.40
CA VAL C 344 -2.25 43.43 37.72
C VAL C 344 -1.33 42.22 37.81
N PHE C 345 -1.93 41.03 37.69
CA PHE C 345 -1.27 39.73 37.73
C PHE C 345 -0.72 39.37 39.10
N LEU C 346 -0.84 40.26 40.08
CA LEU C 346 -0.37 39.98 41.44
C LEU C 346 -1.41 40.25 42.52
N LYS C 347 -2.39 41.11 42.27
CA LYS C 347 -3.41 41.43 43.26
C LYS C 347 -4.83 41.16 42.77
N LEU C 348 -5.13 41.46 41.51
CA LEU C 348 -6.48 41.34 40.99
C LEU C 348 -6.77 39.93 40.50
N LEU C 349 -6.02 39.46 39.50
CA LEU C 349 -6.24 38.13 38.96
C LEU C 349 -6.02 37.00 39.97
N PRO C 350 -4.96 36.99 40.79
CA PRO C 350 -4.83 35.91 41.77
C PRO C 350 -6.01 35.78 42.70
N GLN C 351 -6.65 36.90 43.08
CA GLN C 351 -7.83 36.82 43.91
C GLN C 351 -8.99 36.14 43.18
N VAL C 352 -9.17 36.45 41.90
CA VAL C 352 -10.30 35.92 41.15
C VAL C 352 -10.16 34.41 40.97
N LEU C 353 -8.99 33.95 40.55
CA LEU C 353 -8.77 32.54 40.24
C LEU C 353 -8.46 31.71 41.47
N LEU C 354 -8.73 32.23 42.67
CA LEU C 354 -8.47 31.53 43.94
C LEU C 354 -7.01 31.12 44.05
N MET C 355 -6.13 32.13 43.99
CA MET C 355 -4.68 31.94 44.10
C MET C 355 -4.17 32.92 45.14
N ARG C 356 -4.04 32.44 46.37
CA ARG C 356 -3.53 33.29 47.45
C ARG C 356 -2.03 33.49 47.30
N TRP C 357 -1.57 34.69 47.68
CA TRP C 357 -0.15 35.01 47.66
C TRP C 357 0.43 34.82 49.05
N PRO C 358 1.36 33.87 49.25
CA PRO C 358 1.96 33.61 50.56
C PRO C 358 2.81 34.77 51.06
N PRO C 416 43.09 52.91 64.52
CA PRO C 416 43.13 51.54 65.03
C PRO C 416 42.86 50.49 63.96
N GLU C 417 43.03 49.22 64.30
CA GLU C 417 42.80 48.13 63.36
C GLU C 417 41.36 47.68 63.30
N LEU C 418 40.49 48.22 64.17
CA LEU C 418 39.08 47.87 64.13
C LEU C 418 38.36 48.53 62.97
N ALA C 419 38.84 49.69 62.52
CA ALA C 419 38.23 50.35 61.37
C ALA C 419 38.39 49.52 60.10
N ASP C 420 39.58 48.93 59.91
CA ASP C 420 39.81 48.11 58.72
C ASP C 420 38.92 46.87 58.71
N ILE C 421 38.74 46.24 59.88
CA ILE C 421 37.84 45.08 59.95
C ILE C 421 36.40 45.52 59.72
N LEU C 422 36.02 46.72 60.19
CA LEU C 422 34.64 47.16 60.09
C LEU C 422 34.18 47.28 58.64
N ASN C 423 35.01 47.88 57.78
CA ASN C 423 34.60 48.06 56.39
C ASN C 423 34.68 46.76 55.59
N GLU C 424 35.60 45.87 55.94
CA GLU C 424 35.68 44.58 55.28
C GLU C 424 34.43 43.74 55.56
N VAL C 425 33.99 43.72 56.82
CA VAL C 425 32.78 42.99 57.17
C VAL C 425 31.55 43.68 56.58
N GLN C 426 31.55 45.01 56.57
CA GLN C 426 30.39 45.75 56.08
C GLN C 426 30.13 45.46 54.60
N TYR C 427 31.19 45.33 53.81
CA TYR C 427 31.01 45.03 52.39
C TYR C 427 30.39 43.65 52.19
N ILE C 428 30.81 42.67 53.00
CA ILE C 428 30.26 41.32 52.88
C ILE C 428 28.76 41.34 53.19
N ALA C 429 28.37 42.02 54.26
CA ALA C 429 26.96 42.07 54.63
C ALA C 429 26.13 42.80 53.57
N ASN C 430 26.67 43.89 53.03
CA ASN C 430 25.91 44.66 52.03
C ASN C 430 25.76 43.87 50.72
N ARG C 431 26.72 43.03 50.38
CA ARG C 431 26.58 42.17 49.21
C ARG C 431 25.42 41.20 49.38
N PHE C 432 25.27 40.63 50.57
CA PHE C 432 24.18 39.70 50.83
C PHE C 432 22.83 40.40 50.75
N ARG C 433 22.75 41.64 51.22
CA ARG C 433 21.48 42.36 51.19
C ARG C 433 21.02 42.61 49.76
N SER C 434 21.94 43.00 48.87
CA SER C 434 21.57 43.26 47.49
C SER C 434 21.30 41.98 46.70
N GLN C 435 21.79 40.84 47.19
CA GLN C 435 21.48 39.59 46.51
C GLN C 435 20.05 39.15 46.78
N ASN C 436 19.59 39.31 48.02
CA ASN C 436 18.21 38.94 48.35
C ASN C 436 17.21 39.93 47.76
N GLU C 437 17.61 41.20 47.60
CA GLU C 437 16.74 42.16 46.95
C GLU C 437 16.55 41.82 45.48
N THR C 438 17.61 41.35 44.81
CA THR C 438 17.48 40.92 43.42
C THR C 438 16.67 39.64 43.30
N LYS C 439 16.84 38.71 44.25
CA LYS C 439 16.09 37.46 44.20
C LYS C 439 14.59 37.69 44.35
N GLU C 440 14.20 38.79 44.99
CA GLU C 440 12.77 39.10 45.10
C GLU C 440 12.15 39.31 43.73
N VAL C 441 12.83 40.02 42.84
CA VAL C 441 12.33 40.23 41.49
C VAL C 441 12.38 38.92 40.70
N GLU C 442 13.36 38.06 40.99
CA GLU C 442 13.49 36.81 40.25
C GLU C 442 12.37 35.82 40.55
N ASP C 443 11.60 36.03 41.62
CA ASP C 443 10.47 35.17 41.90
C ASP C 443 9.13 35.82 41.56
N ASP C 444 9.09 37.15 41.42
CA ASP C 444 7.89 37.79 40.90
C ASP C 444 7.63 37.39 39.46
N TRP C 445 8.70 37.31 38.64
CA TRP C 445 8.54 36.83 37.28
C TRP C 445 8.15 35.36 37.25
N LYS C 446 8.51 34.59 38.28
CA LYS C 446 8.08 33.20 38.36
C LYS C 446 6.60 33.09 38.74
N TYR C 447 6.11 34.02 39.56
CA TYR C 447 4.70 33.98 39.93
C TYR C 447 3.79 34.45 38.81
N VAL C 448 4.26 35.39 37.98
CA VAL C 448 3.44 35.86 36.87
C VAL C 448 3.23 34.74 35.86
N ALA C 449 4.25 33.92 35.64
CA ALA C 449 4.10 32.78 34.73
C ALA C 449 3.13 31.74 35.28
N MET C 450 3.00 31.67 36.61
CA MET C 450 2.05 30.73 37.20
C MET C 450 0.62 31.23 37.03
N VAL C 451 0.41 32.54 37.09
CA VAL C 451 -0.94 33.09 36.94
C VAL C 451 -1.41 32.96 35.49
N VAL C 452 -0.54 33.26 34.54
CA VAL C 452 -0.92 33.19 33.13
C VAL C 452 -1.24 31.75 32.74
N ASP C 453 -0.49 30.79 33.28
CA ASP C 453 -0.79 29.38 33.03
C ASP C 453 -2.15 29.01 33.61
N ARG C 454 -2.50 29.56 34.77
CA ARG C 454 -3.76 29.21 35.41
C ARG C 454 -4.95 29.86 34.70
N VAL C 455 -4.80 31.11 34.25
CA VAL C 455 -5.91 31.81 33.63
C VAL C 455 -6.28 31.19 32.29
N PHE C 456 -5.36 30.44 31.66
CA PHE C 456 -5.66 29.75 30.42
C PHE C 456 -6.09 28.30 30.63
N LEU C 457 -5.84 27.74 31.81
CA LEU C 457 -6.37 26.42 32.13
C LEU C 457 -7.89 26.43 32.20
N TRP C 458 -8.46 27.50 32.77
CA TRP C 458 -9.91 27.60 32.88
C TRP C 458 -10.55 27.96 31.54
N VAL C 459 -9.91 28.81 30.74
CA VAL C 459 -10.44 29.17 29.44
C VAL C 459 -10.49 27.93 28.54
N PHE C 460 -9.41 27.15 28.53
CA PHE C 460 -9.39 25.94 27.71
C PHE C 460 -10.38 24.90 28.20
N ILE C 461 -10.39 24.63 29.50
CA ILE C 461 -11.26 23.58 30.05
C ILE C 461 -12.73 23.91 29.85
N ILE C 462 -13.06 25.18 29.64
CA ILE C 462 -14.45 25.55 29.35
C ILE C 462 -14.77 25.26 27.89
N VAL C 463 -13.98 25.83 26.97
CA VAL C 463 -14.26 25.68 25.55
C VAL C 463 -14.06 24.24 25.10
N CYS C 464 -13.05 23.56 25.65
CA CYS C 464 -12.85 22.15 25.31
C CYS C 464 -14.06 21.30 25.73
N VAL C 465 -14.57 21.53 26.95
CA VAL C 465 -15.77 20.83 27.38
C VAL C 465 -16.99 21.34 26.63
N PHE C 466 -17.11 22.66 26.49
CA PHE C 466 -18.27 23.24 25.81
C PHE C 466 -18.25 22.95 24.31
N GLY C 467 -17.07 22.83 23.70
CA GLY C 467 -17.01 22.61 22.27
C GLY C 467 -17.64 21.30 21.85
N THR C 468 -17.42 20.24 22.62
CA THR C 468 -18.06 18.96 22.31
C THR C 468 -19.57 19.06 22.42
N ALA C 469 -20.07 19.74 23.45
CA ALA C 469 -21.50 19.92 23.64
C ALA C 469 -21.98 21.22 23.01
N ALA D 24 -47.28 -14.24 -39.68
CA ALA D 24 -48.51 -14.18 -38.90
C ALA D 24 -48.86 -12.74 -38.54
N ASN D 25 -48.05 -12.13 -37.69
CA ASN D 25 -48.25 -10.74 -37.27
C ASN D 25 -47.65 -9.75 -38.26
N ALA D 26 -47.06 -10.23 -39.35
CA ALA D 26 -46.50 -9.43 -40.44
C ALA D 26 -45.22 -8.73 -40.02
N GLU D 27 -44.88 -8.75 -38.73
CA GLU D 27 -43.58 -8.24 -38.30
C GLU D 27 -42.47 -9.22 -38.63
N GLU D 28 -42.75 -10.53 -38.56
CA GLU D 28 -41.81 -11.51 -39.07
C GLU D 28 -41.84 -11.58 -40.59
N LYS D 29 -43.00 -11.30 -41.20
CA LYS D 29 -43.09 -11.32 -42.66
C LYS D 29 -42.29 -10.17 -43.27
N LEU D 30 -42.27 -9.01 -42.59
CA LEU D 30 -41.44 -7.91 -43.06
C LEU D 30 -39.97 -8.32 -43.11
N MET D 31 -39.48 -8.98 -42.05
CA MET D 31 -38.10 -9.43 -42.04
C MET D 31 -37.86 -10.48 -43.11
N ASP D 32 -38.77 -11.45 -43.23
CA ASP D 32 -38.61 -12.52 -44.20
C ASP D 32 -38.69 -12.03 -45.64
N ASP D 33 -39.29 -10.86 -45.87
CA ASP D 33 -39.35 -10.29 -47.20
C ASP D 33 -38.28 -9.23 -47.46
N LEU D 34 -37.67 -8.69 -46.41
CA LEU D 34 -36.70 -7.62 -46.56
C LEU D 34 -35.25 -8.07 -46.44
N LEU D 35 -34.94 -8.98 -45.52
CA LEU D 35 -33.55 -9.39 -45.31
C LEU D 35 -33.13 -10.49 -46.28
N ASN D 36 -33.81 -11.63 -46.21
CA ASN D 36 -33.53 -12.74 -47.11
C ASN D 36 -34.33 -12.56 -48.40
N LYS D 37 -34.36 -13.60 -49.24
CA LYS D 37 -35.01 -13.58 -50.54
C LYS D 37 -34.35 -12.54 -51.45
N THR D 38 -34.49 -11.26 -51.11
CA THR D 38 -33.75 -10.22 -51.82
C THR D 38 -32.28 -10.20 -51.46
N ARG D 39 -31.88 -10.95 -50.44
CA ARG D 39 -30.47 -11.15 -50.06
C ARG D 39 -29.80 -9.82 -49.72
N TYR D 40 -30.27 -9.20 -48.65
CA TYR D 40 -29.57 -8.05 -48.09
C TYR D 40 -28.20 -8.47 -47.59
N ASN D 41 -27.21 -7.61 -47.80
CA ASN D 41 -25.83 -7.89 -47.42
C ASN D 41 -25.39 -6.88 -46.36
N ASN D 42 -24.76 -7.38 -45.31
CA ASN D 42 -24.29 -6.55 -44.21
C ASN D 42 -22.80 -6.27 -44.29
N LEU D 43 -22.16 -6.59 -45.42
CA LEU D 43 -20.74 -6.32 -45.61
C LEU D 43 -20.46 -5.27 -46.68
N ILE D 44 -21.49 -4.79 -47.37
CA ILE D 44 -21.35 -3.85 -48.47
C ILE D 44 -21.91 -2.51 -48.05
N ARG D 45 -21.14 -1.45 -48.28
CA ARG D 45 -21.60 -0.10 -47.97
C ARG D 45 -22.83 0.25 -48.82
N PRO D 46 -23.74 1.06 -48.28
CA PRO D 46 -24.97 1.38 -49.01
C PRO D 46 -24.78 2.47 -50.04
N ALA D 47 -23.52 2.74 -50.41
CA ALA D 47 -23.24 3.74 -51.43
C ALA D 47 -23.93 3.37 -52.74
N THR D 48 -24.85 4.24 -53.18
CA THR D 48 -25.59 3.96 -54.41
C THR D 48 -24.67 3.92 -55.62
N SER D 49 -23.61 4.72 -55.62
CA SER D 49 -22.65 4.76 -56.72
C SER D 49 -21.30 5.19 -56.16
N SER D 50 -20.38 5.52 -57.06
CA SER D 50 -19.06 6.00 -56.66
C SER D 50 -19.09 7.51 -56.45
N SER D 51 -18.08 8.00 -55.73
CA SER D 51 -17.90 9.43 -55.46
C SER D 51 -19.08 10.03 -54.71
N GLN D 52 -19.77 9.21 -53.90
CA GLN D 52 -20.86 9.68 -53.05
C GLN D 52 -20.58 9.25 -51.62
N LEU D 53 -20.57 10.21 -50.70
CA LEU D 53 -20.21 9.96 -49.32
C LEU D 53 -21.46 9.70 -48.48
N ILE D 54 -21.28 8.91 -47.43
CA ILE D 54 -22.34 8.69 -46.46
C ILE D 54 -22.43 9.90 -45.52
N SER D 55 -23.54 10.00 -44.80
CA SER D 55 -23.82 11.21 -44.02
C SER D 55 -24.08 10.89 -42.55
N ILE D 56 -23.18 10.12 -41.93
CA ILE D 56 -23.35 9.74 -40.53
C ILE D 56 -23.46 10.98 -39.66
N LYS D 57 -24.50 11.04 -38.85
CA LYS D 57 -24.68 12.08 -37.84
C LYS D 57 -24.24 11.57 -36.47
N LEU D 58 -24.12 12.49 -35.52
CA LEU D 58 -23.63 12.14 -34.21
C LEU D 58 -24.14 13.13 -33.18
N GLN D 59 -24.44 12.63 -31.98
CA GLN D 59 -24.87 13.50 -30.88
C GLN D 59 -24.58 12.75 -29.58
N LEU D 60 -23.57 13.20 -28.83
CA LEU D 60 -23.25 12.61 -27.55
C LEU D 60 -24.24 13.09 -26.49
N SER D 61 -24.47 12.25 -25.49
CA SER D 61 -25.35 12.58 -24.37
C SER D 61 -24.74 12.05 -23.09
N LEU D 62 -24.33 12.95 -22.21
CA LEU D 62 -23.74 12.55 -20.94
C LEU D 62 -24.81 11.99 -20.00
N ALA D 63 -24.39 11.06 -19.15
CA ALA D 63 -25.30 10.50 -18.15
C ALA D 63 -24.74 10.59 -16.74
N GLN D 64 -23.45 10.37 -16.56
CA GLN D 64 -22.84 10.42 -15.23
C GLN D 64 -21.31 10.48 -15.33
N LEU D 65 -20.70 11.44 -14.62
CA LEU D 65 -19.25 11.52 -14.53
C LEU D 65 -18.80 10.67 -13.36
N ILE D 66 -18.16 9.54 -13.66
CA ILE D 66 -17.80 8.58 -12.61
C ILE D 66 -16.70 9.17 -11.72
N SER D 67 -15.53 9.43 -12.30
CA SER D 67 -14.41 9.96 -11.54
C SER D 67 -13.37 10.48 -12.51
N VAL D 68 -12.53 11.39 -12.00
CA VAL D 68 -11.37 11.89 -12.74
C VAL D 68 -10.13 11.54 -11.94
N ASN D 69 -9.20 10.82 -12.56
CA ASN D 69 -8.01 10.34 -11.89
C ASN D 69 -6.81 11.20 -12.28
N GLU D 70 -6.01 11.59 -11.29
CA GLU D 70 -4.85 12.43 -11.52
C GLU D 70 -3.53 11.69 -11.46
N ARG D 71 -3.45 10.61 -10.68
CA ARG D 71 -2.20 9.85 -10.59
C ARG D 71 -1.85 9.20 -11.93
N GLU D 72 -2.85 8.78 -12.70
CA GLU D 72 -2.62 8.14 -13.98
C GLU D 72 -3.17 8.94 -15.15
N GLN D 73 -3.85 10.06 -14.90
CA GLN D 73 -4.42 10.92 -15.94
C GLN D 73 -5.41 10.15 -16.81
N ILE D 74 -6.45 9.63 -16.16
CA ILE D 74 -7.51 8.87 -16.81
C ILE D 74 -8.85 9.39 -16.33
N MET D 75 -9.75 9.67 -17.27
CA MET D 75 -11.10 10.14 -16.96
C MET D 75 -12.10 9.11 -17.45
N THR D 76 -13.01 8.70 -16.57
CA THR D 76 -14.01 7.70 -16.88
C THR D 76 -15.40 8.31 -16.86
N THR D 77 -16.23 7.94 -17.83
CA THR D 77 -17.57 8.51 -17.98
C THR D 77 -18.55 7.40 -18.36
N ASN D 78 -19.81 7.78 -18.44
CA ASN D 78 -20.90 6.88 -18.85
C ASN D 78 -21.78 7.68 -19.81
N VAL D 79 -21.59 7.48 -21.11
CA VAL D 79 -22.22 8.31 -22.12
C VAL D 79 -22.99 7.45 -23.11
N TRP D 80 -23.90 8.09 -23.83
CA TRP D 80 -24.66 7.47 -24.91
C TRP D 80 -24.33 8.17 -26.22
N LEU D 81 -24.17 7.39 -27.29
CA LEU D 81 -23.71 7.90 -28.58
C LEU D 81 -24.75 7.62 -29.65
N LYS D 82 -25.69 8.54 -29.83
CA LYS D 82 -26.69 8.40 -30.87
C LYS D 82 -26.07 8.57 -32.25
N GLN D 83 -26.43 7.68 -33.17
CA GLN D 83 -25.94 7.73 -34.54
C GLN D 83 -27.10 7.56 -35.51
N GLU D 84 -26.97 8.20 -36.67
CA GLU D 84 -28.00 8.12 -37.70
C GLU D 84 -27.35 8.11 -39.08
N TRP D 85 -27.97 7.41 -40.01
CA TRP D 85 -27.56 7.41 -41.41
C TRP D 85 -28.73 6.89 -42.24
N THR D 86 -28.46 6.60 -43.51
CA THR D 86 -29.50 6.13 -44.42
C THR D 86 -28.98 4.95 -45.23
N ASP D 87 -29.82 3.92 -45.34
CA ASP D 87 -29.54 2.75 -46.17
C ASP D 87 -30.70 2.59 -47.14
N TYR D 88 -30.41 2.61 -48.45
CA TYR D 88 -31.48 2.56 -49.43
C TYR D 88 -32.08 1.17 -49.57
N ARG D 89 -31.40 0.13 -49.08
CA ARG D 89 -31.89 -1.23 -49.24
C ARG D 89 -33.07 -1.52 -48.32
N LEU D 90 -33.09 -0.93 -47.12
CA LEU D 90 -34.15 -1.19 -46.15
C LEU D 90 -35.33 -0.25 -46.44
N THR D 91 -36.12 -0.63 -47.44
CA THR D 91 -37.32 0.11 -47.80
C THR D 91 -38.42 -0.87 -48.15
N TRP D 92 -39.60 -0.68 -47.57
CA TRP D 92 -40.74 -1.53 -47.82
C TRP D 92 -42.00 -0.69 -47.91
N ASN D 93 -42.98 -1.20 -48.66
CA ASN D 93 -44.25 -0.50 -48.79
C ASN D 93 -45.03 -0.60 -47.48
N SER D 94 -45.54 0.55 -47.01
CA SER D 94 -46.26 0.58 -45.75
C SER D 94 -47.71 0.12 -45.88
N SER D 95 -48.23 0.00 -47.10
CA SER D 95 -49.59 -0.46 -47.32
C SER D 95 -49.69 -1.94 -47.65
N ARG D 96 -48.64 -2.52 -48.24
CA ARG D 96 -48.63 -3.95 -48.51
C ARG D 96 -48.69 -4.74 -47.21
N TYR D 97 -47.94 -4.30 -46.20
CA TYR D 97 -47.98 -4.90 -44.88
C TYR D 97 -48.82 -4.00 -43.96
N GLU D 98 -49.82 -4.59 -43.31
CA GLU D 98 -50.77 -3.82 -42.51
C GLU D 98 -50.06 -3.14 -41.34
N GLY D 99 -50.03 -1.80 -41.36
CA GLY D 99 -49.36 -1.07 -40.31
C GLY D 99 -47.87 -1.33 -40.30
N VAL D 100 -47.30 -1.35 -39.10
CA VAL D 100 -45.87 -1.63 -38.88
C VAL D 100 -45.02 -0.66 -39.69
N ASN D 101 -45.03 0.61 -39.31
CA ASN D 101 -44.16 1.60 -39.94
C ASN D 101 -42.72 1.45 -39.45
N ILE D 102 -42.53 0.93 -38.24
CA ILE D 102 -41.23 0.86 -37.61
C ILE D 102 -40.94 -0.60 -37.27
N LEU D 103 -39.72 -1.04 -37.58
CA LEU D 103 -39.26 -2.39 -37.30
C LEU D 103 -37.96 -2.33 -36.50
N ARG D 104 -37.76 -3.30 -35.62
CA ARG D 104 -36.61 -3.33 -34.72
C ARG D 104 -35.67 -4.46 -35.13
N ILE D 105 -34.77 -4.14 -36.05
CA ILE D 105 -33.69 -5.06 -36.42
C ILE D 105 -32.79 -5.28 -35.22
N PRO D 106 -32.44 -6.52 -34.86
CA PRO D 106 -31.60 -6.71 -33.72
C PRO D 106 -30.10 -6.51 -33.93
N ALA D 107 -29.32 -6.94 -32.95
CA ALA D 107 -27.90 -6.63 -32.90
C ALA D 107 -27.19 -7.04 -34.19
N LYS D 108 -26.38 -6.13 -34.72
CA LYS D 108 -25.67 -6.30 -36.01
C LYS D 108 -26.74 -6.56 -37.07
N ARG D 109 -26.53 -7.53 -37.97
CA ARG D 109 -27.45 -7.96 -39.03
C ARG D 109 -27.62 -6.93 -40.13
N ILE D 110 -27.01 -5.75 -40.03
CA ILE D 110 -27.05 -4.74 -41.07
C ILE D 110 -25.69 -4.05 -41.12
N TRP D 111 -25.53 -3.13 -42.08
CA TRP D 111 -24.29 -2.38 -42.20
C TRP D 111 -24.10 -1.46 -41.00
N LEU D 112 -22.86 -1.31 -40.58
CA LEU D 112 -22.55 -0.49 -39.41
C LEU D 112 -21.25 0.26 -39.61
N PRO D 113 -21.28 1.60 -39.63
CA PRO D 113 -20.02 2.36 -39.63
C PRO D 113 -19.35 2.26 -38.27
N ASP D 114 -18.24 1.53 -38.19
CA ASP D 114 -17.59 1.27 -36.91
C ASP D 114 -16.92 2.52 -36.37
N ILE D 115 -17.62 3.28 -35.54
CA ILE D 115 -17.11 4.50 -34.93
C ILE D 115 -16.84 4.21 -33.47
N VAL D 116 -15.58 4.37 -33.06
CA VAL D 116 -15.15 4.06 -31.70
C VAL D 116 -14.27 5.18 -31.18
N LEU D 117 -14.17 5.24 -29.86
CA LEU D 117 -13.31 6.23 -29.21
C LEU D 117 -11.84 5.91 -29.52
N TYR D 118 -11.09 6.94 -29.90
CA TYR D 118 -9.72 6.73 -30.35
C TYR D 118 -8.76 6.62 -29.17
N ASN D 119 -8.64 7.66 -28.36
CA ASN D 119 -7.70 7.67 -27.25
C ASN D 119 -8.31 6.90 -26.09
N ASN D 120 -7.88 5.65 -25.92
CA ASN D 120 -8.39 4.77 -24.88
C ASN D 120 -7.32 4.54 -23.82
N ALA D 121 -7.75 3.94 -22.70
CA ALA D 121 -6.84 3.64 -21.61
C ALA D 121 -6.05 2.36 -21.88
N ASP D 122 -6.75 1.25 -22.04
CA ASP D 122 -6.07 -0.01 -22.33
C ASP D 122 -5.46 -0.02 -23.73
N GLY D 123 -6.09 0.67 -24.67
CA GLY D 123 -5.60 0.71 -26.04
C GLY D 123 -6.10 -0.41 -26.93
N THR D 124 -7.19 -1.08 -26.55
CA THR D 124 -7.73 -2.17 -27.35
C THR D 124 -8.62 -1.69 -28.49
N TYR D 125 -9.04 -0.42 -28.47
CA TYR D 125 -9.97 0.11 -29.48
C TYR D 125 -11.22 -0.74 -29.57
N GLU D 126 -11.68 -1.25 -28.42
CA GLU D 126 -12.77 -2.21 -28.41
C GLU D 126 -14.10 -1.54 -28.76
N VAL D 127 -14.91 -2.24 -29.54
CA VAL D 127 -16.23 -1.73 -29.89
C VAL D 127 -17.18 -1.91 -28.72
N SER D 128 -18.30 -1.19 -28.79
CA SER D 128 -19.33 -1.32 -27.77
C SER D 128 -20.27 -2.48 -28.10
N VAL D 129 -20.99 -2.94 -27.08
CA VAL D 129 -21.95 -4.03 -27.28
C VAL D 129 -23.10 -3.54 -28.15
N TYR D 130 -23.69 -4.46 -28.90
CA TYR D 130 -24.78 -4.14 -29.82
C TYR D 130 -26.10 -4.54 -29.19
N THR D 131 -27.08 -3.64 -29.25
CA THR D 131 -28.36 -3.87 -28.60
C THR D 131 -29.50 -4.02 -29.60
N ASN D 132 -29.73 -3.01 -30.45
CA ASN D 132 -30.82 -3.01 -31.41
C ASN D 132 -30.71 -1.78 -32.27
N LEU D 133 -31.28 -1.84 -33.47
CA LEU D 133 -31.33 -0.71 -34.38
C LEU D 133 -32.77 -0.51 -34.84
N ILE D 134 -33.38 0.59 -34.39
CA ILE D 134 -34.76 0.90 -34.75
C ILE D 134 -34.75 1.48 -36.16
N VAL D 135 -35.23 0.70 -37.13
CA VAL D 135 -35.18 1.06 -38.54
C VAL D 135 -36.58 1.51 -38.97
N ARG D 136 -36.67 2.71 -39.53
CA ARG D 136 -37.94 3.24 -40.00
C ARG D 136 -38.23 2.72 -41.41
N SER D 137 -39.35 3.19 -41.98
CA SER D 137 -39.77 2.72 -43.29
C SER D 137 -38.93 3.33 -44.41
N ASN D 138 -38.55 4.60 -44.28
CA ASN D 138 -37.83 5.30 -45.35
C ASN D 138 -36.32 5.18 -45.19
N GLY D 139 -35.83 3.96 -45.00
CA GLY D 139 -34.41 3.68 -44.99
C GLY D 139 -33.64 4.22 -43.82
N SER D 140 -34.22 5.09 -43.00
CA SER D 140 -33.49 5.68 -41.89
C SER D 140 -33.12 4.62 -40.86
N VAL D 141 -31.94 4.76 -40.27
CA VAL D 141 -31.46 3.85 -39.23
C VAL D 141 -31.02 4.69 -38.05
N LEU D 142 -31.55 4.37 -36.87
CA LEU D 142 -31.19 5.05 -35.63
C LEU D 142 -30.53 4.05 -34.69
N TRP D 143 -29.44 4.49 -34.06
CA TRP D 143 -28.71 3.66 -33.11
C TRP D 143 -28.39 4.49 -31.88
N LEU D 144 -28.27 3.82 -30.74
CA LEU D 144 -27.97 4.53 -29.51
C LEU D 144 -27.41 3.55 -28.48
N PRO D 145 -26.19 3.08 -28.65
CA PRO D 145 -25.63 2.11 -27.71
C PRO D 145 -25.10 2.79 -26.47
N PRO D 146 -25.25 2.18 -25.29
CA PRO D 146 -24.63 2.70 -24.08
C PRO D 146 -23.21 2.20 -23.94
N ALA D 147 -22.36 3.05 -23.37
CA ALA D 147 -20.94 2.72 -23.25
C ALA D 147 -20.35 3.38 -22.01
N ILE D 148 -19.26 2.79 -21.53
CA ILE D 148 -18.46 3.36 -20.46
C ILE D 148 -17.04 3.53 -21.00
N TYR D 149 -16.58 4.76 -21.05
CA TYR D 149 -15.30 5.09 -21.67
C TYR D 149 -14.29 5.52 -20.60
N LYS D 150 -13.03 5.18 -20.85
CA LYS D 150 -11.90 5.58 -20.00
C LYS D 150 -10.85 6.19 -20.92
N SER D 151 -10.96 7.50 -21.17
CA SER D 151 -10.08 8.18 -22.09
C SER D 151 -8.75 8.51 -21.40
N ALA D 152 -7.92 9.32 -22.06
CA ALA D 152 -6.64 9.76 -21.51
C ALA D 152 -6.63 11.28 -21.48
N CYS D 153 -6.47 11.84 -20.29
CA CYS D 153 -6.48 13.28 -20.10
C CYS D 153 -5.06 13.81 -19.91
N LYS D 154 -4.96 15.12 -19.77
CA LYS D 154 -3.69 15.84 -19.66
C LYS D 154 -3.71 16.74 -18.42
N ILE D 155 -4.05 16.14 -17.27
CA ILE D 155 -4.24 16.84 -16.01
C ILE D 155 -3.11 17.83 -15.74
N GLU D 156 -3.46 19.09 -15.52
CA GLU D 156 -2.50 20.15 -15.22
C GLU D 156 -2.71 20.58 -13.78
N VAL D 157 -1.67 20.43 -12.97
CA VAL D 157 -1.72 20.73 -11.54
C VAL D 157 -0.82 21.93 -11.28
N LYS D 158 -1.41 23.12 -11.28
CA LYS D 158 -0.70 24.33 -10.90
C LYS D 158 -1.48 25.23 -9.95
N TYR D 159 -2.79 25.05 -9.80
CA TYR D 159 -3.60 25.83 -8.87
C TYR D 159 -4.34 24.90 -7.92
N PHE D 160 -3.79 23.72 -7.68
CA PHE D 160 -4.43 22.74 -6.81
C PHE D 160 -4.59 23.31 -5.41
N PRO D 161 -5.75 23.14 -4.76
CA PRO D 161 -6.95 22.44 -5.23
C PRO D 161 -8.03 23.37 -5.79
N PHE D 162 -7.67 24.34 -6.63
CA PHE D 162 -8.63 25.23 -7.25
C PHE D 162 -8.59 25.15 -8.77
N ASP D 163 -8.10 24.04 -9.32
CA ASP D 163 -7.80 23.93 -10.73
C ASP D 163 -9.05 23.63 -11.54
N GLN D 164 -8.97 23.94 -12.84
CA GLN D 164 -10.00 23.61 -13.81
C GLN D 164 -9.32 22.88 -14.97
N GLN D 165 -9.87 21.74 -15.36
CA GLN D 165 -9.25 20.86 -16.34
C GLN D 165 -10.04 20.85 -17.64
N ASN D 166 -9.48 20.15 -18.64
CA ASN D 166 -10.10 20.04 -19.97
C ASN D 166 -9.63 18.71 -20.56
N CYS D 167 -10.49 17.71 -20.49
CA CYS D 167 -10.23 16.40 -21.09
C CYS D 167 -11.24 16.14 -22.20
N THR D 168 -10.76 15.58 -23.31
CA THR D 168 -11.55 15.46 -24.53
C THR D 168 -11.67 14.00 -24.97
N LEU D 169 -12.66 13.77 -25.83
CA LEU D 169 -12.87 12.47 -26.48
C LEU D 169 -12.83 12.65 -27.98
N LYS D 170 -12.22 11.69 -28.68
CA LYS D 170 -12.10 11.72 -30.13
C LYS D 170 -12.74 10.46 -30.71
N PHE D 171 -13.54 10.64 -31.76
CA PHE D 171 -14.26 9.53 -32.41
C PHE D 171 -13.83 9.45 -33.86
N ARG D 172 -13.33 8.29 -34.27
CA ARG D 172 -12.91 8.05 -35.65
C ARG D 172 -13.43 6.70 -36.10
N SER D 173 -13.61 6.56 -37.41
CA SER D 173 -14.08 5.29 -37.97
C SER D 173 -12.95 4.27 -37.96
N TRP D 174 -13.24 3.08 -37.44
CA TRP D 174 -12.23 2.04 -37.31
C TRP D 174 -11.88 1.37 -38.63
N THR D 175 -12.78 1.38 -39.60
CA THR D 175 -12.55 0.74 -40.89
C THR D 175 -12.48 1.73 -42.04
N TYR D 176 -13.49 2.58 -42.21
CA TYR D 176 -13.54 3.49 -43.34
C TYR D 176 -12.69 4.73 -43.06
N ASP D 177 -12.82 5.73 -43.93
CA ASP D 177 -12.09 6.98 -43.80
C ASP D 177 -12.85 8.05 -44.58
N HIS D 178 -12.20 9.18 -44.83
CA HIS D 178 -12.81 10.22 -45.66
C HIS D 178 -12.94 9.73 -47.10
N THR D 179 -13.60 10.54 -47.92
CA THR D 179 -13.95 10.21 -49.30
C THR D 179 -14.88 9.00 -49.35
N GLU D 180 -15.27 8.50 -48.19
CA GLU D 180 -16.21 7.40 -48.04
C GLU D 180 -17.36 7.73 -47.09
N ILE D 181 -17.08 8.46 -46.00
CA ILE D 181 -18.09 8.88 -45.05
C ILE D 181 -17.85 10.35 -44.72
N ASP D 182 -18.91 10.99 -44.21
CA ASP D 182 -18.88 12.42 -43.88
C ASP D 182 -19.49 12.60 -42.49
N MET D 183 -18.64 12.57 -41.47
CA MET D 183 -19.12 12.77 -40.11
C MET D 183 -19.68 14.17 -39.93
N VAL D 184 -20.82 14.27 -39.26
CA VAL D 184 -21.52 15.53 -39.04
C VAL D 184 -21.93 15.62 -37.58
N LEU D 185 -21.76 16.81 -37.01
CA LEU D 185 -22.21 17.08 -35.64
C LEU D 185 -23.63 17.63 -35.71
N MET D 186 -24.56 16.95 -35.04
CA MET D 186 -25.96 17.35 -35.12
C MET D 186 -26.23 18.62 -34.32
N THR D 187 -25.53 18.83 -33.22
CA THR D 187 -25.73 20.00 -32.37
C THR D 187 -24.38 20.37 -31.76
N PRO D 188 -24.00 21.65 -31.80
CA PRO D 188 -22.66 22.02 -31.28
C PRO D 188 -22.42 21.60 -29.84
N THR D 189 -23.43 21.69 -28.99
CA THR D 189 -23.30 21.28 -27.60
C THR D 189 -23.67 19.82 -27.45
N ALA D 190 -23.21 19.21 -26.36
CA ALA D 190 -23.54 17.82 -26.03
C ALA D 190 -24.71 17.79 -25.05
N SER D 191 -25.65 16.89 -25.31
CA SER D 191 -26.84 16.80 -24.47
C SER D 191 -26.46 16.38 -23.06
N MET D 192 -27.11 16.99 -22.07
CA MET D 192 -26.87 16.70 -20.66
C MET D 192 -28.14 16.22 -19.95
N ASP D 193 -29.09 15.66 -20.68
CA ASP D 193 -30.31 15.17 -20.08
C ASP D 193 -30.07 13.84 -19.38
N ASP D 194 -30.89 13.56 -18.37
CA ASP D 194 -30.76 12.38 -17.51
C ASP D 194 -29.36 12.31 -16.90
N PHE D 195 -28.90 13.45 -16.39
CA PHE D 195 -27.57 13.57 -15.80
C PHE D 195 -27.71 13.80 -14.31
N THR D 196 -27.32 12.81 -13.51
CA THR D 196 -27.16 12.96 -12.07
C THR D 196 -25.81 13.58 -11.79
N PRO D 197 -25.71 14.57 -10.90
CA PRO D 197 -24.45 15.28 -10.74
C PRO D 197 -23.46 14.69 -9.73
N SER D 198 -22.28 15.27 -9.72
CA SER D 198 -21.18 14.78 -8.91
C SER D 198 -20.86 15.78 -7.81
N GLY D 199 -20.65 15.27 -6.60
CA GLY D 199 -20.27 16.12 -5.49
C GLY D 199 -18.80 16.46 -5.42
N GLU D 200 -18.01 16.00 -6.38
CA GLU D 200 -16.58 16.21 -6.42
C GLU D 200 -16.14 17.15 -7.53
N TRP D 201 -16.78 17.10 -8.70
CA TRP D 201 -16.44 17.95 -9.83
C TRP D 201 -17.68 18.66 -10.35
N ASP D 202 -17.47 19.84 -10.90
CA ASP D 202 -18.53 20.61 -11.54
C ASP D 202 -18.43 20.47 -13.05
N ILE D 203 -19.43 21.01 -13.75
CA ILE D 203 -19.49 20.97 -15.21
C ILE D 203 -19.74 22.40 -15.70
N VAL D 204 -18.91 22.85 -16.64
CA VAL D 204 -19.00 24.21 -17.15
C VAL D 204 -19.65 24.21 -18.54
N ALA D 205 -18.99 23.55 -19.49
CA ALA D 205 -19.51 23.51 -20.86
C ALA D 205 -19.05 22.22 -21.53
N LEU D 206 -19.78 21.82 -22.57
CA LEU D 206 -19.51 20.59 -23.31
C LEU D 206 -19.53 20.89 -24.80
N PRO D 207 -18.55 21.63 -25.31
CA PRO D 207 -18.53 21.94 -26.74
C PRO D 207 -18.11 20.76 -27.59
N GLY D 208 -18.55 20.77 -28.84
CA GLY D 208 -18.18 19.74 -29.79
C GLY D 208 -17.61 20.33 -31.07
N ARG D 209 -16.48 19.78 -31.53
CA ARG D 209 -15.80 20.30 -32.70
C ARG D 209 -15.59 19.18 -33.71
N ARG D 210 -15.43 19.58 -34.98
CA ARG D 210 -15.17 18.67 -36.08
C ARG D 210 -13.87 19.09 -36.74
N THR D 211 -12.85 18.23 -36.64
CA THR D 211 -11.51 18.54 -37.12
C THR D 211 -11.28 17.85 -38.46
N VAL D 212 -10.91 18.63 -39.46
CA VAL D 212 -10.54 18.12 -40.79
C VAL D 212 -9.28 18.82 -41.24
N ASN D 213 -8.49 18.15 -42.07
CA ASN D 213 -7.24 18.71 -42.57
C ASN D 213 -7.36 18.98 -44.05
N PRO D 214 -7.15 20.21 -44.51
CA PRO D 214 -7.28 20.48 -45.96
C PRO D 214 -6.28 19.70 -46.79
N GLN D 215 -5.09 19.42 -46.26
CA GLN D 215 -4.08 18.68 -47.01
C GLN D 215 -4.24 17.17 -46.87
N ASP D 216 -4.59 16.70 -45.69
CA ASP D 216 -4.81 15.27 -45.49
C ASP D 216 -6.15 14.88 -46.10
N PRO D 217 -6.19 13.93 -47.03
CA PRO D 217 -7.46 13.56 -47.69
C PRO D 217 -8.26 12.48 -46.97
N SER D 218 -7.80 11.99 -45.82
CA SER D 218 -8.43 10.87 -45.15
C SER D 218 -8.58 11.12 -43.65
N TYR D 219 -8.65 12.38 -43.24
CA TYR D 219 -8.76 12.73 -41.83
C TYR D 219 -10.10 13.41 -41.58
N VAL D 220 -10.88 12.85 -40.65
CA VAL D 220 -12.13 13.46 -40.21
C VAL D 220 -12.50 12.83 -38.87
N ASP D 221 -12.95 13.67 -37.93
CA ASP D 221 -13.35 13.20 -36.61
C ASP D 221 -14.18 14.29 -35.94
N VAL D 222 -14.76 13.92 -34.80
CA VAL D 222 -15.52 14.85 -33.97
C VAL D 222 -14.99 14.76 -32.55
N THR D 223 -14.75 15.93 -31.93
CA THR D 223 -14.14 16.00 -30.61
C THR D 223 -15.07 16.75 -29.66
N TYR D 224 -15.29 16.17 -28.48
CA TYR D 224 -16.10 16.77 -27.45
C TYR D 224 -15.20 17.13 -26.27
N ASP D 225 -15.22 18.40 -25.88
CA ASP D 225 -14.39 18.90 -24.80
C ASP D 225 -15.18 18.96 -23.50
N PHE D 226 -14.56 18.50 -22.41
CA PHE D 226 -15.17 18.52 -21.09
C PHE D 226 -14.42 19.54 -20.24
N ILE D 227 -15.07 20.64 -19.91
CA ILE D 227 -14.51 21.67 -19.04
C ILE D 227 -15.14 21.47 -17.66
N ILE D 228 -14.33 21.03 -16.71
CA ILE D 228 -14.81 20.66 -15.38
C ILE D 228 -14.08 21.48 -14.34
N LYS D 229 -14.83 22.04 -13.40
CA LYS D 229 -14.29 22.82 -12.30
C LYS D 229 -14.37 22.01 -11.01
N ARG D 230 -13.29 22.03 -10.23
CA ARG D 230 -13.24 21.29 -8.99
C ARG D 230 -13.87 22.08 -7.86
N LYS D 231 -14.40 21.37 -6.87
CA LYS D 231 -15.03 21.99 -5.71
C LYS D 231 -14.06 21.96 -4.55
N PRO D 232 -13.50 23.10 -4.12
CA PRO D 232 -12.45 23.10 -3.08
C PRO D 232 -13.00 23.22 -1.67
N LEU D 233 -13.57 22.12 -1.17
CA LEU D 233 -13.98 22.04 0.23
C LEU D 233 -13.44 20.82 0.96
N PHE D 234 -13.10 19.74 0.26
CA PHE D 234 -12.45 18.60 0.90
C PHE D 234 -10.96 18.82 1.09
N TYR D 235 -10.38 19.87 0.51
CA TYR D 235 -8.98 20.17 0.70
C TYR D 235 -8.73 21.49 1.40
N THR D 236 -9.57 22.51 1.19
CA THR D 236 -9.42 23.76 1.94
C THR D 236 -9.67 23.59 3.42
N ILE D 237 -10.23 22.47 3.85
CA ILE D 237 -10.45 22.16 5.26
C ILE D 237 -9.60 21.01 5.74
N ASN D 238 -8.78 20.43 4.87
CA ASN D 238 -8.00 19.25 5.21
C ASN D 238 -6.51 19.40 5.01
N LEU D 239 -6.07 20.25 4.09
CA LEU D 239 -4.65 20.35 3.77
C LEU D 239 -4.12 21.77 3.85
N ILE D 240 -4.90 22.76 3.43
CA ILE D 240 -4.40 24.13 3.40
C ILE D 240 -4.32 24.71 4.79
N ILE D 241 -5.35 24.50 5.61
CA ILE D 241 -5.36 25.07 6.96
C ILE D 241 -4.23 24.52 7.84
N PRO D 242 -4.03 23.20 7.95
CA PRO D 242 -2.95 22.72 8.81
C PRO D 242 -1.56 23.18 8.37
N CYS D 243 -1.34 23.34 7.07
CA CYS D 243 -0.05 23.86 6.61
C CYS D 243 0.17 25.28 7.11
N VAL D 244 -0.86 26.12 7.05
CA VAL D 244 -0.75 27.48 7.56
C VAL D 244 -0.46 27.46 9.06
N LEU D 245 -1.19 26.61 9.80
CA LEU D 245 -0.95 26.53 11.24
C LEU D 245 0.48 26.10 11.54
N THR D 246 0.99 25.11 10.80
CA THR D 246 2.35 24.63 11.04
C THR D 246 3.39 25.69 10.68
N THR D 247 3.14 26.49 9.65
CA THR D 247 4.07 27.58 9.34
C THR D 247 4.09 28.62 10.46
N LEU D 248 2.91 29.00 10.94
CA LEU D 248 2.84 29.94 12.05
C LEU D 248 3.53 29.39 13.29
N LEU D 249 3.49 28.07 13.49
CA LEU D 249 4.30 27.45 14.52
C LEU D 249 5.79 27.59 14.21
N ALA D 250 6.17 27.41 12.94
CA ALA D 250 7.57 27.49 12.56
C ALA D 250 8.17 28.85 12.86
N ILE D 251 7.33 29.89 12.88
CA ILE D 251 7.84 31.23 13.22
C ILE D 251 8.32 31.30 14.68
N LEU D 252 7.74 30.49 15.57
CA LEU D 252 7.80 30.71 17.01
C LEU D 252 9.16 30.42 17.65
N VAL D 253 10.11 29.84 16.93
CA VAL D 253 11.32 29.32 17.56
C VAL D 253 12.09 30.42 18.27
N PHE D 254 12.23 31.58 17.62
CA PHE D 254 13.11 32.63 18.13
C PHE D 254 12.62 33.29 19.40
N TYR D 255 11.35 33.09 19.78
CA TYR D 255 10.83 33.68 21.02
C TYR D 255 10.92 32.69 22.19
N LEU D 256 12.10 32.16 22.44
CA LEU D 256 12.30 31.21 23.53
C LEU D 256 13.46 31.69 24.40
N PRO D 257 13.43 31.41 25.71
CA PRO D 257 14.43 31.98 26.62
C PRO D 257 15.81 31.37 26.50
N SER D 258 15.97 30.28 25.76
CA SER D 258 17.24 29.58 25.53
C SER D 258 17.78 28.93 26.80
N ASP D 259 17.10 29.06 27.94
CA ASP D 259 17.48 28.37 29.16
C ASP D 259 16.66 27.11 29.42
N CYS D 260 15.52 26.97 28.73
CA CYS D 260 14.65 25.82 28.95
C CYS D 260 15.27 24.51 28.48
N GLY D 261 16.22 24.58 27.57
CA GLY D 261 16.83 23.36 27.05
C GLY D 261 15.97 22.59 26.08
N GLU D 262 14.99 23.23 25.44
CA GLU D 262 14.10 22.60 24.48
C GLU D 262 13.95 23.46 23.24
N LYS D 263 15.08 23.93 22.71
CA LYS D 263 15.08 24.79 21.53
C LYS D 263 15.06 23.98 20.23
N MET D 264 15.91 22.96 20.13
CA MET D 264 15.98 22.15 18.91
C MET D 264 14.79 21.22 18.75
N THR D 265 14.10 20.87 19.83
CA THR D 265 12.94 19.99 19.73
C THR D 265 11.86 20.61 18.87
N LEU D 266 11.58 21.90 19.08
CA LEU D 266 10.56 22.57 18.29
C LEU D 266 10.93 22.61 16.81
N CYS D 267 12.19 22.93 16.51
CA CYS D 267 12.64 23.02 15.12
C CYS D 267 12.51 21.67 14.43
N ILE D 268 12.97 20.60 15.09
CA ILE D 268 12.94 19.28 14.47
C ILE D 268 11.50 18.80 14.31
N SER D 269 10.63 19.08 15.28
CA SER D 269 9.23 18.70 15.16
C SER D 269 8.55 19.42 14.00
N VAL D 270 8.82 20.71 13.85
CA VAL D 270 8.24 21.46 12.74
C VAL D 270 8.73 20.91 11.41
N LEU D 271 10.02 20.60 11.32
CA LEU D 271 10.56 20.03 10.09
C LEU D 271 9.90 18.70 9.76
N LEU D 272 9.70 17.85 10.77
CA LEU D 272 9.04 16.56 10.54
C LEU D 272 7.61 16.74 10.07
N ALA D 273 6.88 17.67 10.68
CA ALA D 273 5.49 17.92 10.25
C ALA D 273 5.44 18.40 8.81
N LEU D 274 6.34 19.32 8.44
CA LEU D 274 6.38 19.81 7.07
C LEU D 274 6.72 18.69 6.10
N THR D 275 7.65 17.80 6.49
CA THR D 275 7.98 16.66 5.63
C THR D 275 6.78 15.74 5.44
N PHE D 276 6.04 15.48 6.51
CA PHE D 276 4.83 14.68 6.39
C PHE D 276 3.85 15.30 5.40
N PHE D 277 3.60 16.59 5.55
CA PHE D 277 2.63 17.26 4.68
C PHE D 277 3.10 17.29 3.24
N LEU D 278 4.40 17.44 3.01
CA LEU D 278 4.92 17.39 1.64
C LEU D 278 4.76 15.99 1.05
N LEU D 279 5.05 14.96 1.82
CA LEU D 279 4.94 13.60 1.30
C LEU D 279 3.49 13.21 1.04
N LEU D 280 2.54 13.80 1.78
CA LEU D 280 1.13 13.56 1.47
C LEU D 280 0.76 14.08 0.09
N ILE D 281 1.26 15.26 -0.27
CA ILE D 281 0.82 15.93 -1.49
C ILE D 281 1.31 15.16 -2.72
N SER D 282 2.53 14.61 -2.67
CA SER D 282 3.11 13.95 -3.83
C SER D 282 2.39 12.66 -4.23
N LYS D 283 1.32 12.28 -3.53
CA LYS D 283 0.52 11.14 -3.93
C LYS D 283 -0.75 11.52 -4.68
N ILE D 284 -1.07 12.81 -4.76
CA ILE D 284 -2.22 13.29 -5.50
C ILE D 284 -1.79 14.11 -6.72
N VAL D 285 -0.54 13.97 -7.13
CA VAL D 285 0.02 14.79 -8.21
C VAL D 285 0.74 13.88 -9.19
N PRO D 286 0.56 14.05 -10.49
CA PRO D 286 1.28 13.23 -11.47
C PRO D 286 2.78 13.44 -11.35
N PRO D 287 3.57 12.39 -11.53
CA PRO D 287 5.04 12.50 -11.47
C PRO D 287 5.67 13.00 -12.75
N THR D 288 5.12 14.09 -13.29
CA THR D 288 5.62 14.67 -14.53
C THR D 288 6.81 15.58 -14.22
N SER D 289 7.27 16.35 -15.22
CA SER D 289 8.40 17.23 -15.06
C SER D 289 8.18 18.58 -15.73
N LEU D 290 6.92 19.01 -15.83
CA LEU D 290 6.58 20.27 -16.48
C LEU D 290 6.28 21.40 -15.50
N ASP D 291 5.53 21.14 -14.44
CA ASP D 291 5.21 22.18 -13.48
C ASP D 291 4.90 21.54 -12.13
N VAL D 292 4.94 22.36 -11.10
CA VAL D 292 4.72 21.93 -9.72
C VAL D 292 3.66 22.82 -9.11
N PRO D 293 2.76 22.30 -8.26
CA PRO D 293 1.69 23.14 -7.71
C PRO D 293 2.23 24.31 -6.91
N LEU D 294 1.46 25.39 -6.90
CA LEU D 294 1.82 26.57 -6.11
C LEU D 294 1.87 26.27 -4.63
N ILE D 295 1.24 25.18 -4.18
CA ILE D 295 1.35 24.73 -2.80
C ILE D 295 2.52 23.78 -2.60
N GLY D 296 3.11 23.27 -3.67
CA GLY D 296 4.27 22.41 -3.60
C GLY D 296 5.60 23.12 -3.58
N LYS D 297 5.62 24.44 -3.74
CA LYS D 297 6.83 25.24 -3.63
C LYS D 297 6.90 26.02 -2.32
N TYR D 298 5.76 26.41 -1.77
CA TYR D 298 5.74 27.06 -0.47
C TYR D 298 6.32 26.13 0.60
N LEU D 299 6.02 24.83 0.51
CA LEU D 299 6.55 23.88 1.47
C LEU D 299 8.07 23.80 1.39
N MET D 300 8.62 23.75 0.18
CA MET D 300 10.08 23.71 0.02
C MET D 300 10.73 24.99 0.54
N PHE D 301 10.11 26.13 0.26
CA PHE D 301 10.61 27.40 0.81
C PHE D 301 10.63 27.35 2.34
N THR D 302 9.55 26.84 2.94
CA THR D 302 9.49 26.74 4.40
C THR D 302 10.55 25.77 4.93
N MET D 303 10.81 24.68 4.22
CA MET D 303 11.84 23.74 4.64
C MET D 303 13.22 24.41 4.66
N VAL D 304 13.52 25.18 3.61
CA VAL D 304 14.80 25.89 3.57
C VAL D 304 14.90 26.88 4.74
N LEU D 305 13.82 27.62 4.99
CA LEU D 305 13.82 28.57 6.09
C LEU D 305 14.01 27.88 7.44
N VAL D 306 13.36 26.74 7.62
CA VAL D 306 13.46 26.02 8.89
C VAL D 306 14.88 25.46 9.09
N THR D 307 15.52 24.99 8.01
CA THR D 307 16.90 24.53 8.14
C THR D 307 17.82 25.67 8.53
N PHE D 308 17.64 26.85 7.92
CA PHE D 308 18.45 28.00 8.31
C PHE D 308 18.19 28.40 9.74
N SER D 309 16.92 28.28 10.19
CA SER D 309 16.61 28.55 11.59
C SER D 309 17.31 27.57 12.52
N ILE D 310 17.41 26.30 12.12
CA ILE D 310 18.14 25.32 12.91
C ILE D 310 19.60 25.74 13.04
N VAL D 311 20.20 26.15 11.93
CA VAL D 311 21.61 26.55 11.96
C VAL D 311 21.81 27.73 12.90
N THR D 312 20.97 28.75 12.77
CA THR D 312 21.15 29.93 13.60
C THR D 312 20.82 29.65 15.06
N SER D 313 19.90 28.71 15.34
CA SER D 313 19.63 28.34 16.72
C SER D 313 20.81 27.62 17.34
N VAL D 314 21.48 26.76 16.58
CA VAL D 314 22.69 26.11 17.08
C VAL D 314 23.76 27.15 17.39
N CYS D 315 23.92 28.13 16.48
CA CYS D 315 24.92 29.18 16.73
C CYS D 315 24.58 29.99 17.97
N VAL D 316 23.30 30.34 18.15
CA VAL D 316 22.90 31.12 19.32
C VAL D 316 23.13 30.34 20.60
N LEU D 317 22.77 29.05 20.60
CA LEU D 317 22.99 28.22 21.78
C LEU D 317 24.47 28.11 22.11
N ASN D 318 25.32 28.01 21.09
CA ASN D 318 26.76 27.98 21.33
C ASN D 318 27.24 29.30 21.93
N VAL D 319 26.72 30.43 21.44
CA VAL D 319 27.15 31.73 21.93
C VAL D 319 26.73 31.95 23.37
N HIS D 320 25.53 31.49 23.73
CA HIS D 320 24.95 31.80 25.03
C HIS D 320 25.72 31.19 26.21
N HIS D 321 26.44 30.10 25.99
CA HIS D 321 27.05 29.32 27.08
C HIS D 321 28.54 29.59 27.23
N ARG D 322 28.97 30.83 27.07
CA ARG D 322 30.38 31.18 27.17
C ARG D 322 30.66 31.88 28.49
N SER D 323 31.82 31.57 29.08
CA SER D 323 32.27 32.10 30.35
C SER D 323 33.68 32.64 30.19
N PRO D 324 34.10 33.57 31.04
CA PRO D 324 35.43 34.17 30.87
C PRO D 324 36.59 33.20 31.03
N SER D 325 36.36 32.03 31.64
CA SER D 325 37.42 31.05 31.79
C SER D 325 37.68 30.24 30.53
N THR D 326 36.85 30.39 29.50
CA THR D 326 37.03 29.66 28.25
C THR D 326 37.25 30.59 27.06
N HIS D 327 36.43 31.62 26.92
CA HIS D 327 36.53 32.56 25.82
C HIS D 327 36.69 33.99 26.35
N THR D 328 37.24 34.84 25.50
CA THR D 328 37.40 36.26 25.81
C THR D 328 36.63 37.07 24.78
N MET D 329 36.04 38.18 25.23
CA MET D 329 35.17 38.99 24.38
C MET D 329 35.99 40.07 23.68
N ALA D 330 35.98 40.03 22.35
CA ALA D 330 36.69 41.03 21.57
C ALA D 330 35.98 42.38 21.69
N PRO D 331 36.74 43.48 21.65
CA PRO D 331 36.11 44.80 21.80
C PRO D 331 35.07 45.11 20.74
N TRP D 332 35.25 44.61 19.51
CA TRP D 332 34.27 44.88 18.47
C TRP D 332 32.93 44.23 18.79
N VAL D 333 32.97 43.01 19.34
CA VAL D 333 31.73 42.32 19.70
C VAL D 333 30.95 43.13 20.72
N LYS D 334 31.63 43.61 21.76
CA LYS D 334 30.96 44.43 22.77
C LYS D 334 30.42 45.72 22.17
N ARG D 335 31.28 46.45 21.46
CA ARG D 335 30.88 47.75 20.92
C ARG D 335 29.68 47.63 19.98
N CYS D 336 29.61 46.54 19.22
CA CYS D 336 28.52 46.38 18.27
C CYS D 336 27.25 45.87 18.94
N PHE D 337 27.36 44.81 19.74
CA PHE D 337 26.19 44.09 20.21
C PHE D 337 25.70 44.53 21.60
N LEU D 338 26.35 45.51 22.23
CA LEU D 338 25.86 46.01 23.51
C LEU D 338 25.54 47.48 23.50
N HIS D 339 25.89 48.21 22.45
CA HIS D 339 25.62 49.65 22.38
C HIS D 339 24.89 50.06 21.10
N LYS D 340 25.18 49.42 19.98
CA LYS D 340 24.67 49.86 18.68
C LYS D 340 23.38 49.13 18.28
N LEU D 341 23.45 47.80 18.18
CA LEU D 341 22.31 47.03 17.69
C LEU D 341 21.07 47.13 18.57
N PRO D 342 21.16 47.03 19.91
CA PRO D 342 19.91 47.07 20.71
C PRO D 342 19.11 48.34 20.55
N THR D 343 19.74 49.46 20.19
CA THR D 343 18.99 50.68 19.94
C THR D 343 18.08 50.55 18.73
N PHE D 344 18.59 49.95 17.64
CA PHE D 344 17.78 49.77 16.44
C PHE D 344 16.62 48.82 16.70
N LEU D 345 16.86 47.75 17.47
CA LEU D 345 15.84 46.74 17.73
C LEU D 345 14.91 47.11 18.88
N PHE D 346 15.09 48.29 19.48
CA PHE D 346 14.23 48.81 20.54
C PHE D 346 14.26 47.90 21.77
N MET D 347 15.47 47.69 22.29
CA MET D 347 15.68 46.95 23.52
C MET D 347 16.52 47.80 24.46
N LYS D 348 16.09 47.88 25.72
CA LYS D 348 16.80 48.64 26.74
C LYS D 348 17.08 47.75 27.94
N ARG D 349 18.27 47.88 28.50
CA ARG D 349 18.67 47.10 29.66
C ARG D 349 17.81 47.40 30.88
N PRO D 519 49.02 40.91 67.19
CA PRO D 519 49.05 40.04 66.02
C PRO D 519 47.73 39.32 65.80
N ASP D 520 46.98 39.09 66.87
CA ASP D 520 45.69 38.41 66.75
C ASP D 520 44.71 39.24 65.93
N LEU D 521 44.66 40.55 66.17
CA LEU D 521 43.81 41.41 65.37
C LEU D 521 44.29 41.48 63.92
N ALA D 522 45.61 41.52 63.73
CA ALA D 522 46.17 41.51 62.38
C ALA D 522 45.86 40.20 61.67
N GLU D 523 45.95 39.09 62.40
CA GLU D 523 45.65 37.78 61.81
C GLU D 523 44.18 37.69 61.40
N ILE D 524 43.28 38.24 62.23
CA ILE D 524 41.86 38.26 61.88
C ILE D 524 41.65 39.10 60.62
N LEU D 525 42.29 40.27 60.55
CA LEU D 525 42.18 41.11 59.35
C LEU D 525 42.76 40.41 58.14
N GLU D 526 43.86 39.68 58.31
CA GLU D 526 44.45 38.94 57.20
C GLU D 526 43.54 37.84 56.70
N GLU D 527 42.86 37.14 57.62
CA GLU D 527 41.94 36.08 57.22
C GLU D 527 40.66 36.65 56.62
N VAL D 528 40.15 37.75 57.18
CA VAL D 528 38.91 38.35 56.67
C VAL D 528 39.14 38.95 55.29
N SER D 529 40.32 39.55 55.06
CA SER D 529 40.59 40.22 53.81
C SER D 529 40.48 39.28 52.62
N TYR D 530 40.84 38.01 52.79
CA TYR D 530 40.73 37.04 51.69
C TYR D 530 39.27 36.80 51.32
N ILE D 531 38.38 36.72 52.32
CA ILE D 531 36.99 36.40 52.05
C ILE D 531 36.33 37.49 51.22
N ALA D 532 36.58 38.75 51.56
CA ALA D 532 36.01 39.86 50.78
C ALA D 532 36.62 39.92 49.40
N ASN D 533 37.93 39.70 49.28
CA ASN D 533 38.59 39.72 47.98
C ASN D 533 38.15 38.56 47.10
N ARG D 534 37.81 37.42 47.71
CA ARG D 534 37.26 36.31 46.95
C ARG D 534 35.91 36.68 46.34
N PHE D 535 35.08 37.41 47.09
CA PHE D 535 33.78 37.81 46.57
C PHE D 535 33.90 38.86 45.47
N ARG D 536 34.89 39.75 45.57
CA ARG D 536 35.05 40.79 44.57
C ARG D 536 35.34 40.20 43.19
N ASN D 537 36.22 39.20 43.13
CA ASN D 537 36.51 38.56 41.85
C ASN D 537 35.32 37.75 41.34
N GLN D 538 34.56 37.14 42.25
CA GLN D 538 33.40 36.35 41.84
C GLN D 538 32.34 37.22 41.17
N ASP D 539 32.14 38.43 41.69
CA ASP D 539 31.14 39.32 41.10
C ASP D 539 31.57 39.83 39.74
N GLU D 540 32.87 39.92 39.48
CA GLU D 540 33.33 40.34 38.16
C GLU D 540 33.11 39.23 37.14
N ASP D 541 33.27 37.97 37.54
CA ASP D 541 33.01 36.86 36.63
C ASP D 541 31.53 36.85 36.24
N GLN D 542 30.64 37.01 37.22
CA GLN D 542 29.21 36.99 36.93
C GLN D 542 28.80 38.14 36.02
N SER D 543 29.46 39.30 36.15
CA SER D 543 29.17 40.41 35.26
C SER D 543 29.53 40.08 33.82
N VAL D 544 30.66 39.40 33.61
CA VAL D 544 31.07 39.02 32.26
C VAL D 544 30.15 37.92 31.73
N VAL D 545 29.78 36.95 32.57
CA VAL D 545 28.90 35.87 32.14
C VAL D 545 27.54 36.42 31.72
N GLU D 546 26.99 37.35 32.51
CA GLU D 546 25.70 37.94 32.17
C GLU D 546 25.77 38.86 30.97
N ASP D 547 26.97 39.20 30.49
CA ASP D 547 27.09 39.96 29.24
C ASP D 547 27.03 39.05 28.02
N TRP D 548 27.54 37.82 28.14
CA TRP D 548 27.44 36.85 27.05
C TRP D 548 26.01 36.40 26.84
N LYS D 549 25.15 36.50 27.86
CA LYS D 549 23.75 36.15 27.69
C LYS D 549 22.96 37.22 26.94
N TYR D 550 23.30 38.49 27.14
CA TYR D 550 22.60 39.55 26.42
C TYR D 550 23.01 39.60 24.96
N VAL D 551 24.24 39.20 24.63
CA VAL D 551 24.64 39.11 23.23
C VAL D 551 23.83 38.04 22.52
N ALA D 552 23.60 36.90 23.18
CA ALA D 552 22.79 35.84 22.59
C ALA D 552 21.33 36.22 22.47
N MET D 553 20.90 37.31 23.12
CA MET D 553 19.54 37.78 22.99
C MET D 553 19.38 38.82 21.90
N VAL D 554 20.41 39.62 21.65
CA VAL D 554 20.38 40.55 20.52
C VAL D 554 20.50 39.78 19.20
N VAL D 555 21.37 38.77 19.16
CA VAL D 555 21.51 37.94 17.97
C VAL D 555 20.19 37.26 17.65
N ASP D 556 19.53 36.73 18.67
CA ASP D 556 18.27 36.02 18.47
C ASP D 556 17.21 36.98 17.91
N ARG D 557 17.10 38.17 18.50
CA ARG D 557 16.08 39.12 18.04
C ARG D 557 16.36 39.64 16.65
N LEU D 558 17.63 39.71 16.25
CA LEU D 558 17.98 40.17 14.92
C LEU D 558 17.44 39.23 13.85
N PHE D 559 17.51 37.92 14.10
CA PHE D 559 17.03 36.95 13.12
C PHE D 559 15.53 36.76 13.15
N LEU D 560 14.86 37.23 14.20
CA LEU D 560 13.40 37.20 14.20
C LEU D 560 12.83 38.15 13.15
N TRP D 561 13.46 39.31 13.00
CA TRP D 561 13.01 40.27 11.99
C TRP D 561 13.44 39.86 10.58
N VAL D 562 14.65 39.31 10.45
CA VAL D 562 15.16 38.94 9.13
C VAL D 562 14.34 37.80 8.54
N PHE D 563 14.10 36.76 9.32
CA PHE D 563 13.35 35.62 8.81
C PHE D 563 11.90 36.01 8.53
N MET D 564 11.27 36.79 9.41
CA MET D 564 9.90 37.20 9.20
C MET D 564 9.77 38.09 7.97
N PHE D 565 10.73 39.00 7.77
CA PHE D 565 10.71 39.85 6.58
C PHE D 565 10.83 39.01 5.31
N VAL D 566 11.71 38.00 5.32
CA VAL D 566 11.85 37.13 4.16
C VAL D 566 10.62 36.24 4.00
N CYS D 567 10.07 35.75 5.12
CA CYS D 567 8.95 34.82 5.05
C CYS D 567 7.69 35.45 4.47
N VAL D 568 7.61 36.78 4.43
CA VAL D 568 6.47 37.47 3.84
C VAL D 568 6.79 37.99 2.45
N LEU D 569 7.93 38.65 2.29
CA LEU D 569 8.31 39.16 0.97
C LEU D 569 8.57 38.01 0.00
N GLY D 570 9.20 36.94 0.47
CA GLY D 570 9.45 35.80 -0.39
C GLY D 570 8.22 35.01 -0.74
N THR D 571 7.17 35.09 0.08
CA THR D 571 5.92 34.39 -0.18
C THR D 571 5.01 35.16 -1.14
N VAL D 572 5.01 36.49 -1.07
CA VAL D 572 4.17 37.30 -1.95
C VAL D 572 4.53 37.09 -3.42
N GLY D 573 5.71 36.52 -3.69
CA GLY D 573 6.07 36.11 -5.03
C GLY D 573 5.50 34.79 -5.46
N LEU D 574 4.72 34.13 -4.58
CA LEU D 574 4.06 32.88 -4.90
C LEU D 574 2.55 32.95 -4.87
N PHE D 575 1.97 33.93 -4.17
CA PHE D 575 0.52 34.08 -4.06
C PHE D 575 -0.15 32.82 -3.53
N ASN E 25 -22.44 -2.77 -56.91
CA ASN E 25 -21.88 -3.74 -55.98
C ASN E 25 -20.72 -4.50 -56.59
N ALA E 26 -19.76 -3.76 -57.15
CA ALA E 26 -18.56 -4.39 -57.69
C ALA E 26 -17.72 -5.02 -56.59
N GLU E 27 -17.77 -4.47 -55.38
CA GLU E 27 -17.07 -5.08 -54.25
C GLU E 27 -17.61 -6.47 -53.97
N GLU E 28 -18.93 -6.65 -54.07
CA GLU E 28 -19.52 -7.97 -53.89
C GLU E 28 -19.00 -8.95 -54.94
N LYS E 29 -18.91 -8.50 -56.19
CA LYS E 29 -18.43 -9.37 -57.25
C LYS E 29 -16.97 -9.77 -57.03
N LEU E 30 -16.10 -8.77 -56.81
CA LEU E 30 -14.68 -9.08 -56.66
C LEU E 30 -14.40 -9.90 -55.42
N MET E 31 -15.07 -9.59 -54.31
CA MET E 31 -14.84 -10.32 -53.07
C MET E 31 -15.25 -11.79 -53.20
N ASP E 32 -16.38 -12.04 -53.86
CA ASP E 32 -16.84 -13.41 -54.02
C ASP E 32 -15.91 -14.22 -54.91
N ASP E 33 -15.46 -13.63 -56.02
CA ASP E 33 -14.67 -14.38 -57.00
C ASP E 33 -13.26 -14.67 -56.49
N LEU E 34 -12.61 -13.67 -55.90
CA LEU E 34 -11.18 -13.79 -55.59
C LEU E 34 -10.91 -14.91 -54.59
N LEU E 35 -11.73 -14.99 -53.54
CA LEU E 35 -11.46 -15.97 -52.49
C LEU E 35 -11.95 -17.37 -52.85
N ASN E 36 -12.67 -17.53 -53.95
CA ASN E 36 -13.20 -18.84 -54.34
C ASN E 36 -12.68 -19.33 -55.68
N LYS E 37 -12.53 -18.44 -56.67
CA LYS E 37 -12.01 -18.87 -57.96
C LYS E 37 -10.57 -19.34 -57.85
N THR E 38 -9.75 -18.63 -57.05
CA THR E 38 -8.35 -18.94 -56.92
C THR E 38 -8.07 -20.02 -55.87
N ARG E 39 -9.10 -20.54 -55.21
CA ARG E 39 -8.95 -21.55 -54.16
C ARG E 39 -8.01 -21.05 -53.07
N TYR E 40 -8.32 -19.87 -52.54
CA TYR E 40 -7.51 -19.29 -51.46
C TYR E 40 -7.83 -20.00 -50.16
N ASN E 41 -6.95 -20.92 -49.76
CA ASN E 41 -7.14 -21.68 -48.53
C ASN E 41 -6.51 -21.02 -47.31
N ASN E 42 -5.84 -19.87 -47.49
CA ASN E 42 -5.25 -19.07 -46.43
C ASN E 42 -4.24 -19.83 -45.58
N LEU E 43 -3.82 -21.03 -46.02
CA LEU E 43 -2.90 -21.85 -45.27
C LEU E 43 -1.62 -22.16 -46.01
N ILE E 44 -1.45 -21.64 -47.22
CA ILE E 44 -0.30 -21.95 -48.07
C ILE E 44 0.36 -20.64 -48.50
N ARG E 45 1.67 -20.58 -48.38
CA ARG E 45 2.40 -19.38 -48.77
C ARG E 45 2.35 -19.21 -50.29
N PRO E 46 2.23 -17.98 -50.79
CA PRO E 46 2.19 -17.73 -52.24
C PRO E 46 3.56 -17.83 -52.90
N ALA E 47 4.00 -19.06 -53.11
CA ALA E 47 5.32 -19.34 -53.68
C ALA E 47 5.19 -20.02 -55.03
N THR E 48 5.94 -19.52 -56.01
CA THR E 48 5.97 -20.16 -57.33
C THR E 48 6.91 -21.34 -57.37
N SER E 49 7.79 -21.49 -56.39
CA SER E 49 8.68 -22.64 -56.28
C SER E 49 9.12 -22.79 -54.83
N SER E 50 9.95 -23.80 -54.57
CA SER E 50 10.36 -24.08 -53.20
C SER E 50 11.17 -22.94 -52.61
N SER E 51 12.22 -22.51 -53.30
CA SER E 51 13.12 -21.47 -52.81
C SER E 51 12.72 -20.14 -53.45
N GLN E 52 11.62 -19.57 -52.96
CA GLN E 52 11.08 -18.31 -53.44
C GLN E 52 10.68 -17.42 -52.27
N LEU E 53 11.62 -17.24 -51.34
CA LEU E 53 11.42 -16.48 -50.11
C LEU E 53 10.61 -15.21 -50.35
N ILE E 54 9.49 -15.09 -49.64
CA ILE E 54 8.55 -13.98 -49.84
C ILE E 54 9.06 -12.78 -49.06
N SER E 55 9.50 -11.74 -49.78
CA SER E 55 9.99 -10.54 -49.12
C SER E 55 8.85 -9.85 -48.38
N ILE E 56 9.14 -9.38 -47.17
CA ILE E 56 8.14 -8.76 -46.29
C ILE E 56 8.76 -7.46 -45.78
N LYS E 57 8.41 -6.35 -46.43
CA LYS E 57 8.86 -5.04 -45.96
C LYS E 57 8.19 -4.70 -44.64
N LEU E 58 8.96 -4.10 -43.73
CA LEU E 58 8.49 -3.81 -42.39
C LEU E 58 8.77 -2.35 -42.04
N GLN E 59 7.96 -1.83 -41.11
CA GLN E 59 8.17 -0.49 -40.57
C GLN E 59 7.38 -0.38 -39.27
N LEU E 60 7.95 0.32 -38.30
CA LEU E 60 7.32 0.57 -37.00
C LEU E 60 7.07 2.05 -36.84
N SER E 61 5.92 2.40 -36.26
CA SER E 61 5.56 3.79 -36.01
C SER E 61 5.22 3.94 -34.53
N LEU E 62 6.03 4.70 -33.81
CA LEU E 62 5.80 4.93 -32.39
C LEU E 62 4.65 5.90 -32.18
N ALA E 63 3.87 5.67 -31.14
CA ALA E 63 2.74 6.52 -30.79
C ALA E 63 2.80 7.07 -29.37
N GLN E 64 3.24 6.26 -28.41
CA GLN E 64 3.32 6.69 -27.02
C GLN E 64 4.42 5.92 -26.32
N LEU E 65 4.90 6.47 -25.20
CA LEU E 65 5.95 5.84 -24.42
C LEU E 65 5.48 5.29 -23.09
N ILE E 66 4.31 5.72 -22.61
CA ILE E 66 3.69 5.21 -21.38
C ILE E 66 4.67 5.28 -20.21
N SER E 67 5.33 4.16 -19.91
CA SER E 67 6.21 4.07 -18.75
C SER E 67 7.41 3.21 -19.07
N VAL E 68 8.50 3.45 -18.33
CA VAL E 68 9.75 2.72 -18.50
C VAL E 68 10.05 2.13 -17.12
N ASN E 69 8.98 1.68 -16.44
CA ASN E 69 9.05 1.18 -15.07
C ASN E 69 10.30 0.36 -14.82
N GLU E 70 11.04 0.72 -13.77
CA GLU E 70 12.34 0.13 -13.48
C GLU E 70 12.30 -0.87 -12.32
N ARG E 71 11.19 -0.94 -11.58
CA ARG E 71 11.08 -1.94 -10.52
C ARG E 71 11.07 -3.35 -11.10
N GLU E 72 10.35 -3.56 -12.19
CA GLU E 72 10.30 -4.85 -12.87
C GLU E 72 11.02 -4.84 -14.21
N GLN E 73 11.66 -3.74 -14.59
CA GLN E 73 12.42 -3.63 -15.83
C GLN E 73 11.55 -3.94 -17.05
N ILE E 74 10.33 -3.41 -17.06
CA ILE E 74 9.36 -3.66 -18.12
C ILE E 74 8.80 -2.32 -18.59
N MET E 75 8.78 -2.11 -19.90
CA MET E 75 8.24 -0.89 -20.50
C MET E 75 6.78 -1.10 -20.91
N THR E 76 6.25 -0.11 -21.62
CA THR E 76 4.94 -0.20 -22.26
C THR E 76 4.91 0.80 -23.40
N THR E 77 4.48 0.35 -24.58
CA THR E 77 4.48 1.21 -25.76
C THR E 77 3.28 0.87 -26.64
N ASN E 78 2.90 1.83 -27.47
CA ASN E 78 1.88 1.65 -28.48
C ASN E 78 2.49 1.92 -29.85
N VAL E 79 2.40 0.94 -30.75
CA VAL E 79 3.06 1.01 -32.04
C VAL E 79 2.10 0.56 -33.15
N TRP E 80 2.45 0.93 -34.38
CA TRP E 80 1.75 0.50 -35.58
C TRP E 80 2.74 -0.23 -36.46
N LEU E 81 2.63 -1.55 -36.52
CA LEU E 81 3.55 -2.38 -37.30
C LEU E 81 3.03 -2.43 -38.74
N LYS E 82 3.70 -1.74 -39.65
CA LYS E 82 3.29 -1.67 -41.04
C LYS E 82 4.03 -2.75 -41.83
N GLN E 83 3.28 -3.62 -42.49
CA GLN E 83 3.84 -4.73 -43.24
C GLN E 83 3.37 -4.67 -44.69
N GLU E 84 4.16 -5.26 -45.58
CA GLU E 84 3.86 -5.25 -47.00
C GLU E 84 4.47 -6.49 -47.65
N TRP E 85 3.73 -7.08 -48.58
CA TRP E 85 4.24 -8.21 -49.36
C TRP E 85 3.43 -8.29 -50.65
N THR E 86 3.60 -9.37 -51.40
CA THR E 86 2.95 -9.56 -52.68
C THR E 86 2.26 -10.91 -52.72
N ASP E 87 1.04 -10.94 -53.25
CA ASP E 87 0.26 -12.15 -53.42
C ASP E 87 -0.09 -12.32 -54.89
N TYR E 88 0.23 -13.48 -55.45
CA TYR E 88 -0.05 -13.75 -56.85
C TYR E 88 -1.47 -14.26 -57.09
N ARG E 89 -2.21 -14.59 -56.04
CA ARG E 89 -3.56 -15.11 -56.19
C ARG E 89 -4.62 -14.02 -56.17
N LEU E 90 -4.25 -12.78 -55.93
CA LEU E 90 -5.19 -11.65 -55.87
C LEU E 90 -4.83 -10.69 -56.99
N THR E 91 -5.37 -10.95 -58.19
CA THR E 91 -5.13 -10.14 -59.37
C THR E 91 -6.40 -10.11 -60.21
N TRP E 92 -6.73 -8.92 -60.71
CA TRP E 92 -7.89 -8.77 -61.58
C TRP E 92 -7.73 -7.50 -62.41
N ASN E 93 -8.00 -7.63 -63.71
CA ASN E 93 -7.87 -6.54 -64.66
C ASN E 93 -8.44 -7.02 -66.00
N SER E 94 -8.36 -6.14 -67.00
CA SER E 94 -8.79 -6.40 -68.38
C SER E 94 -10.29 -6.63 -68.51
N SER E 95 -11.05 -6.48 -67.43
CA SER E 95 -12.50 -6.60 -67.49
C SER E 95 -13.16 -5.34 -66.93
N ARG E 96 -12.49 -4.71 -65.96
CA ARG E 96 -12.91 -3.43 -65.38
C ARG E 96 -14.33 -3.53 -64.80
N TYR E 97 -14.41 -4.32 -63.72
CA TYR E 97 -15.69 -4.53 -63.05
C TYR E 97 -16.10 -3.28 -62.29
N GLU E 98 -16.76 -2.35 -62.99
CA GLU E 98 -17.26 -1.10 -62.42
C GLU E 98 -16.14 -0.23 -61.84
N GLY E 99 -14.90 -0.46 -62.27
CA GLY E 99 -13.78 0.37 -61.85
C GLY E 99 -13.47 0.32 -60.37
N VAL E 100 -13.01 -0.83 -59.89
CA VAL E 100 -12.61 -1.00 -58.49
C VAL E 100 -11.14 -1.43 -58.46
N ASN E 101 -10.36 -0.77 -57.60
CA ASN E 101 -8.94 -1.05 -57.48
C ASN E 101 -8.50 -1.33 -56.05
N ILE E 102 -9.41 -1.29 -55.09
CA ILE E 102 -9.09 -1.57 -53.68
C ILE E 102 -10.18 -2.48 -53.12
N LEU E 103 -9.76 -3.57 -52.47
CA LEU E 103 -10.65 -4.64 -52.02
C LEU E 103 -10.46 -4.90 -50.54
N ARG E 104 -10.54 -3.83 -49.73
CA ARG E 104 -10.42 -3.91 -48.28
C ARG E 104 -11.16 -5.11 -47.71
N ILE E 105 -10.41 -5.96 -46.99
CA ILE E 105 -10.89 -7.28 -46.59
C ILE E 105 -10.44 -7.57 -45.16
N PRO E 106 -11.24 -8.26 -44.34
CA PRO E 106 -10.79 -8.62 -42.99
C PRO E 106 -9.58 -9.54 -43.02
N ALA E 107 -8.82 -9.51 -41.91
CA ALA E 107 -7.53 -10.18 -41.88
C ALA E 107 -7.66 -11.70 -41.99
N LYS E 108 -8.64 -12.29 -41.30
CA LYS E 108 -8.68 -13.74 -41.20
C LYS E 108 -9.30 -14.36 -42.44
N ARG E 109 -8.82 -13.98 -43.62
CA ARG E 109 -9.30 -14.57 -44.86
C ARG E 109 -8.14 -14.94 -45.78
N ILE E 110 -6.99 -14.27 -45.64
CA ILE E 110 -5.86 -14.46 -46.53
C ILE E 110 -4.62 -14.82 -45.70
N TRP E 111 -3.59 -15.28 -46.40
CA TRP E 111 -2.36 -15.73 -45.75
C TRP E 111 -1.64 -14.56 -45.09
N LEU E 112 -1.14 -14.80 -43.89
CA LEU E 112 -0.38 -13.83 -43.12
C LEU E 112 0.92 -14.46 -42.63
N PRO E 113 1.98 -13.67 -42.48
CA PRO E 113 3.28 -14.23 -42.10
C PRO E 113 3.50 -14.44 -40.62
N ASP E 114 2.63 -13.94 -39.75
CA ASP E 114 2.69 -14.18 -38.31
C ASP E 114 4.01 -13.69 -37.72
N ILE E 115 4.21 -12.37 -37.80
CA ILE E 115 5.38 -11.73 -37.20
C ILE E 115 4.98 -11.23 -35.81
N VAL E 116 5.71 -11.68 -34.79
CA VAL E 116 5.37 -11.40 -33.40
C VAL E 116 6.60 -10.88 -32.66
N LEU E 117 6.35 -10.24 -31.52
CA LEU E 117 7.41 -9.74 -30.66
C LEU E 117 7.99 -10.89 -29.85
N TYR E 118 9.30 -11.09 -29.95
CA TYR E 118 9.95 -12.27 -29.42
C TYR E 118 10.71 -12.00 -28.12
N ASN E 119 10.39 -10.91 -27.43
CA ASN E 119 10.96 -10.65 -26.11
C ASN E 119 9.89 -10.14 -25.14
N ASN E 120 8.65 -10.57 -25.33
CA ASN E 120 7.56 -10.19 -24.44
C ASN E 120 7.73 -10.85 -23.08
N ALA E 121 7.31 -10.14 -22.03
CA ALA E 121 7.33 -10.66 -20.67
C ALA E 121 5.96 -11.08 -20.16
N ASP E 122 4.88 -10.53 -20.72
CA ASP E 122 3.54 -10.89 -20.29
C ASP E 122 3.13 -12.27 -20.80
N GLY E 123 3.70 -12.71 -21.93
CA GLY E 123 3.28 -13.92 -22.60
C GLY E 123 2.40 -13.70 -23.81
N THR E 124 1.79 -12.53 -23.93
CA THR E 124 1.08 -12.18 -25.14
C THR E 124 2.05 -12.03 -26.30
N TYR E 125 1.67 -12.54 -27.46
CA TYR E 125 2.58 -12.59 -28.61
C TYR E 125 2.05 -11.89 -29.84
N GLU E 126 0.77 -12.01 -30.13
CA GLU E 126 0.20 -11.51 -31.38
C GLU E 126 -0.33 -10.08 -31.21
N VAL E 127 -0.91 -9.55 -32.29
CA VAL E 127 -1.43 -8.19 -32.27
C VAL E 127 -2.68 -8.11 -31.40
N SER E 128 -3.06 -6.88 -31.06
CA SER E 128 -4.20 -6.66 -30.18
C SER E 128 -5.49 -7.16 -30.83
N VAL E 129 -5.90 -6.53 -31.93
CA VAL E 129 -7.11 -6.90 -32.66
C VAL E 129 -6.77 -6.98 -34.15
N TYR E 130 -7.36 -7.98 -34.83
CA TYR E 130 -7.13 -8.17 -36.25
C TYR E 130 -7.99 -7.19 -37.03
N THR E 131 -7.35 -6.22 -37.69
CA THR E 131 -8.04 -5.25 -38.51
C THR E 131 -8.11 -5.74 -39.96
N ASN E 132 -8.48 -4.86 -40.88
CA ASN E 132 -8.61 -5.19 -42.29
C ASN E 132 -7.34 -4.79 -43.04
N LEU E 133 -7.10 -5.46 -44.17
CA LEU E 133 -5.96 -5.17 -45.02
C LEU E 133 -6.41 -4.34 -46.22
N ILE E 134 -5.49 -4.14 -47.17
CA ILE E 134 -5.82 -3.54 -48.45
C ILE E 134 -5.25 -4.43 -49.54
N VAL E 135 -5.96 -4.50 -50.65
CA VAL E 135 -5.56 -5.34 -51.79
C VAL E 135 -5.64 -4.48 -53.05
N ARG E 136 -4.55 -4.44 -53.80
CA ARG E 136 -4.46 -3.64 -55.00
C ARG E 136 -4.55 -4.53 -56.25
N SER E 137 -4.55 -3.89 -57.41
CA SER E 137 -4.75 -4.62 -58.66
C SER E 137 -3.56 -5.50 -59.01
N ASN E 138 -2.34 -5.09 -58.65
CA ASN E 138 -1.15 -5.87 -58.97
C ASN E 138 -0.82 -6.90 -57.90
N GLY E 139 -1.62 -7.02 -56.84
CA GLY E 139 -1.44 -8.05 -55.85
C GLY E 139 -0.82 -7.59 -54.56
N SER E 140 -0.32 -6.36 -54.49
CA SER E 140 0.33 -5.88 -53.27
C SER E 140 -0.65 -5.83 -52.12
N VAL E 141 -0.15 -6.11 -50.92
CA VAL E 141 -0.95 -6.15 -49.69
C VAL E 141 -0.30 -5.24 -48.67
N LEU E 142 -1.10 -4.39 -48.03
CA LEU E 142 -0.62 -3.46 -47.01
C LEU E 142 -1.46 -3.62 -45.76
N TRP E 143 -0.79 -3.72 -44.61
CA TRP E 143 -1.46 -4.01 -43.34
C TRP E 143 -0.89 -3.12 -42.25
N LEU E 144 -1.77 -2.49 -41.47
CA LEU E 144 -1.37 -1.64 -40.34
C LEU E 144 -2.21 -1.99 -39.11
N PRO E 145 -1.86 -3.05 -38.40
CA PRO E 145 -2.58 -3.38 -37.17
C PRO E 145 -1.96 -2.69 -35.96
N PRO E 146 -2.77 -2.20 -35.03
CA PRO E 146 -2.24 -1.66 -33.79
C PRO E 146 -1.98 -2.75 -32.77
N ALA E 147 -1.04 -2.47 -31.86
CA ALA E 147 -0.66 -3.46 -30.85
C ALA E 147 0.07 -2.78 -29.72
N ILE E 148 -0.31 -3.11 -28.48
CA ILE E 148 0.42 -2.67 -27.30
C ILE E 148 1.45 -3.74 -26.96
N TYR E 149 2.56 -3.31 -26.36
CA TYR E 149 3.66 -4.23 -26.09
C TYR E 149 4.33 -3.87 -24.77
N LYS E 150 4.72 -4.90 -24.02
CA LYS E 150 5.43 -4.77 -22.76
C LYS E 150 6.69 -5.63 -22.86
N SER E 151 7.78 -5.04 -23.35
CA SER E 151 9.01 -5.78 -23.59
C SER E 151 9.80 -5.90 -22.30
N ALA E 152 11.02 -6.44 -22.40
CA ALA E 152 11.93 -6.59 -21.27
C ALA E 152 13.22 -5.85 -21.56
N CYS E 153 13.81 -5.28 -20.51
CA CYS E 153 15.00 -4.45 -20.67
C CYS E 153 15.97 -4.69 -19.53
N LYS E 154 17.24 -4.39 -19.80
CA LYS E 154 18.26 -4.35 -18.76
C LYS E 154 18.50 -2.89 -18.40
N ILE E 155 18.23 -2.55 -17.14
CA ILE E 155 18.23 -1.17 -16.68
C ILE E 155 19.58 -0.89 -16.02
N GLU E 156 20.29 0.11 -16.54
CA GLU E 156 21.51 0.62 -15.93
C GLU E 156 21.16 1.86 -15.13
N VAL E 157 21.39 1.82 -13.82
CA VAL E 157 20.92 2.84 -12.91
C VAL E 157 22.06 3.48 -12.12
N LYS E 158 23.28 3.39 -12.64
CA LYS E 158 24.45 3.93 -11.93
C LYS E 158 24.46 5.46 -11.88
N TYR E 159 23.56 6.13 -12.60
CA TYR E 159 23.47 7.59 -12.63
C TYR E 159 22.02 8.01 -12.45
N PHE E 160 21.38 7.50 -11.40
CA PHE E 160 19.93 7.56 -11.28
C PHE E 160 19.31 8.94 -11.49
N PRO E 161 19.85 10.05 -10.97
CA PRO E 161 19.24 11.35 -11.30
C PRO E 161 19.13 11.63 -12.78
N PHE E 162 20.15 11.28 -13.57
CA PHE E 162 20.15 11.50 -15.02
C PHE E 162 20.87 10.33 -15.67
N ASP E 163 20.10 9.41 -16.25
CA ASP E 163 20.62 8.17 -16.77
C ASP E 163 20.23 7.99 -18.24
N GLN E 164 21.10 7.30 -18.97
CA GLN E 164 20.88 6.99 -20.38
C GLN E 164 20.85 5.48 -20.55
N GLN E 165 19.82 4.98 -21.20
CA GLN E 165 19.60 3.55 -21.38
C GLN E 165 19.51 3.22 -22.87
N ASN E 166 19.23 1.94 -23.15
CA ASN E 166 19.15 1.45 -24.52
C ASN E 166 18.23 0.23 -24.51
N CYS E 167 16.99 0.43 -24.94
CA CYS E 167 15.95 -0.60 -24.89
C CYS E 167 15.61 -1.04 -26.30
N THR E 168 15.49 -2.35 -26.49
CA THR E 168 15.35 -2.94 -27.81
C THR E 168 13.99 -3.62 -27.96
N LEU E 169 13.52 -3.68 -29.21
CA LEU E 169 12.32 -4.41 -29.59
C LEU E 169 12.68 -5.40 -30.69
N LYS E 170 12.34 -6.68 -30.48
CA LYS E 170 12.71 -7.74 -31.40
C LYS E 170 11.45 -8.32 -32.05
N PHE E 171 11.47 -8.43 -33.38
CA PHE E 171 10.35 -8.95 -34.15
C PHE E 171 10.80 -10.18 -34.92
N ARG E 172 10.05 -11.27 -34.80
CA ARG E 172 10.38 -12.52 -35.45
C ARG E 172 9.10 -13.29 -35.74
N SER E 173 9.20 -14.23 -36.67
CA SER E 173 8.08 -15.08 -37.05
C SER E 173 8.27 -16.48 -36.45
N TRP E 174 7.26 -16.95 -35.72
CA TRP E 174 7.36 -18.22 -35.02
C TRP E 174 6.89 -19.42 -35.84
N THR E 175 6.33 -19.20 -37.03
CA THR E 175 5.92 -20.30 -37.88
C THR E 175 6.93 -20.59 -38.99
N TYR E 176 7.53 -19.56 -39.57
CA TYR E 176 8.45 -19.70 -40.69
C TYR E 176 9.84 -19.26 -40.27
N ASP E 177 10.80 -19.43 -41.18
CA ASP E 177 12.20 -19.09 -40.94
C ASP E 177 12.77 -18.49 -42.22
N HIS E 178 14.10 -18.34 -42.25
CA HIS E 178 14.74 -17.66 -43.37
C HIS E 178 14.64 -18.44 -44.68
N THR E 179 14.21 -19.70 -44.64
CA THR E 179 13.98 -20.46 -45.87
C THR E 179 12.56 -20.31 -46.39
N GLU E 180 11.75 -19.48 -45.75
CA GLU E 180 10.39 -19.20 -46.19
C GLU E 180 10.09 -17.73 -46.34
N ILE E 181 10.65 -16.88 -45.47
CA ILE E 181 10.39 -15.44 -45.50
C ILE E 181 11.72 -14.69 -45.52
N ASP E 182 11.66 -13.43 -45.96
CA ASP E 182 12.84 -12.62 -46.20
C ASP E 182 12.66 -11.22 -45.63
N MET E 183 12.29 -11.14 -44.35
CA MET E 183 12.08 -9.88 -43.66
C MET E 183 13.15 -8.85 -44.00
N VAL E 184 12.71 -7.67 -44.44
CA VAL E 184 13.58 -6.60 -44.88
C VAL E 184 13.13 -5.30 -44.24
N LEU E 185 13.99 -4.29 -44.31
CA LEU E 185 13.75 -2.98 -43.69
C LEU E 185 13.46 -1.94 -44.76
N MET E 186 12.48 -1.07 -44.47
CA MET E 186 12.19 0.04 -45.37
C MET E 186 13.14 1.20 -45.17
N THR E 187 13.14 1.76 -43.96
CA THR E 187 14.03 2.85 -43.58
C THR E 187 14.72 2.51 -42.27
N PRO E 188 15.98 2.91 -42.10
CA PRO E 188 16.74 2.57 -40.89
C PRO E 188 16.44 3.49 -39.71
N THR E 189 15.15 3.76 -39.49
CA THR E 189 14.69 4.59 -38.38
C THR E 189 13.17 4.47 -38.29
N ALA E 190 12.67 4.34 -37.06
CA ALA E 190 11.24 4.34 -36.85
C ALA E 190 10.67 5.75 -37.09
N SER E 191 9.36 5.82 -37.25
CA SER E 191 8.69 7.07 -37.58
C SER E 191 7.99 7.64 -36.35
N MET E 192 8.24 8.91 -36.06
CA MET E 192 7.62 9.63 -34.96
C MET E 192 6.63 10.67 -35.46
N ASP E 193 6.02 10.43 -36.63
CA ASP E 193 5.10 11.40 -37.19
C ASP E 193 3.88 11.61 -36.30
N ASP E 194 3.36 10.53 -35.73
CA ASP E 194 2.19 10.60 -34.86
C ASP E 194 2.55 10.52 -33.39
N PHE E 195 3.80 10.79 -33.04
CA PHE E 195 4.28 10.63 -31.67
C PHE E 195 3.84 11.80 -30.82
N THR E 196 3.10 11.52 -29.75
CA THR E 196 2.75 12.54 -28.78
C THR E 196 3.88 12.69 -27.77
N PRO E 197 4.51 13.86 -27.66
CA PRO E 197 5.64 13.99 -26.73
C PRO E 197 5.23 13.71 -25.29
N SER E 198 6.13 13.07 -24.55
CA SER E 198 5.89 12.72 -23.16
C SER E 198 6.65 13.66 -22.24
N GLY E 199 6.06 13.93 -21.09
CA GLY E 199 6.65 14.82 -20.11
C GLY E 199 7.59 14.17 -19.13
N GLU E 200 7.93 12.90 -19.32
CA GLU E 200 8.81 12.18 -18.41
C GLU E 200 10.10 11.72 -19.06
N TRP E 201 10.08 11.32 -20.32
CA TRP E 201 11.25 10.78 -21.00
C TRP E 201 11.50 11.51 -22.31
N ASP E 202 12.78 11.59 -22.67
CA ASP E 202 13.22 12.32 -23.86
C ASP E 202 13.85 11.35 -24.84
N ILE E 203 13.39 11.39 -26.09
CA ILE E 203 13.85 10.48 -27.14
C ILE E 203 15.11 11.05 -27.78
N VAL E 204 16.09 10.20 -28.02
CA VAL E 204 17.34 10.59 -28.67
C VAL E 204 17.42 10.04 -30.10
N ALA E 205 17.34 8.72 -30.26
CA ALA E 205 17.41 8.11 -31.58
C ALA E 205 16.79 6.72 -31.53
N LEU E 206 16.22 6.31 -32.67
CA LEU E 206 15.57 5.01 -32.80
C LEU E 206 16.10 4.31 -34.05
N PRO E 207 17.30 3.74 -33.98
CA PRO E 207 17.87 3.06 -35.15
C PRO E 207 17.43 1.60 -35.27
N GLY E 208 17.02 1.19 -36.47
CA GLY E 208 16.61 -0.17 -36.73
C GLY E 208 17.65 -0.92 -37.55
N ARG E 209 17.71 -2.23 -37.37
CA ARG E 209 18.73 -3.04 -38.02
C ARG E 209 18.23 -4.46 -38.15
N ARG E 210 18.84 -5.20 -39.08
CA ARG E 210 18.55 -6.60 -39.33
C ARG E 210 19.60 -7.48 -38.69
N THR E 211 19.33 -8.78 -38.66
CA THR E 211 20.25 -9.75 -38.08
C THR E 211 20.15 -11.07 -38.85
N VAL E 212 21.30 -11.69 -39.09
CA VAL E 212 21.36 -13.00 -39.75
C VAL E 212 22.62 -13.70 -39.28
N ASN E 213 22.58 -15.03 -39.31
CA ASN E 213 23.69 -15.86 -38.84
C ASN E 213 24.34 -16.57 -40.01
N PRO E 214 25.62 -16.34 -40.29
CA PRO E 214 26.27 -17.04 -41.41
C PRO E 214 26.28 -18.55 -41.25
N GLN E 215 26.37 -19.05 -40.02
CA GLN E 215 26.42 -20.48 -39.77
C GLN E 215 25.02 -21.01 -39.50
N ASP E 216 24.63 -22.08 -40.21
CA ASP E 216 23.32 -22.70 -40.09
C ASP E 216 22.23 -21.68 -40.35
N PRO E 217 22.04 -21.23 -41.60
CA PRO E 217 21.09 -20.14 -41.85
C PRO E 217 19.65 -20.56 -41.67
N SER E 218 19.08 -20.19 -40.52
CA SER E 218 17.66 -20.36 -40.25
C SER E 218 17.10 -19.21 -39.44
N TYR E 219 17.89 -18.17 -39.17
CA TYR E 219 17.52 -17.10 -38.26
C TYR E 219 17.45 -15.79 -39.02
N VAL E 220 16.34 -15.07 -38.85
CA VAL E 220 16.16 -13.76 -39.45
C VAL E 220 15.19 -12.97 -38.60
N ASP E 221 15.47 -11.68 -38.43
CA ASP E 221 14.65 -10.81 -37.60
C ASP E 221 15.06 -9.37 -37.86
N VAL E 222 14.29 -8.44 -37.30
CA VAL E 222 14.63 -7.03 -37.28
C VAL E 222 14.52 -6.55 -35.84
N THR E 223 15.30 -5.51 -35.51
CA THR E 223 15.37 -5.01 -34.15
C THR E 223 15.33 -3.48 -34.16
N TYR E 224 14.62 -2.92 -33.20
CA TYR E 224 14.50 -1.48 -33.04
C TYR E 224 14.97 -1.08 -31.65
N ASP E 225 15.83 -0.07 -31.59
CA ASP E 225 16.36 0.43 -30.33
C ASP E 225 15.63 1.70 -29.92
N PHE E 226 15.51 1.92 -28.61
CA PHE E 226 14.69 2.98 -28.03
C PHE E 226 15.51 3.83 -27.08
N ILE E 227 16.68 4.29 -27.53
CA ILE E 227 17.56 5.13 -26.74
C ILE E 227 16.81 6.34 -26.21
N ILE E 228 16.75 6.48 -24.88
CA ILE E 228 15.94 7.49 -24.22
C ILE E 228 16.73 8.18 -23.12
N LYS E 229 16.24 9.34 -22.71
CA LYS E 229 16.81 10.11 -21.61
C LYS E 229 15.71 10.48 -20.63
N ARG E 230 16.09 10.71 -19.37
CA ARG E 230 15.13 10.89 -18.29
C ARG E 230 14.73 12.35 -18.07
N LYS E 231 15.38 13.31 -18.75
CA LYS E 231 15.14 14.75 -18.64
C LYS E 231 14.94 15.15 -17.18
N PRO E 232 16.00 15.18 -16.37
CA PRO E 232 15.83 15.35 -14.92
C PRO E 232 15.30 16.72 -14.52
N LEU E 233 14.04 16.76 -14.08
CA LEU E 233 13.47 17.94 -13.48
C LEU E 233 12.63 17.62 -12.24
N PHE E 234 12.48 16.34 -11.90
CA PHE E 234 11.76 15.89 -10.73
C PHE E 234 12.67 15.24 -9.69
N TYR E 235 13.66 14.47 -10.15
CA TYR E 235 14.60 13.79 -9.27
C TYR E 235 15.95 14.49 -9.22
N THR E 236 16.00 15.79 -9.50
CA THR E 236 17.27 16.51 -9.44
C THR E 236 17.22 17.73 -8.54
N ILE E 237 16.11 18.46 -8.53
CA ILE E 237 15.93 19.56 -7.59
C ILE E 237 15.16 19.13 -6.35
N ASN E 238 14.46 17.99 -6.40
CA ASN E 238 13.82 17.40 -5.25
C ASN E 238 14.47 16.05 -4.99
N LEU E 239 14.68 15.74 -3.71
CA LEU E 239 15.26 14.50 -3.20
C LEU E 239 16.77 14.45 -3.42
N ILE E 240 17.36 15.44 -4.08
CA ILE E 240 18.80 15.60 -4.10
C ILE E 240 19.26 16.67 -3.11
N ILE E 241 18.47 17.70 -2.88
CA ILE E 241 18.80 18.75 -1.91
C ILE E 241 18.52 18.27 -0.49
N PRO E 242 17.40 17.58 -0.22
CA PRO E 242 17.22 17.01 1.12
C PRO E 242 18.25 15.96 1.48
N CYS E 243 18.93 15.36 0.50
CA CYS E 243 19.98 14.40 0.80
C CYS E 243 21.32 15.06 1.12
N VAL E 244 21.46 16.35 0.86
CA VAL E 244 22.66 17.08 1.25
C VAL E 244 22.43 17.94 2.49
N LEU E 245 21.20 18.40 2.73
CA LEU E 245 20.94 19.13 3.98
C LEU E 245 21.21 18.27 5.19
N THR E 246 20.62 17.07 5.23
CA THR E 246 20.87 16.14 6.32
C THR E 246 22.33 15.70 6.34
N THR E 247 22.99 15.70 5.17
CA THR E 247 24.41 15.37 5.12
C THR E 247 25.24 16.42 5.85
N LEU E 248 24.91 17.70 5.67
CA LEU E 248 25.70 18.78 6.23
C LEU E 248 25.24 19.18 7.64
N LEU E 249 24.17 18.60 8.16
CA LEU E 249 23.81 18.87 9.56
C LEU E 249 24.76 18.25 10.58
N ALA E 250 25.69 17.39 10.15
CA ALA E 250 26.57 16.71 11.10
C ALA E 250 27.57 17.68 11.73
N ILE E 251 28.08 18.65 10.97
CA ILE E 251 28.96 19.64 11.56
C ILE E 251 28.21 20.46 12.60
N LEU E 252 26.92 20.73 12.37
CA LEU E 252 26.10 21.35 13.39
C LEU E 252 26.04 20.48 14.63
N VAL E 253 25.89 19.17 14.44
CA VAL E 253 25.92 18.25 15.58
C VAL E 253 27.23 18.42 16.36
N PHE E 254 28.33 18.61 15.64
CA PHE E 254 29.64 18.74 16.27
C PHE E 254 29.93 20.11 16.86
N TYR E 255 29.13 21.13 16.54
CA TYR E 255 29.38 22.48 17.04
C TYR E 255 28.61 22.82 18.31
N LEU E 256 27.73 21.95 18.78
CA LEU E 256 26.91 22.26 19.94
C LEU E 256 27.74 22.23 21.23
N PRO E 257 27.36 23.00 22.23
CA PRO E 257 28.01 22.89 23.54
C PRO E 257 27.45 21.72 24.35
N SER E 258 28.27 21.26 25.29
CA SER E 258 27.89 20.09 26.08
C SER E 258 26.85 20.43 27.15
N ASP E 259 26.91 21.64 27.72
CA ASP E 259 25.95 22.03 28.75
C ASP E 259 24.56 22.31 28.19
N CYS E 260 24.41 22.40 26.87
CA CYS E 260 23.11 22.61 26.28
C CYS E 260 22.19 21.42 26.51
N GLY E 261 22.74 20.21 26.48
CA GLY E 261 21.95 19.01 26.68
C GLY E 261 20.97 18.68 25.58
N GLU E 262 21.38 18.84 24.31
CA GLU E 262 20.53 18.47 23.19
C GLU E 262 21.30 17.80 22.06
N LYS E 263 22.52 17.32 22.32
CA LYS E 263 23.32 16.69 21.27
C LYS E 263 22.66 15.41 20.77
N MET E 264 22.16 14.59 21.70
CA MET E 264 21.59 13.30 21.32
C MET E 264 20.39 13.46 20.41
N THR E 265 19.53 14.43 20.71
CA THR E 265 18.35 14.66 19.88
C THR E 265 18.76 14.92 18.42
N LEU E 266 19.68 15.86 18.23
CA LEU E 266 20.08 16.23 16.87
C LEU E 266 20.74 15.06 16.14
N CYS E 267 21.68 14.38 16.80
CA CYS E 267 22.41 13.31 16.11
C CYS E 267 21.48 12.14 15.77
N ILE E 268 20.64 11.73 16.72
CA ILE E 268 19.72 10.62 16.46
C ILE E 268 18.72 10.98 15.38
N SER E 269 18.21 12.21 15.40
CA SER E 269 17.27 12.63 14.35
C SER E 269 17.93 12.62 12.99
N VAL E 270 19.18 13.07 12.89
CA VAL E 270 19.89 13.05 11.62
C VAL E 270 20.04 11.62 11.12
N LEU E 271 20.45 10.71 12.02
CA LEU E 271 20.63 9.32 11.61
C LEU E 271 19.33 8.69 11.14
N LEU E 272 18.24 8.94 11.86
CA LEU E 272 16.95 8.36 11.47
C LEU E 272 16.47 8.92 10.14
N ALA E 273 16.65 10.22 9.91
CA ALA E 273 16.27 10.80 8.63
C ALA E 273 17.07 10.20 7.48
N LEU E 274 18.38 10.02 7.69
CA LEU E 274 19.20 9.42 6.65
C LEU E 274 18.76 7.98 6.34
N THR E 275 18.46 7.20 7.38
CA THR E 275 18.00 5.83 7.16
C THR E 275 16.68 5.82 6.40
N PHE E 276 15.75 6.69 6.77
CA PHE E 276 14.47 6.75 6.07
C PHE E 276 14.66 7.12 4.60
N PHE E 277 15.53 8.09 4.33
CA PHE E 277 15.76 8.49 2.94
C PHE E 277 16.39 7.37 2.14
N LEU E 278 17.36 6.64 2.73
CA LEU E 278 17.96 5.53 2.02
C LEU E 278 16.93 4.44 1.71
N LEU E 279 16.07 4.12 2.68
CA LEU E 279 15.06 3.10 2.45
C LEU E 279 14.08 3.53 1.37
N LEU E 280 13.68 4.80 1.37
CA LEU E 280 12.77 5.29 0.33
C LEU E 280 13.42 5.24 -1.05
N ILE E 281 14.69 5.62 -1.14
CA ILE E 281 15.40 5.57 -2.41
C ILE E 281 15.46 4.13 -2.92
N SER E 282 15.78 3.19 -2.02
CA SER E 282 15.81 1.78 -2.42
C SER E 282 14.44 1.29 -2.88
N LYS E 283 13.37 1.75 -2.21
CA LYS E 283 12.03 1.35 -2.60
C LYS E 283 11.66 1.88 -3.98
N ILE E 284 12.05 3.12 -4.29
CA ILE E 284 11.66 3.72 -5.57
C ILE E 284 12.29 2.95 -6.73
N VAL E 285 13.58 2.64 -6.62
CA VAL E 285 14.30 1.96 -7.70
C VAL E 285 15.10 0.82 -7.09
N PRO E 286 14.98 -0.40 -7.61
CA PRO E 286 15.79 -1.52 -7.09
C PRO E 286 17.27 -1.19 -7.23
N PRO E 287 17.97 -1.05 -6.11
CA PRO E 287 19.34 -0.49 -6.15
C PRO E 287 20.32 -1.28 -6.99
N THR E 288 20.55 -2.55 -6.65
CA THR E 288 21.67 -3.29 -7.21
C THR E 288 21.19 -4.59 -7.84
N SER E 289 21.37 -4.70 -9.15
CA SER E 289 21.40 -6.00 -9.82
C SER E 289 22.83 -6.52 -9.88
N LEU E 290 23.75 -5.69 -10.37
CA LEU E 290 25.17 -5.99 -10.33
C LEU E 290 25.95 -4.80 -9.79
N ASP E 291 25.39 -3.60 -9.95
CA ASP E 291 26.05 -2.37 -9.54
C ASP E 291 25.10 -1.49 -8.76
N VAL E 292 25.64 -0.79 -7.76
CA VAL E 292 24.86 0.08 -6.88
C VAL E 292 24.86 1.49 -7.47
N PRO E 293 23.77 2.26 -7.34
CA PRO E 293 23.78 3.63 -7.85
C PRO E 293 24.79 4.50 -7.10
N LEU E 294 24.97 5.72 -7.62
CA LEU E 294 25.94 6.65 -7.07
C LEU E 294 25.39 7.48 -5.91
N ILE E 295 24.14 7.28 -5.53
CA ILE E 295 23.58 7.94 -4.36
C ILE E 295 23.45 7.01 -3.16
N GLY E 296 23.25 5.71 -3.37
CA GLY E 296 23.20 4.79 -2.25
C GLY E 296 24.53 4.68 -1.53
N LYS E 297 25.63 4.66 -2.29
CA LYS E 297 26.95 4.64 -1.67
C LYS E 297 27.19 5.90 -0.86
N TYR E 298 26.77 7.06 -1.37
CA TYR E 298 26.90 8.30 -0.63
C TYR E 298 26.09 8.25 0.66
N LEU E 299 24.87 7.73 0.60
CA LEU E 299 24.04 7.65 1.81
C LEU E 299 24.64 6.70 2.83
N MET E 300 25.19 5.56 2.38
CA MET E 300 25.84 4.64 3.31
C MET E 300 27.05 5.28 3.96
N PHE E 301 27.86 5.99 3.17
CA PHE E 301 29.04 6.67 3.71
C PHE E 301 28.64 7.71 4.74
N THR E 302 27.58 8.47 4.46
CA THR E 302 27.10 9.46 5.41
C THR E 302 26.57 8.82 6.68
N MET E 303 25.88 7.67 6.55
CA MET E 303 25.39 6.98 7.74
C MET E 303 26.52 6.48 8.62
N VAL E 304 27.58 5.95 8.00
CA VAL E 304 28.76 5.53 8.78
C VAL E 304 29.36 6.72 9.51
N LEU E 305 29.48 7.86 8.81
CA LEU E 305 30.03 9.06 9.43
C LEU E 305 29.15 9.52 10.61
N VAL E 306 27.83 9.44 10.46
CA VAL E 306 26.93 9.86 11.53
C VAL E 306 27.05 8.94 12.74
N THR E 307 27.20 7.63 12.50
CA THR E 307 27.38 6.71 13.62
C THR E 307 28.68 7.00 14.37
N PHE E 308 29.77 7.28 13.63
CA PHE E 308 31.01 7.67 14.30
C PHE E 308 30.83 8.97 15.07
N SER E 309 30.05 9.91 14.53
CA SER E 309 29.77 11.15 15.24
C SER E 309 29.02 10.89 16.53
N ILE E 310 28.07 9.94 16.51
CA ILE E 310 27.34 9.60 17.73
C ILE E 310 28.29 9.04 18.78
N VAL E 311 29.18 8.14 18.37
CA VAL E 311 30.12 7.55 19.32
C VAL E 311 31.01 8.62 19.94
N THR E 312 31.56 9.51 19.10
CA THR E 312 32.43 10.57 19.62
C THR E 312 31.66 11.55 20.49
N SER E 313 30.39 11.81 20.17
CA SER E 313 29.59 12.68 21.02
C SER E 313 29.38 12.09 22.40
N VAL E 314 29.12 10.77 22.46
CA VAL E 314 28.99 10.12 23.75
C VAL E 314 30.29 10.20 24.54
N CYS E 315 31.42 9.99 23.86
CA CYS E 315 32.70 10.10 24.55
C CYS E 315 32.95 11.51 25.09
N VAL E 316 32.63 12.52 24.28
CA VAL E 316 32.82 13.91 24.72
C VAL E 316 31.92 14.23 25.90
N LEU E 317 30.66 13.78 25.85
CA LEU E 317 29.74 14.00 26.96
C LEU E 317 30.26 13.34 28.24
N ASN E 318 30.81 12.14 28.13
CA ASN E 318 31.39 11.49 29.30
C ASN E 318 32.58 12.26 29.84
N VAL E 319 33.42 12.78 28.95
CA VAL E 319 34.61 13.51 29.39
C VAL E 319 34.20 14.82 30.08
N HIS E 320 33.14 15.47 29.60
CA HIS E 320 32.77 16.78 30.14
C HIS E 320 32.38 16.69 31.61
N HIS E 321 31.61 15.67 31.99
CA HIS E 321 31.10 15.55 33.36
C HIS E 321 32.09 14.75 34.20
N ARG E 322 33.09 15.44 34.72
CA ARG E 322 34.08 14.85 35.60
C ARG E 322 34.47 15.86 36.67
N SER E 323 34.82 15.35 37.84
CA SER E 323 35.16 16.18 38.98
C SER E 323 36.31 15.51 39.74
N PRO E 324 37.10 16.29 40.50
CA PRO E 324 38.19 15.68 41.27
C PRO E 324 37.71 14.99 42.53
N SER E 325 36.62 14.23 42.40
CA SER E 325 36.14 13.34 43.44
C SER E 325 35.75 11.98 42.90
N THR E 326 35.60 11.82 41.59
CA THR E 326 35.32 10.55 40.95
C THR E 326 36.41 10.09 40.00
N HIS E 327 37.11 11.02 39.35
CA HIS E 327 38.18 10.69 38.42
C HIS E 327 39.40 11.55 38.70
N THR E 328 40.57 11.03 38.32
CA THR E 328 41.82 11.77 38.38
C THR E 328 42.27 12.15 36.98
N MET E 329 43.35 12.92 36.92
CA MET E 329 43.90 13.42 35.66
C MET E 329 45.36 13.03 35.57
N ALA E 330 45.69 12.15 34.64
CA ALA E 330 47.08 11.73 34.45
C ALA E 330 47.91 12.90 33.93
N PRO E 331 49.18 12.98 34.30
CA PRO E 331 50.03 14.08 33.81
C PRO E 331 50.15 14.12 32.29
N TRP E 332 50.10 12.96 31.63
CA TRP E 332 50.21 12.96 30.17
C TRP E 332 49.02 13.66 29.52
N VAL E 333 47.84 13.62 30.16
CA VAL E 333 46.68 14.34 29.62
C VAL E 333 46.94 15.83 29.64
N LYS E 334 47.46 16.35 30.76
CA LYS E 334 47.77 17.77 30.84
C LYS E 334 48.93 18.15 29.92
N ARG E 335 49.84 17.22 29.66
CA ARG E 335 50.93 17.48 28.71
C ARG E 335 50.41 17.58 27.29
N CYS E 336 49.55 16.64 26.89
CA CYS E 336 49.06 16.61 25.52
C CYS E 336 48.03 17.72 25.28
N PHE E 337 46.92 17.67 25.99
CA PHE E 337 45.91 18.71 25.84
C PHE E 337 46.28 19.92 26.69
N LEU E 338 45.64 21.04 26.38
CA LEU E 338 45.78 22.31 27.10
C LEU E 338 47.13 22.96 26.86
N HIS E 339 48.07 22.23 26.27
CA HIS E 339 49.42 22.75 26.01
C HIS E 339 49.78 22.72 24.53
N LYS E 340 49.67 21.57 23.87
CA LYS E 340 50.14 21.40 22.51
C LYS E 340 49.00 21.30 21.50
N LEU E 341 48.04 20.41 21.72
CA LEU E 341 46.93 20.27 20.79
C LEU E 341 46.12 21.55 20.60
N PRO E 342 45.78 22.32 21.64
CA PRO E 342 45.01 23.56 21.39
C PRO E 342 45.72 24.55 20.48
N THR E 343 47.05 24.62 20.53
CA THR E 343 47.77 25.58 19.70
C THR E 343 47.61 25.27 18.22
N PHE E 344 47.71 23.98 17.84
CA PHE E 344 47.56 23.61 16.45
C PHE E 344 46.13 23.71 15.95
N LEU E 345 45.16 23.81 16.85
CA LEU E 345 43.76 24.01 16.49
C LEU E 345 43.36 25.48 16.52
N PHE E 346 44.31 26.38 16.79
CA PHE E 346 44.05 27.82 16.88
C PHE E 346 43.03 28.13 17.96
N MET E 347 43.41 27.81 19.20
CA MET E 347 42.62 28.10 20.39
C MET E 347 43.45 28.93 21.36
N LYS E 348 42.77 29.74 22.16
CA LYS E 348 43.45 30.73 23.00
C LYS E 348 43.50 30.32 24.48
N ARG E 349 42.33 30.05 25.08
CA ARG E 349 42.25 29.67 26.50
C ARG E 349 42.86 30.73 27.41
N PRO E 350 42.20 31.87 27.61
CA PRO E 350 42.78 32.96 28.41
C PRO E 350 42.87 32.61 29.88
N PRO E 519 42.62 34.00 76.04
CA PRO E 519 41.21 34.41 76.00
C PRO E 519 40.48 33.85 74.79
N ASP E 520 39.28 34.37 74.51
CA ASP E 520 38.52 33.94 73.35
C ASP E 520 38.96 34.63 72.07
N LEU E 521 39.85 35.61 72.15
CA LEU E 521 40.38 36.24 70.95
C LEU E 521 41.15 35.23 70.10
N ALA E 522 41.72 34.20 70.72
CA ALA E 522 42.33 33.12 69.97
C ALA E 522 41.27 32.16 69.41
N GLU E 523 40.15 32.00 70.12
CA GLU E 523 39.11 31.09 69.67
C GLU E 523 38.39 31.63 68.43
N ILE E 524 38.11 32.94 68.41
CA ILE E 524 37.46 33.53 67.24
C ILE E 524 38.37 33.45 66.03
N LEU E 525 39.69 33.58 66.23
CA LEU E 525 40.63 33.41 65.12
C LEU E 525 40.56 32.00 64.55
N GLU E 526 40.37 31.00 65.40
CA GLU E 526 40.29 29.62 64.92
C GLU E 526 39.10 29.42 64.00
N GLU E 527 37.94 29.98 64.36
CA GLU E 527 36.74 29.77 63.54
C GLU E 527 36.81 30.55 62.24
N VAL E 528 37.38 31.77 62.28
CA VAL E 528 37.54 32.54 61.06
C VAL E 528 38.53 31.87 60.12
N SER E 529 39.62 31.33 60.67
CA SER E 529 40.62 30.68 59.84
C SER E 529 40.06 29.44 59.16
N TYR E 530 39.17 28.72 59.84
CA TYR E 530 38.55 27.55 59.23
C TYR E 530 37.71 27.93 58.02
N ILE E 531 36.97 29.03 58.11
CA ILE E 531 36.12 29.45 57.00
C ILE E 531 36.98 29.80 55.78
N ALA E 532 38.05 30.57 55.99
CA ALA E 532 38.91 30.97 54.89
C ALA E 532 39.62 29.77 54.26
N ASN E 533 40.08 28.83 55.08
CA ASN E 533 40.78 27.66 54.55
C ASN E 533 39.84 26.77 53.75
N ARG E 534 38.57 26.67 54.16
CA ARG E 534 37.60 25.89 53.41
C ARG E 534 37.36 26.50 52.03
N PHE E 535 37.30 27.83 51.95
CA PHE E 535 37.09 28.49 50.67
C PHE E 535 38.27 28.30 49.73
N ARG E 536 39.49 28.27 50.28
CA ARG E 536 40.67 28.04 49.46
C ARG E 536 40.63 26.67 48.81
N ASN E 537 40.22 25.65 49.57
CA ASN E 537 40.12 24.30 49.01
C ASN E 537 39.05 24.22 47.93
N GLN E 538 37.93 24.94 48.11
CA GLN E 538 36.87 24.92 47.11
C GLN E 538 37.35 25.52 45.78
N ASP E 539 38.17 26.57 45.85
CA ASP E 539 38.65 27.20 44.63
C ASP E 539 39.57 26.28 43.84
N GLU E 540 40.32 25.41 44.52
CA GLU E 540 41.19 24.48 43.82
C GLU E 540 40.43 23.32 43.19
N ASP E 541 39.31 22.91 43.80
CA ASP E 541 38.49 21.85 43.23
C ASP E 541 37.65 22.32 42.06
N GLN E 542 37.50 23.63 41.88
CA GLN E 542 36.78 24.17 40.72
C GLN E 542 37.69 24.33 39.52
N SER E 543 38.95 24.70 39.74
CA SER E 543 39.88 24.85 38.62
C SER E 543 40.11 23.52 37.92
N VAL E 544 40.18 22.43 38.68
CA VAL E 544 40.31 21.11 38.08
C VAL E 544 39.09 20.77 37.24
N VAL E 545 37.90 21.13 37.73
CA VAL E 545 36.68 20.92 36.96
C VAL E 545 36.74 21.71 35.66
N GLU E 546 37.17 22.96 35.72
CA GLU E 546 37.30 23.77 34.51
C GLU E 546 38.39 23.24 33.58
N ASP E 547 39.32 22.44 34.10
CA ASP E 547 40.27 21.76 33.22
C ASP E 547 39.61 20.62 32.47
N TRP E 548 38.69 19.91 33.12
CA TRP E 548 37.95 18.85 32.45
C TRP E 548 37.00 19.43 31.40
N LYS E 549 36.40 20.58 31.69
CA LYS E 549 35.48 21.19 30.74
C LYS E 549 36.20 21.66 29.48
N TYR E 550 37.43 22.16 29.62
CA TYR E 550 38.18 22.63 28.48
C TYR E 550 38.76 21.49 27.65
N VAL E 551 39.09 20.37 28.29
CA VAL E 551 39.59 19.22 27.54
C VAL E 551 38.53 18.70 26.57
N ALA E 552 37.29 18.60 27.04
CA ALA E 552 36.20 18.19 26.16
C ALA E 552 35.94 19.19 25.04
N MET E 553 36.40 20.43 25.19
CA MET E 553 36.29 21.41 24.11
C MET E 553 37.31 21.15 23.02
N VAL E 554 38.52 20.73 23.39
CA VAL E 554 39.56 20.44 22.42
C VAL E 554 39.22 19.18 21.63
N VAL E 555 38.77 18.13 22.33
CA VAL E 555 38.43 16.88 21.65
C VAL E 555 37.28 17.09 20.69
N ASP E 556 36.25 17.85 21.10
CA ASP E 556 35.12 18.13 20.23
C ASP E 556 35.54 18.89 18.99
N ARG E 557 36.44 19.87 19.15
CA ARG E 557 36.89 20.66 18.01
C ARG E 557 37.77 19.84 17.08
N LEU E 558 38.59 18.94 17.65
CA LEU E 558 39.50 18.14 16.82
C LEU E 558 38.74 17.24 15.87
N PHE E 559 37.65 16.61 16.34
CA PHE E 559 36.87 15.74 15.49
C PHE E 559 36.06 16.51 14.45
N LEU E 560 35.79 17.80 14.69
CA LEU E 560 35.16 18.62 13.67
C LEU E 560 36.07 18.77 12.46
N TRP E 561 37.37 18.94 12.69
CA TRP E 561 38.32 19.06 11.59
C TRP E 561 38.40 17.76 10.79
N VAL E 562 38.45 16.62 11.48
CA VAL E 562 38.52 15.33 10.78
C VAL E 562 37.25 15.08 9.99
N PHE E 563 36.08 15.35 10.60
CA PHE E 563 34.82 15.14 9.91
C PHE E 563 34.69 16.04 8.69
N MET E 564 35.12 17.30 8.81
CA MET E 564 35.00 18.25 7.71
C MET E 564 35.96 17.94 6.57
N PHE E 565 36.99 17.12 6.81
CA PHE E 565 37.96 16.77 5.79
C PHE E 565 37.68 15.42 5.15
N VAL E 566 37.36 14.40 5.94
CA VAL E 566 37.06 13.08 5.40
C VAL E 566 35.81 13.14 4.52
N CYS E 567 34.81 13.91 4.94
CA CYS E 567 33.58 14.04 4.17
C CYS E 567 33.82 14.69 2.81
N VAL E 568 34.95 15.36 2.63
CA VAL E 568 35.28 16.01 1.36
C VAL E 568 36.25 15.18 0.53
N LEU E 569 37.27 14.59 1.18
CA LEU E 569 38.21 13.74 0.46
C LEU E 569 37.69 12.33 0.23
N GLY E 570 36.52 12.00 0.77
CA GLY E 570 35.93 10.70 0.53
C GLY E 570 34.77 10.75 -0.45
N THR E 571 34.33 11.96 -0.79
CA THR E 571 33.25 12.14 -1.74
C THR E 571 33.75 12.27 -3.18
N VAL E 572 35.06 12.40 -3.38
CA VAL E 572 35.58 12.49 -4.74
C VAL E 572 35.51 11.13 -5.44
N GLY E 573 35.76 10.05 -4.70
CA GLY E 573 35.79 8.73 -5.32
C GLY E 573 34.44 8.29 -5.85
N LEU E 574 33.39 8.49 -5.07
CA LEU E 574 32.06 8.00 -5.43
C LEU E 574 31.20 9.04 -6.13
N PHE E 575 31.76 10.19 -6.47
CA PHE E 575 31.03 11.19 -7.23
C PHE E 575 31.86 11.84 -8.34
N LEU E 576 33.01 11.25 -8.70
CA LEU E 576 33.88 11.83 -9.71
C LEU E 576 34.82 10.77 -10.28
#